data_5GUB
#
_entry.id   5GUB
#
_cell.length_a   79.914
_cell.length_b   112.213
_cell.length_c   166.276
_cell.angle_alpha   90.00
_cell.angle_beta   90.00
_cell.angle_gamma   90.00
#
_symmetry.space_group_name_H-M   'P 21 21 21'
#
loop_
_entity.id
_entity.type
_entity.pdbx_description
1 polymer 'Extracellular solute-binding protein family 1'
2 branched '4-deoxy-alpha-L-threo-hex-4-enopyranuronic acid-(1-3)-2-acetamido-2-deoxy-beta-D-galactopyranose'
3 non-polymer 'CALCIUM ION'
4 non-polymer '2-(N-MORPHOLINO)-ETHANESULFONIC ACID'
5 non-polymer 1,2-ETHANEDIOL
6 water water
#
_entity_poly.entity_id   1
_entity_poly.type   'polypeptide(L)'
_entity_poly.pdbx_seq_one_letter_code
;MKKEETTTGPKETTIFAMHLGKALDPNLPVFVKAEKDTNIKLVNVASQNQTDQIQAYNLMLTEGKLPDIVSYELSADLEN
LGIEGGLIPLEDLINQHAPNLKKFFEENPRYKKDAVAVDGHIYMIPNYYDYFNIKVSQGYFIRQDWLEKLGLKEPRTVDE
LYTTLKAFREKDPNGNGKKDEVPFFVRANNVRKVLTSLVDLFKASPIWYEENGMVKYGPAQKEFKHAIKELSKWYKEGLI
DEEIFTRGLESRDYLLSNNLGGATDDWIASTSSYNRNLADKIPGFNLKLVLPYELNGNAKTRHARTTYLGGWGISKDAKD
PVSLIKYFDYWYSVEGRRLWNFGIEGSEYTLVDGKPVFTDKVLKNPDGKTPLAVLREVGAQYRLGAFQDAQYELGWASES
AKAGYKYYMDNDVVLDELPILKYTKEKSKEFVSIDTAMRAVVEEKAQQWILGSGDIDKEWDAYIKRLENLGLSKAEQIQN
EAF
;
_entity_poly.pdbx_strand_id   A,B,C
#
loop_
_chem_comp.id
_chem_comp.type
_chem_comp.name
_chem_comp.formula
CA non-polymer 'CALCIUM ION' 'Ca 2'
EDO non-polymer 1,2-ETHANEDIOL 'C2 H6 O2'
GCD L-saccharide, alpha linking '4-deoxy-alpha-L-threo-hex-4-enopyranuronic acid' 'C6 H8 O6'
MES non-polymer '2-(N-MORPHOLINO)-ETHANESULFONIC ACID' 'C6 H13 N O4 S'
NGA D-saccharide, beta linking 2-acetamido-2-deoxy-beta-D-galactopyranose 'C8 H15 N O6'
#
# COMPACT_ATOMS: atom_id res chain seq x y z
N PRO A 10 -55.68 -34.83 44.29
CA PRO A 10 -54.62 -33.82 44.30
C PRO A 10 -53.28 -34.33 44.83
N LYS A 11 -52.33 -34.54 43.93
CA LYS A 11 -51.01 -35.03 44.30
C LYS A 11 -49.91 -33.97 44.44
N GLU A 12 -49.63 -33.59 45.69
CA GLU A 12 -48.58 -32.61 45.99
C GLU A 12 -47.18 -33.10 45.59
N THR A 13 -46.52 -32.32 44.75
CA THR A 13 -45.28 -32.71 44.12
C THR A 13 -44.25 -31.59 44.24
N THR A 14 -43.11 -31.86 44.87
CA THR A 14 -42.10 -30.81 45.03
C THR A 14 -41.29 -30.66 43.75
N ILE A 15 -40.86 -29.45 43.45
CA ILE A 15 -40.06 -29.23 42.26
C ILE A 15 -39.06 -28.12 42.56
N PHE A 16 -37.87 -28.22 41.97
CA PHE A 16 -36.99 -27.06 41.87
C PHE A 16 -37.10 -26.55 40.43
N ALA A 17 -37.61 -25.34 40.25
CA ALA A 17 -37.76 -24.79 38.91
C ALA A 17 -37.62 -23.28 38.92
N MET A 18 -36.67 -22.79 38.13
CA MET A 18 -36.51 -21.36 37.90
C MET A 18 -36.29 -21.13 36.41
N HIS A 19 -36.67 -19.94 35.94
CA HIS A 19 -36.42 -19.57 34.56
C HIS A 19 -36.44 -18.06 34.43
N LEU A 20 -35.44 -17.52 33.75
CA LEU A 20 -35.32 -16.08 33.54
C LEU A 20 -35.48 -15.32 34.86
N GLY A 21 -34.83 -15.86 35.90
CA GLY A 21 -34.77 -15.23 37.21
C GLY A 21 -36.02 -15.33 38.04
N LYS A 22 -36.98 -16.14 37.61
CA LYS A 22 -38.24 -16.28 38.35
C LYS A 22 -38.53 -17.73 38.73
N ALA A 23 -38.74 -17.96 40.02
CA ALA A 23 -39.18 -19.27 40.49
C ALA A 23 -40.56 -19.58 39.94
N LEU A 24 -40.76 -20.81 39.46
CA LEU A 24 -42.04 -21.21 38.89
C LEU A 24 -43.15 -20.96 39.90
N ASP A 25 -44.19 -20.25 39.48
CA ASP A 25 -45.40 -20.08 40.29
C ASP A 25 -46.51 -21.00 39.80
N PRO A 26 -46.84 -22.04 40.57
CA PRO A 26 -47.84 -23.03 40.12
C PRO A 26 -49.25 -22.46 40.00
N ASN A 27 -49.47 -21.25 40.50
CA ASN A 27 -50.76 -20.60 40.40
C ASN A 27 -50.97 -19.86 39.08
N LEU A 28 -49.94 -19.82 38.23
CA LEU A 28 -50.09 -19.26 36.89
C LEU A 28 -51.07 -20.11 36.09
N PRO A 29 -51.85 -19.46 35.19
CA PRO A 29 -52.90 -20.13 34.42
C PRO A 29 -52.48 -21.43 33.73
N VAL A 30 -51.31 -21.43 33.09
CA VAL A 30 -50.83 -22.63 32.40
C VAL A 30 -50.69 -23.80 33.37
N PHE A 31 -50.20 -23.54 34.58
CA PHE A 31 -49.93 -24.65 35.48
C PHE A 31 -51.15 -25.05 36.29
N VAL A 32 -52.09 -24.12 36.45
CA VAL A 32 -53.39 -24.45 37.00
C VAL A 32 -54.13 -25.40 36.04
N LYS A 33 -54.11 -25.10 34.74
CA LYS A 33 -54.76 -26.01 33.79
C LYS A 33 -54.06 -27.37 33.79
N ALA A 34 -52.73 -27.37 33.81
CA ALA A 34 -52.00 -28.63 33.85
C ALA A 34 -52.35 -29.41 35.11
N GLU A 35 -52.52 -28.70 36.22
CA GLU A 35 -52.93 -29.33 37.48
C GLU A 35 -54.29 -30.00 37.33
N LYS A 36 -55.24 -29.29 36.71
CA LYS A 36 -56.57 -29.88 36.51
C LYS A 36 -56.49 -31.14 35.66
N ASP A 37 -55.68 -31.08 34.60
CA ASP A 37 -55.58 -32.18 33.65
C ASP A 37 -54.79 -33.38 34.15
N THR A 38 -53.85 -33.15 35.07
CA THR A 38 -52.94 -34.22 35.48
C THR A 38 -53.07 -34.59 36.94
N ASN A 39 -53.74 -33.73 37.71
CA ASN A 39 -53.82 -33.84 39.17
C ASN A 39 -52.46 -33.74 39.85
N ILE A 40 -51.50 -33.12 39.19
CA ILE A 40 -50.21 -32.86 39.82
C ILE A 40 -50.21 -31.44 40.36
N LYS A 41 -50.00 -31.32 41.67
CA LYS A 41 -49.92 -30.01 42.29
C LYS A 41 -48.48 -29.72 42.68
N LEU A 42 -47.84 -28.84 41.92
CA LEU A 42 -46.45 -28.49 42.13
C LEU A 42 -46.30 -27.57 43.31
N VAL A 43 -45.25 -27.82 44.09
CA VAL A 43 -44.83 -26.92 45.15
C VAL A 43 -43.35 -26.66 44.94
N ASN A 44 -42.99 -25.41 44.68
CA ASN A 44 -41.60 -25.08 44.38
C ASN A 44 -40.77 -25.02 45.65
N VAL A 45 -39.56 -25.59 45.60
CA VAL A 45 -38.62 -25.48 46.74
C VAL A 45 -37.73 -24.26 46.56
N ALA A 46 -37.78 -23.65 45.38
CA ALA A 46 -37.17 -22.33 45.20
C ALA A 46 -38.19 -21.28 45.63
N SER A 47 -37.80 -20.33 46.48
CA SER A 47 -38.76 -19.32 46.93
C SER A 47 -38.83 -18.13 46.00
N GLN A 48 -39.86 -17.33 46.16
CA GLN A 48 -40.13 -16.26 45.19
C GLN A 48 -39.10 -15.14 45.21
N ASN A 49 -38.26 -15.09 46.24
CA ASN A 49 -37.24 -14.04 46.29
C ASN A 49 -35.91 -14.50 45.71
N GLN A 50 -35.85 -15.74 45.24
CA GLN A 50 -34.63 -16.24 44.61
C GLN A 50 -34.64 -15.92 43.12
N THR A 51 -33.51 -15.43 42.61
CA THR A 51 -33.44 -15.04 41.21
C THR A 51 -32.19 -15.56 40.53
N ASP A 52 -31.21 -16.02 41.33
CA ASP A 52 -30.00 -16.61 40.76
C ASP A 52 -30.19 -18.14 40.66
N GLN A 53 -30.49 -18.64 39.46
CA GLN A 53 -30.81 -20.06 39.30
C GLN A 53 -29.63 -20.97 39.63
N ILE A 54 -28.41 -20.54 39.31
CA ILE A 54 -27.25 -21.39 39.58
C ILE A 54 -26.97 -21.53 41.08
N GLN A 55 -26.95 -20.41 41.81
CA GLN A 55 -26.73 -20.48 43.25
C GLN A 55 -27.85 -21.24 43.95
N ALA A 56 -29.08 -21.04 43.50
CA ALA A 56 -30.25 -21.73 44.07
C ALA A 56 -30.16 -23.24 43.86
N TYR A 57 -29.76 -23.65 42.66
CA TYR A 57 -29.59 -25.07 42.37
C TYR A 57 -28.50 -25.66 43.26
N ASN A 58 -27.34 -25.00 43.31
CA ASN A 58 -26.25 -25.50 44.16
C ASN A 58 -26.68 -25.63 45.62
N LEU A 59 -27.42 -24.63 46.11
CA LEU A 59 -27.92 -24.67 47.48
C LEU A 59 -28.89 -25.83 47.66
N MET A 60 -29.79 -25.99 46.70
CA MET A 60 -30.77 -27.06 46.71
C MET A 60 -30.10 -28.42 46.89
N LEU A 61 -28.94 -28.61 46.28
CA LEU A 61 -28.23 -29.89 46.38
C LEU A 61 -27.77 -30.20 47.81
N THR A 62 -27.55 -29.16 48.61
CA THR A 62 -27.10 -29.37 49.99
C THR A 62 -28.24 -29.53 51.00
N GLU A 63 -29.48 -29.35 50.55
CA GLU A 63 -30.64 -29.25 51.45
C GLU A 63 -31.16 -30.59 51.94
N GLY A 64 -30.53 -31.68 51.48
CA GLY A 64 -30.91 -33.00 51.94
C GLY A 64 -31.68 -33.78 50.91
N LYS A 65 -32.97 -33.95 51.17
CA LYS A 65 -33.83 -34.63 50.23
C LYS A 65 -34.00 -33.78 48.96
N LEU A 66 -33.92 -34.41 47.80
CA LEU A 66 -34.12 -33.70 46.54
C LEU A 66 -35.60 -33.54 46.31
N PRO A 67 -36.01 -32.47 45.62
CA PRO A 67 -37.43 -32.33 45.27
C PRO A 67 -37.82 -33.45 44.30
N ASP A 68 -39.11 -33.72 44.17
CA ASP A 68 -39.57 -34.77 43.28
C ASP A 68 -39.07 -34.58 41.84
N ILE A 69 -39.19 -33.36 41.34
CA ILE A 69 -38.75 -32.99 40.01
C ILE A 69 -37.65 -31.95 40.14
N VAL A 70 -36.54 -32.16 39.41
CA VAL A 70 -35.44 -31.20 39.38
C VAL A 70 -35.32 -30.65 37.96
N SER A 71 -35.57 -29.36 37.80
CA SER A 71 -35.41 -28.67 36.52
C SER A 71 -34.17 -27.78 36.60
N TYR A 72 -33.37 -27.71 35.53
CA TYR A 72 -32.16 -26.88 35.57
C TYR A 72 -31.75 -26.47 34.16
N GLU A 73 -31.18 -25.27 34.03
CA GLU A 73 -30.80 -24.79 32.71
C GLU A 73 -29.47 -25.40 32.24
N LEU A 74 -28.64 -25.86 33.17
CA LEU A 74 -27.33 -26.40 32.80
C LEU A 74 -27.43 -27.91 32.67
N SER A 75 -27.60 -28.38 31.45
CA SER A 75 -27.91 -29.79 31.23
C SER A 75 -26.75 -30.71 31.59
N ALA A 76 -25.51 -30.25 31.47
CA ALA A 76 -24.38 -31.09 31.83
C ALA A 76 -24.39 -31.40 33.33
N ASP A 77 -24.73 -30.39 34.12
CA ASP A 77 -24.84 -30.55 35.57
C ASP A 77 -25.99 -31.48 35.92
N LEU A 78 -27.10 -31.30 35.23
CA LEU A 78 -28.27 -32.14 35.44
C LEU A 78 -27.96 -33.60 35.13
N GLU A 79 -27.30 -33.83 34.00
CA GLU A 79 -26.95 -35.20 33.65
C GLU A 79 -25.96 -35.79 34.65
N ASN A 80 -25.01 -34.99 35.15
CA ASN A 80 -24.10 -35.50 36.17
C ASN A 80 -24.85 -35.94 37.41
N LEU A 81 -25.88 -35.19 37.78
CA LEU A 81 -26.72 -35.56 38.92
C LEU A 81 -27.36 -36.92 38.68
N GLY A 82 -27.76 -37.17 37.45
CA GLY A 82 -28.31 -38.47 37.08
C GLY A 82 -27.26 -39.56 37.20
N ILE A 83 -26.10 -39.32 36.62
CA ILE A 83 -25.02 -40.31 36.67
C ILE A 83 -24.65 -40.65 38.11
N GLU A 84 -24.68 -39.66 39.00
CA GLU A 84 -24.37 -39.89 40.42
C GLU A 84 -25.50 -40.56 41.20
N GLY A 85 -26.67 -40.69 40.58
CA GLY A 85 -27.80 -41.37 41.20
C GLY A 85 -28.85 -40.46 41.81
N GLY A 86 -28.63 -39.15 41.69
CA GLY A 86 -29.57 -38.16 42.20
C GLY A 86 -30.85 -38.14 41.37
N LEU A 87 -30.71 -38.34 40.07
CA LEU A 87 -31.85 -38.50 39.17
C LEU A 87 -31.93 -39.95 38.72
N ILE A 88 -33.14 -40.45 38.49
CA ILE A 88 -33.33 -41.82 38.09
C ILE A 88 -33.40 -41.95 36.58
N PRO A 89 -33.00 -43.12 36.04
CA PRO A 89 -33.19 -43.34 34.59
C PRO A 89 -34.67 -43.30 34.22
N LEU A 90 -34.99 -42.73 33.05
CA LEU A 90 -36.39 -42.53 32.67
C LEU A 90 -36.86 -43.44 31.53
N GLU A 91 -35.93 -44.16 30.91
CA GLU A 91 -36.26 -44.80 29.63
C GLU A 91 -37.32 -45.91 29.80
N ASP A 92 -37.25 -46.66 30.89
CA ASP A 92 -38.25 -47.70 31.12
C ASP A 92 -39.59 -47.07 31.48
N LEU A 93 -39.55 -46.05 32.32
CA LEU A 93 -40.75 -45.30 32.67
C LEU A 93 -41.44 -44.74 31.41
N ILE A 94 -40.65 -44.24 30.46
CA ILE A 94 -41.21 -43.71 29.23
C ILE A 94 -41.85 -44.80 28.38
N ASN A 95 -41.11 -45.90 28.18
CA ASN A 95 -41.60 -47.00 27.36
C ASN A 95 -42.91 -47.60 27.89
N GLN A 96 -43.06 -47.62 29.21
CA GLN A 96 -44.25 -48.19 29.82
C GLN A 96 -45.36 -47.18 30.07
N HIS A 97 -45.02 -45.91 30.33
CA HIS A 97 -46.03 -44.99 30.82
C HIS A 97 -46.10 -43.62 30.12
N ALA A 98 -45.25 -43.41 29.11
CA ALA A 98 -45.23 -42.12 28.43
C ALA A 98 -45.31 -42.26 26.92
N PRO A 99 -46.52 -42.56 26.40
CA PRO A 99 -46.68 -42.82 24.96
C PRO A 99 -46.34 -41.60 24.09
N ASN A 100 -46.61 -40.40 24.57
CA ASN A 100 -46.31 -39.21 23.76
C ASN A 100 -44.80 -39.02 23.63
N LEU A 101 -44.09 -39.14 24.75
CA LEU A 101 -42.62 -39.05 24.72
C LEU A 101 -41.99 -40.19 23.93
N LYS A 102 -42.52 -41.40 24.11
CA LYS A 102 -42.02 -42.56 23.36
C LYS A 102 -42.10 -42.30 21.86
N LYS A 103 -43.23 -41.76 21.43
CA LYS A 103 -43.47 -41.44 20.04
C LYS A 103 -42.55 -40.31 19.56
N PHE A 104 -42.40 -39.28 20.40
CA PHE A 104 -41.56 -38.14 20.08
C PHE A 104 -40.10 -38.59 19.83
N PHE A 105 -39.58 -39.44 20.71
CA PHE A 105 -38.21 -39.93 20.55
C PHE A 105 -38.05 -40.81 19.31
N GLU A 106 -39.10 -41.58 19.00
CA GLU A 106 -39.10 -42.44 17.82
C GLU A 106 -39.09 -41.61 16.53
N GLU A 107 -39.89 -40.55 16.52
CA GLU A 107 -39.98 -39.69 15.35
C GLU A 107 -38.82 -38.72 15.22
N ASN A 108 -38.05 -38.51 16.30
CA ASN A 108 -36.99 -37.50 16.28
C ASN A 108 -35.64 -37.94 16.85
N PRO A 109 -34.90 -38.79 16.10
CA PRO A 109 -33.60 -39.29 16.57
C PRO A 109 -32.60 -38.20 16.96
N ARG A 110 -32.57 -37.06 16.28
CA ARG A 110 -31.62 -36.01 16.67
C ARG A 110 -31.94 -35.50 18.06
N TYR A 111 -33.23 -35.32 18.34
CA TYR A 111 -33.66 -34.89 19.65
C TYR A 111 -33.44 -35.98 20.67
N LYS A 112 -33.66 -37.23 20.29
CA LYS A 112 -33.43 -38.32 21.23
C LYS A 112 -31.98 -38.36 21.71
N LYS A 113 -31.05 -38.06 20.80
CA LYS A 113 -29.64 -38.03 21.12
C LYS A 113 -29.33 -37.02 22.24
N ASP A 114 -30.05 -35.90 22.27
CA ASP A 114 -29.87 -34.89 23.31
C ASP A 114 -30.24 -35.41 24.70
N ALA A 115 -31.15 -36.39 24.74
CA ALA A 115 -31.67 -36.86 26.03
C ALA A 115 -30.93 -38.08 26.60
N VAL A 116 -30.14 -38.75 25.77
CA VAL A 116 -29.48 -40.00 26.19
C VAL A 116 -28.04 -39.80 26.64
N ALA A 117 -27.74 -40.23 27.86
CA ALA A 117 -26.39 -40.12 28.39
C ALA A 117 -25.46 -41.16 27.74
N VAL A 118 -24.16 -41.00 27.93
CA VAL A 118 -23.19 -41.94 27.38
C VAL A 118 -23.42 -43.37 27.88
N ASP A 119 -23.92 -43.51 29.11
CA ASP A 119 -24.13 -44.83 29.66
C ASP A 119 -25.45 -45.43 29.17
N GLY A 120 -26.12 -44.73 28.26
CA GLY A 120 -27.35 -45.25 27.67
C GLY A 120 -28.65 -44.94 28.39
N HIS A 121 -28.56 -44.36 29.60
CA HIS A 121 -29.77 -43.99 30.33
C HIS A 121 -30.25 -42.60 29.93
N ILE A 122 -31.55 -42.36 30.07
CA ILE A 122 -32.11 -41.02 29.96
C ILE A 122 -32.32 -40.49 31.35
N TYR A 123 -31.62 -39.41 31.70
CA TYR A 123 -31.73 -38.85 33.04
C TYR A 123 -32.60 -37.61 33.07
N MET A 124 -32.91 -37.09 31.89
CA MET A 124 -33.65 -35.85 31.80
C MET A 124 -34.41 -35.72 30.49
N ILE A 125 -35.51 -34.99 30.51
CA ILE A 125 -36.15 -34.58 29.27
C ILE A 125 -35.73 -33.15 28.98
N PRO A 126 -35.03 -32.91 27.87
CA PRO A 126 -34.64 -31.53 27.56
C PRO A 126 -35.83 -30.64 27.23
N ASN A 127 -35.64 -29.32 27.36
CA ASN A 127 -36.61 -28.39 26.81
C ASN A 127 -36.20 -28.08 25.37
N TYR A 128 -36.90 -28.67 24.41
CA TYR A 128 -36.49 -28.53 23.02
C TYR A 128 -37.02 -27.28 22.35
N TYR A 129 -36.14 -26.59 21.63
CA TYR A 129 -36.59 -25.60 20.68
C TYR A 129 -37.20 -26.32 19.48
N ASP A 130 -37.91 -25.61 18.62
CA ASP A 130 -38.43 -26.21 17.39
C ASP A 130 -37.38 -25.96 16.30
N TYR A 131 -36.21 -26.55 16.53
CA TYR A 131 -34.99 -26.21 15.80
C TYR A 131 -35.09 -26.40 14.29
N PHE A 132 -35.78 -27.45 13.89
CA PHE A 132 -35.80 -27.75 12.45
C PHE A 132 -36.85 -26.92 11.71
N ASN A 133 -37.54 -26.04 12.44
CA ASN A 133 -38.38 -25.04 11.80
C ASN A 133 -37.83 -23.62 11.93
N ILE A 134 -37.26 -23.30 13.08
CA ILE A 134 -36.57 -22.01 13.26
C ILE A 134 -35.26 -22.26 13.99
N LYS A 135 -34.14 -21.95 13.35
CA LYS A 135 -32.84 -22.25 13.95
C LYS A 135 -31.98 -21.02 14.20
N VAL A 136 -32.44 -19.85 13.79
CA VAL A 136 -31.69 -18.63 14.13
C VAL A 136 -32.13 -18.16 15.52
N SER A 137 -31.34 -17.27 16.12
CA SER A 137 -31.68 -16.77 17.46
C SER A 137 -31.53 -15.26 17.49
N GLN A 138 -30.34 -14.79 17.86
CA GLN A 138 -30.11 -13.34 17.95
C GLN A 138 -29.63 -12.72 16.64
N GLY A 139 -29.94 -11.44 16.49
CA GLY A 139 -29.44 -10.68 15.37
C GLY A 139 -29.11 -9.28 15.82
N TYR A 140 -28.45 -8.53 14.93
CA TYR A 140 -28.06 -7.16 15.23
C TYR A 140 -29.10 -6.18 14.75
N PHE A 141 -29.47 -5.23 15.63
CA PHE A 141 -30.49 -4.21 15.31
C PHE A 141 -29.91 -2.80 15.50
N ILE A 142 -30.36 -1.84 14.68
CA ILE A 142 -29.93 -0.47 14.83
C ILE A 142 -31.09 0.46 14.55
N ARG A 143 -31.06 1.63 15.19
CA ARG A 143 -32.11 2.63 15.01
C ARG A 143 -31.95 3.33 13.65
N GLN A 144 -32.65 2.79 12.65
CA GLN A 144 -32.64 3.35 11.30
C GLN A 144 -33.12 4.80 11.30
N ASP A 145 -34.07 5.13 12.18
CA ASP A 145 -34.57 6.51 12.21
C ASP A 145 -33.51 7.47 12.75
N TRP A 146 -32.63 6.98 13.63
CA TRP A 146 -31.53 7.80 14.13
C TRP A 146 -30.46 7.97 13.06
N LEU A 147 -30.22 6.91 12.28
CA LEU A 147 -29.29 7.01 11.14
C LEU A 147 -29.76 8.11 10.18
N GLU A 148 -31.03 8.06 9.83
CA GLU A 148 -31.60 9.02 8.88
C GLU A 148 -31.54 10.43 9.43
N LYS A 149 -31.88 10.58 10.70
CA LYS A 149 -31.85 11.88 11.33
C LYS A 149 -30.45 12.50 11.32
N LEU A 150 -29.42 11.67 11.47
CA LEU A 150 -28.05 12.16 11.55
C LEU A 150 -27.34 12.15 10.20
N GLY A 151 -28.04 11.74 9.15
CA GLY A 151 -27.47 11.69 7.82
C GLY A 151 -26.36 10.67 7.67
N LEU A 152 -26.52 9.54 8.37
CA LEU A 152 -25.51 8.48 8.36
C LEU A 152 -25.97 7.26 7.58
N LYS A 153 -25.03 6.53 7.01
CA LYS A 153 -25.38 5.31 6.34
C LYS A 153 -25.36 4.17 7.35
N GLU A 154 -26.00 3.05 6.98
CA GLU A 154 -25.95 1.88 7.84
C GLU A 154 -24.51 1.42 7.93
N PRO A 155 -23.96 1.32 9.15
CA PRO A 155 -22.58 0.83 9.27
C PRO A 155 -22.51 -0.64 8.89
N ARG A 156 -21.44 -1.06 8.20
CA ARG A 156 -21.34 -2.45 7.77
C ARG A 156 -20.13 -3.18 8.37
N THR A 157 -19.22 -2.43 8.97
CA THR A 157 -18.05 -3.00 9.64
C THR A 157 -18.03 -2.58 11.11
N VAL A 158 -17.21 -3.25 11.91
CA VAL A 158 -17.11 -2.92 13.33
C VAL A 158 -16.57 -1.49 13.54
N ASP A 159 -15.60 -1.07 12.72
CA ASP A 159 -15.12 0.32 12.80
C ASP A 159 -16.24 1.31 12.50
N GLU A 160 -17.06 1.00 11.50
CA GLU A 160 -18.15 1.90 11.15
C GLU A 160 -19.20 1.90 12.23
N LEU A 161 -19.40 0.75 12.87
CA LEU A 161 -20.32 0.71 14.01
C LEU A 161 -19.79 1.63 15.12
N TYR A 162 -18.49 1.52 15.41
CA TYR A 162 -17.90 2.38 16.43
C TYR A 162 -18.16 3.85 16.14
N THR A 163 -17.87 4.27 14.93
CA THR A 163 -18.07 5.66 14.55
C THR A 163 -19.56 6.06 14.67
N THR A 164 -20.43 5.13 14.31
CA THR A 164 -21.88 5.37 14.34
C THR A 164 -22.37 5.51 15.78
N LEU A 165 -21.91 4.60 16.65
CA LEU A 165 -22.29 4.68 18.06
C LEU A 165 -21.82 5.98 18.70
N LYS A 166 -20.62 6.41 18.32
CA LYS A 166 -20.09 7.68 18.82
C LYS A 166 -21.00 8.84 18.40
N ALA A 167 -21.48 8.80 17.16
CA ALA A 167 -22.41 9.81 16.68
C ALA A 167 -23.71 9.76 17.46
N PHE A 168 -24.20 8.56 17.76
CA PHE A 168 -25.40 8.43 18.60
C PHE A 168 -25.20 9.07 19.97
N ARG A 169 -24.01 8.88 20.54
CA ARG A 169 -23.73 9.36 21.89
C ARG A 169 -23.57 10.87 21.90
N GLU A 170 -22.97 11.42 20.84
CA GLU A 170 -22.53 12.80 20.90
C GLU A 170 -23.47 13.78 20.21
N LYS A 171 -24.31 13.29 19.30
CA LYS A 171 -25.08 14.20 18.44
C LYS A 171 -26.58 14.21 18.64
N ASP A 172 -27.04 13.74 19.81
CA ASP A 172 -28.44 13.91 20.23
C ASP A 172 -29.47 13.44 19.20
N PRO A 173 -29.40 12.17 18.76
CA PRO A 173 -30.39 11.73 17.77
C PRO A 173 -31.83 11.74 18.27
N ASN A 174 -32.11 11.64 19.57
CA ASN A 174 -33.51 11.66 19.98
C ASN A 174 -34.01 13.10 20.13
N GLY A 175 -33.14 14.06 19.83
CA GLY A 175 -33.52 15.44 19.64
C GLY A 175 -33.96 16.22 20.86
N ASN A 176 -33.63 15.75 22.07
CA ASN A 176 -34.14 16.43 23.27
C ASN A 176 -33.12 17.34 23.94
N GLY A 177 -31.98 17.55 23.29
CA GLY A 177 -30.95 18.44 23.81
C GLY A 177 -30.18 17.88 25.01
N LYS A 178 -30.41 16.61 25.33
CA LYS A 178 -29.72 15.97 26.43
C LYS A 178 -28.79 14.87 25.93
N LYS A 179 -27.65 14.73 26.57
CA LYS A 179 -26.73 13.64 26.26
C LYS A 179 -27.19 12.41 27.03
N ASP A 180 -28.30 11.84 26.60
CA ASP A 180 -28.92 10.75 27.35
C ASP A 180 -28.89 9.44 26.57
N GLU A 181 -28.38 9.50 25.35
CA GLU A 181 -28.37 8.33 24.46
C GLU A 181 -27.52 7.19 25.01
N VAL A 182 -28.05 5.98 24.87
CA VAL A 182 -27.34 4.75 25.20
C VAL A 182 -27.15 4.01 23.89
N PRO A 183 -26.00 4.22 23.22
CA PRO A 183 -25.88 3.77 21.83
C PRO A 183 -26.06 2.28 21.64
N PHE A 184 -25.34 1.47 22.43
CA PHE A 184 -25.46 0.02 22.31
C PHE A 184 -25.80 -0.58 23.67
N PHE A 185 -26.80 -1.46 23.68
CA PHE A 185 -27.23 -2.09 24.92
C PHE A 185 -27.51 -3.57 24.68
N VAL A 186 -27.65 -4.32 25.77
CA VAL A 186 -28.01 -5.75 25.67
C VAL A 186 -29.12 -6.08 26.66
N ARG A 187 -29.54 -7.35 26.66
CA ARG A 187 -30.60 -7.82 27.56
C ARG A 187 -30.18 -9.16 28.15
N ALA A 188 -30.05 -9.20 29.46
CA ALA A 188 -29.44 -10.36 30.12
C ALA A 188 -29.85 -10.47 31.57
N ASN A 189 -29.78 -11.67 32.12
CA ASN A 189 -29.95 -11.84 33.56
C ASN A 189 -28.78 -12.53 34.22
N ASN A 190 -27.66 -12.68 33.49
CA ASN A 190 -26.41 -13.08 34.14
C ASN A 190 -25.21 -12.58 33.35
N VAL A 191 -24.02 -12.71 33.92
CA VAL A 191 -22.84 -12.14 33.27
C VAL A 191 -22.57 -12.85 31.96
N ARG A 192 -22.78 -14.16 31.92
CA ARG A 192 -22.55 -14.89 30.67
C ARG A 192 -23.40 -14.31 29.55
N LYS A 193 -24.67 -14.01 29.83
CA LYS A 193 -25.52 -13.48 28.77
C LYS A 193 -25.12 -12.06 28.35
N VAL A 194 -24.60 -11.26 29.28
CA VAL A 194 -24.10 -9.94 28.91
C VAL A 194 -22.94 -10.09 27.93
N LEU A 195 -21.97 -10.92 28.32
CA LEU A 195 -20.80 -11.16 27.46
C LEU A 195 -21.22 -11.72 26.10
N THR A 196 -22.20 -12.61 26.11
CA THR A 196 -22.69 -13.24 24.88
C THR A 196 -23.11 -12.22 23.82
N SER A 197 -23.79 -11.17 24.27
CA SER A 197 -24.34 -10.19 23.34
C SER A 197 -23.41 -9.00 23.08
N LEU A 198 -22.23 -9.03 23.69
CA LEU A 198 -21.19 -8.02 23.47
C LEU A 198 -20.00 -8.54 22.67
N VAL A 199 -19.56 -9.78 22.90
CA VAL A 199 -18.30 -10.19 22.30
C VAL A 199 -18.48 -10.77 20.90
N ASP A 200 -19.71 -11.11 20.51
CA ASP A 200 -19.93 -11.65 19.16
C ASP A 200 -19.64 -10.59 18.10
N LEU A 201 -19.85 -9.32 18.48
CA LEU A 201 -19.48 -8.18 17.63
C LEU A 201 -18.07 -8.33 17.10
N PHE A 202 -17.20 -8.84 17.96
CA PHE A 202 -15.77 -8.90 17.65
C PHE A 202 -15.34 -10.31 17.26
N LYS A 203 -16.32 -11.14 16.90
CA LYS A 203 -16.08 -12.51 16.41
C LYS A 203 -15.39 -13.35 17.47
N ALA A 204 -15.68 -13.04 18.72
CA ALA A 204 -15.19 -13.82 19.86
C ALA A 204 -16.33 -14.67 20.41
N SER A 205 -16.00 -15.60 21.31
CA SER A 205 -17.01 -16.42 21.98
C SER A 205 -16.73 -16.53 23.48
N PRO A 206 -17.78 -16.47 24.32
CA PRO A 206 -17.61 -16.63 25.76
C PRO A 206 -17.67 -18.09 26.18
N ILE A 207 -17.86 -18.99 25.23
CA ILE A 207 -18.02 -20.41 25.57
C ILE A 207 -17.16 -21.33 24.69
N TRP A 208 -17.43 -22.62 24.72
CA TRP A 208 -16.68 -23.54 23.87
C TRP A 208 -17.25 -23.47 22.46
N TYR A 209 -16.38 -23.60 21.46
CA TYR A 209 -16.81 -23.56 20.07
C TYR A 209 -15.94 -24.52 19.26
N GLU A 210 -16.38 -24.82 18.05
CA GLU A 210 -15.65 -25.74 17.19
C GLU A 210 -14.93 -24.96 16.12
N GLU A 211 -13.71 -25.42 15.86
CA GLU A 211 -12.86 -24.88 14.83
C GLU A 211 -12.14 -25.99 14.10
N ASN A 212 -12.57 -26.22 12.85
CA ASN A 212 -11.98 -27.26 12.00
C ASN A 212 -11.80 -28.61 12.69
N GLY A 213 -12.87 -29.14 13.26
CA GLY A 213 -12.80 -30.43 13.91
C GLY A 213 -12.29 -30.40 15.33
N MET A 214 -11.85 -29.24 15.79
CA MET A 214 -11.31 -29.09 17.14
C MET A 214 -12.20 -28.23 18.03
N VAL A 215 -12.26 -28.59 19.31
CA VAL A 215 -13.05 -27.84 20.26
C VAL A 215 -12.13 -26.92 21.08
N LYS A 216 -12.41 -25.62 21.08
CA LYS A 216 -11.56 -24.64 21.73
C LYS A 216 -12.38 -23.82 22.72
N TYR A 217 -11.72 -23.26 23.73
CA TYR A 217 -12.42 -22.46 24.74
C TYR A 217 -12.38 -20.99 24.38
N GLY A 218 -13.53 -20.42 24.03
CA GLY A 218 -13.58 -19.04 23.59
C GLY A 218 -12.82 -18.01 24.42
N PRO A 219 -13.06 -18.01 25.73
CA PRO A 219 -12.43 -16.98 26.57
C PRO A 219 -10.90 -17.08 26.63
N ALA A 220 -10.31 -18.16 26.13
CA ALA A 220 -8.86 -18.30 26.14
C ALA A 220 -8.22 -17.80 24.84
N GLN A 221 -9.03 -17.31 23.91
CA GLN A 221 -8.51 -16.91 22.60
C GLN A 221 -8.16 -15.43 22.51
N LYS A 222 -7.21 -15.09 21.63
CA LYS A 222 -6.86 -13.67 21.46
C LYS A 222 -8.02 -12.84 20.92
N GLU A 223 -8.98 -13.47 20.23
CA GLU A 223 -10.14 -12.72 19.75
C GLU A 223 -10.96 -12.21 20.93
N PHE A 224 -10.98 -13.00 22.01
CA PHE A 224 -11.68 -12.63 23.22
C PHE A 224 -10.94 -11.49 23.91
N LYS A 225 -9.61 -11.56 23.95
CA LYS A 225 -8.83 -10.47 24.52
C LYS A 225 -9.15 -9.16 23.78
N HIS A 226 -9.15 -9.22 22.46
CA HIS A 226 -9.44 -8.03 21.67
C HIS A 226 -10.88 -7.55 21.94
N ALA A 227 -11.83 -8.47 22.03
CA ALA A 227 -13.22 -8.08 22.27
C ALA A 227 -13.32 -7.30 23.59
N ILE A 228 -12.71 -7.84 24.64
CA ILE A 228 -12.81 -7.21 25.94
C ILE A 228 -12.08 -5.86 25.94
N LYS A 229 -10.90 -5.81 25.33
CA LYS A 229 -10.17 -4.55 25.27
C LYS A 229 -10.97 -3.47 24.53
N GLU A 230 -11.58 -3.82 23.41
CA GLU A 230 -12.43 -2.88 22.68
C GLU A 230 -13.63 -2.45 23.49
N LEU A 231 -14.29 -3.42 24.12
CA LEU A 231 -15.46 -3.12 24.93
C LEU A 231 -15.10 -2.18 26.08
N SER A 232 -13.91 -2.35 26.64
CA SER A 232 -13.44 -1.46 27.71
C SER A 232 -13.36 -0.02 27.20
N LYS A 233 -12.85 0.12 25.99
CA LYS A 233 -12.73 1.45 25.37
C LYS A 233 -14.12 2.02 25.09
N TRP A 234 -14.99 1.19 24.53
CA TRP A 234 -16.32 1.67 24.19
C TRP A 234 -17.10 2.01 25.44
N TYR A 235 -16.86 1.24 26.51
CA TYR A 235 -17.47 1.54 27.80
C TYR A 235 -17.06 2.91 28.32
N LYS A 236 -15.76 3.16 28.33
CA LYS A 236 -15.21 4.45 28.78
C LYS A 236 -15.78 5.61 27.99
N GLU A 237 -16.01 5.41 26.68
CA GLU A 237 -16.47 6.49 25.83
C GLU A 237 -18.00 6.61 25.80
N GLY A 238 -18.67 5.79 26.62
CA GLY A 238 -20.13 5.86 26.74
C GLY A 238 -20.89 5.28 25.57
N LEU A 239 -20.25 4.39 24.81
CA LEU A 239 -20.89 3.84 23.63
C LEU A 239 -21.69 2.58 23.95
N ILE A 240 -21.29 1.89 25.01
CA ILE A 240 -22.11 0.80 25.51
C ILE A 240 -22.65 1.21 26.86
N ASP A 241 -23.87 0.76 27.14
CA ASP A 241 -24.58 1.04 28.37
C ASP A 241 -23.70 0.93 29.60
N GLU A 242 -23.57 2.01 30.37
CA GLU A 242 -22.75 1.91 31.57
C GLU A 242 -23.31 0.87 32.54
N GLU A 243 -24.61 0.59 32.43
CA GLU A 243 -25.23 -0.39 33.32
C GLU A 243 -25.36 -1.78 32.71
N ILE A 244 -24.53 -2.12 31.70
CA ILE A 244 -24.65 -3.43 31.05
C ILE A 244 -24.77 -4.62 31.99
N PHE A 245 -23.97 -4.64 33.07
CA PHE A 245 -23.95 -5.83 33.92
C PHE A 245 -25.03 -5.84 34.98
N THR A 246 -25.72 -4.72 35.17
CA THR A 246 -26.66 -4.64 36.28
C THR A 246 -28.09 -4.33 35.87
N ARG A 247 -28.31 -3.84 34.66
CA ARG A 247 -29.65 -3.36 34.30
C ARG A 247 -30.71 -4.49 34.27
N GLY A 248 -30.31 -5.71 33.94
CA GLY A 248 -31.24 -6.84 34.00
C GLY A 248 -32.19 -6.97 32.82
N LEU A 249 -33.18 -7.86 32.93
CA LEU A 249 -33.97 -8.24 31.77
C LEU A 249 -34.93 -7.16 31.28
N GLU A 250 -35.15 -6.12 32.07
CA GLU A 250 -36.00 -5.02 31.63
C GLU A 250 -35.24 -3.99 30.77
N SER A 251 -33.95 -4.23 30.53
CA SER A 251 -33.10 -3.26 29.85
C SER A 251 -33.69 -2.78 28.50
N ARG A 252 -34.02 -3.75 27.64
CA ARG A 252 -34.52 -3.43 26.31
C ARG A 252 -35.84 -2.65 26.38
N ASP A 253 -36.75 -3.13 27.20
CA ASP A 253 -38.03 -2.43 27.41
C ASP A 253 -37.81 -0.98 27.83
N TYR A 254 -36.95 -0.80 28.83
CA TYR A 254 -36.73 0.53 29.39
C TYR A 254 -36.03 1.44 28.39
N LEU A 255 -34.95 0.95 27.80
CA LEU A 255 -34.13 1.81 26.92
C LEU A 255 -34.83 2.14 25.61
N LEU A 256 -35.61 1.20 25.07
CA LEU A 256 -36.31 1.50 23.82
C LEU A 256 -37.55 2.35 24.11
N SER A 257 -38.30 2.01 25.14
CA SER A 257 -39.57 2.72 25.35
C SER A 257 -39.32 4.18 25.76
N ASN A 258 -38.16 4.46 26.35
CA ASN A 258 -37.80 5.84 26.69
C ASN A 258 -36.95 6.53 25.64
N ASN A 259 -36.82 5.89 24.48
CA ASN A 259 -36.09 6.44 23.32
C ASN A 259 -34.65 6.79 23.63
N LEU A 260 -33.99 5.90 24.37
CA LEU A 260 -32.58 6.06 24.74
C LEU A 260 -31.64 5.14 23.96
N GLY A 261 -32.13 3.94 23.61
CA GLY A 261 -31.28 2.91 23.03
C GLY A 261 -31.12 3.00 21.51
N GLY A 262 -29.90 2.85 21.01
CA GLY A 262 -29.64 2.99 19.58
C GLY A 262 -29.38 1.70 18.82
N ALA A 263 -28.98 0.65 19.53
CA ALA A 263 -28.56 -0.57 18.85
C ALA A 263 -28.43 -1.69 19.83
N THR A 264 -28.64 -2.92 19.37
CA THR A 264 -28.48 -4.08 20.25
C THR A 264 -28.19 -5.33 19.46
N ASP A 265 -28.04 -6.41 20.19
CA ASP A 265 -27.83 -7.76 19.67
C ASP A 265 -28.78 -8.61 20.51
N ASP A 266 -29.87 -9.09 19.91
CA ASP A 266 -30.90 -9.74 20.72
C ASP A 266 -31.79 -10.61 19.83
N TRP A 267 -32.63 -11.42 20.45
CA TRP A 267 -33.48 -12.35 19.73
C TRP A 267 -34.33 -11.67 18.66
N ILE A 268 -34.41 -12.28 17.48
CA ILE A 268 -34.96 -11.57 16.35
C ILE A 268 -36.47 -11.25 16.49
N ALA A 269 -37.27 -12.22 16.89
CA ALA A 269 -38.72 -11.96 16.92
C ALA A 269 -39.12 -10.94 17.98
N SER A 270 -38.68 -11.11 19.22
CA SER A 270 -39.10 -10.17 20.25
C SER A 270 -38.51 -8.78 20.01
N THR A 271 -37.29 -8.70 19.47
CA THR A 271 -36.71 -7.40 19.25
C THR A 271 -37.43 -6.68 18.09
N SER A 272 -37.93 -7.46 17.14
CA SER A 272 -38.68 -6.90 16.02
C SER A 272 -40.07 -6.41 16.42
N SER A 273 -40.55 -6.83 17.59
CA SER A 273 -41.90 -6.47 18.00
C SER A 273 -41.99 -5.00 18.41
N TYR A 274 -40.84 -4.35 18.67
CA TYR A 274 -40.88 -2.97 19.18
C TYR A 274 -41.32 -1.93 18.17
N ASN A 275 -41.10 -2.16 16.89
CA ASN A 275 -41.53 -1.17 15.90
C ASN A 275 -43.02 -0.94 16.00
N ARG A 276 -43.79 -2.02 16.07
CA ARG A 276 -45.24 -1.87 16.22
C ARG A 276 -45.58 -1.37 17.62
N ASN A 277 -44.90 -1.94 18.62
CA ASN A 277 -45.19 -1.64 20.02
C ASN A 277 -45.07 -0.16 20.35
N LEU A 278 -44.06 0.50 19.77
CA LEU A 278 -43.73 1.88 20.11
C LEU A 278 -44.08 2.90 19.03
N ALA A 279 -44.79 2.45 18.00
CA ALA A 279 -45.09 3.31 16.85
C ALA A 279 -45.80 4.61 17.25
N ASP A 280 -46.66 4.56 18.26
CA ASP A 280 -47.37 5.75 18.70
C ASP A 280 -46.55 6.55 19.70
N LYS A 281 -45.89 5.84 20.62
CA LYS A 281 -45.16 6.51 21.69
C LYS A 281 -43.94 7.25 21.16
N ILE A 282 -43.26 6.65 20.18
CA ILE A 282 -42.09 7.26 19.57
C ILE A 282 -42.26 7.30 18.07
N PRO A 283 -42.93 8.35 17.57
CA PRO A 283 -43.18 8.48 16.13
C PRO A 283 -41.92 8.30 15.31
N GLY A 284 -41.97 7.40 14.33
CA GLY A 284 -40.83 7.17 13.45
C GLY A 284 -39.86 6.10 13.92
N PHE A 285 -40.09 5.59 15.13
CA PHE A 285 -39.24 4.54 15.70
C PHE A 285 -39.04 3.41 14.71
N ASN A 286 -37.78 3.11 14.40
CA ASN A 286 -37.48 2.05 13.46
C ASN A 286 -36.21 1.35 13.87
N LEU A 287 -36.38 0.29 14.67
CA LEU A 287 -35.28 -0.55 15.09
C LEU A 287 -35.18 -1.73 14.12
N LYS A 288 -34.15 -1.71 13.29
CA LYS A 288 -34.09 -2.51 12.08
C LYS A 288 -33.00 -3.58 12.14
N LEU A 289 -33.33 -4.79 11.68
CA LEU A 289 -32.35 -5.88 11.61
C LEU A 289 -31.29 -5.64 10.53
N VAL A 290 -30.02 -5.84 10.87
CA VAL A 290 -28.93 -5.76 9.91
C VAL A 290 -28.08 -7.03 10.00
N LEU A 291 -27.37 -7.36 8.93
CA LEU A 291 -26.46 -8.52 8.97
C LEU A 291 -25.34 -8.21 9.96
N PRO A 292 -24.76 -9.24 10.58
CA PRO A 292 -23.65 -9.00 11.50
C PRO A 292 -22.58 -8.09 10.89
N TYR A 293 -22.08 -7.14 11.66
CA TYR A 293 -21.07 -6.24 11.13
C TYR A 293 -19.81 -7.01 10.78
N GLU A 294 -19.16 -6.64 9.68
CA GLU A 294 -17.99 -7.36 9.24
C GLU A 294 -16.75 -6.86 9.98
N LEU A 295 -15.88 -7.80 10.36
CA LEU A 295 -14.62 -7.44 10.98
C LEU A 295 -13.53 -8.00 10.11
N ASN A 296 -12.83 -7.12 9.40
CA ASN A 296 -11.82 -7.53 8.42
C ASN A 296 -12.34 -8.64 7.52
N GLY A 297 -13.57 -8.46 7.02
CA GLY A 297 -14.15 -9.39 6.07
C GLY A 297 -14.93 -10.55 6.64
N ASN A 298 -14.84 -10.73 7.96
CA ASN A 298 -15.56 -11.82 8.63
C ASN A 298 -17.01 -11.39 8.84
N ALA A 299 -17.92 -12.07 8.15
CA ALA A 299 -19.34 -11.69 8.14
C ALA A 299 -20.20 -12.54 9.07
N LYS A 300 -19.56 -13.43 9.83
CA LYS A 300 -20.30 -14.47 10.58
C LYS A 300 -20.70 -14.06 11.99
N THR A 301 -21.81 -14.63 12.46
CA THR A 301 -22.19 -14.57 13.87
C THR A 301 -22.24 -15.99 14.44
N ARG A 302 -21.92 -16.13 15.73
CA ARG A 302 -22.05 -17.43 16.39
C ARG A 302 -23.38 -17.55 17.14
N HIS A 303 -24.25 -16.56 16.97
CA HIS A 303 -25.61 -16.64 17.52
C HIS A 303 -26.45 -17.60 16.70
N ALA A 304 -26.80 -18.73 17.30
CA ALA A 304 -27.69 -19.70 16.66
C ALA A 304 -28.53 -20.34 17.72
N ARG A 305 -29.74 -20.74 17.37
CA ARG A 305 -30.55 -21.50 18.30
C ARG A 305 -29.92 -22.89 18.49
N THR A 306 -29.96 -23.42 19.70
CA THR A 306 -29.58 -24.81 19.94
C THR A 306 -30.78 -25.73 19.77
N THR A 307 -30.57 -27.05 19.79
CA THR A 307 -31.71 -27.97 19.70
C THR A 307 -32.55 -27.94 20.98
N TYR A 308 -31.90 -27.66 22.10
CA TYR A 308 -32.60 -27.64 23.38
C TYR A 308 -31.89 -26.69 24.33
N LEU A 309 -32.56 -26.41 25.45
CA LEU A 309 -31.97 -25.65 26.54
C LEU A 309 -32.42 -26.25 27.86
N GLY A 310 -31.48 -26.77 28.65
CA GLY A 310 -31.83 -27.31 29.95
C GLY A 310 -32.74 -28.52 29.87
N GLY A 311 -33.36 -28.86 30.98
CA GLY A 311 -34.27 -29.99 31.03
C GLY A 311 -34.77 -30.25 32.44
N TRP A 312 -35.52 -31.33 32.64
CA TRP A 312 -35.91 -31.72 33.98
CA TRP A 312 -35.88 -31.72 34.00
C TRP A 312 -35.89 -33.24 34.13
N GLY A 313 -35.74 -33.70 35.37
CA GLY A 313 -35.69 -35.11 35.64
C GLY A 313 -36.42 -35.42 36.93
N ILE A 314 -36.50 -36.70 37.25
CA ILE A 314 -37.17 -37.17 38.46
C ILE A 314 -36.11 -37.62 39.44
N SER A 315 -36.16 -37.12 40.67
CA SER A 315 -35.11 -37.43 41.64
C SER A 315 -35.30 -38.81 42.25
N LYS A 316 -34.21 -39.32 42.82
CA LYS A 316 -34.23 -40.61 43.53
C LYS A 316 -35.15 -40.58 44.74
N ASP A 317 -35.52 -39.39 45.18
CA ASP A 317 -36.33 -39.26 46.39
C ASP A 317 -37.84 -39.18 46.13
N ALA A 318 -38.23 -39.08 44.86
CA ALA A 318 -39.65 -39.02 44.50
C ALA A 318 -40.36 -40.34 44.83
N LYS A 319 -41.51 -40.25 45.50
CA LYS A 319 -42.24 -41.45 45.93
C LYS A 319 -43.01 -42.11 44.78
N ASP A 320 -43.45 -41.31 43.82
CA ASP A 320 -44.32 -41.81 42.74
C ASP A 320 -43.82 -41.40 41.36
N PRO A 321 -42.73 -42.02 40.89
CA PRO A 321 -42.16 -41.67 39.58
C PRO A 321 -43.08 -41.96 38.38
N VAL A 322 -43.95 -42.95 38.51
CA VAL A 322 -44.87 -43.25 37.42
C VAL A 322 -45.79 -42.07 37.17
N SER A 323 -46.31 -41.50 38.26
CA SER A 323 -47.17 -40.33 38.16
C SER A 323 -46.40 -39.16 37.54
N LEU A 324 -45.12 -39.07 37.88
CA LEU A 324 -44.33 -37.95 37.40
C LEU A 324 -43.96 -38.08 35.92
N ILE A 325 -43.69 -39.30 35.46
CA ILE A 325 -43.38 -39.45 34.04
C ILE A 325 -44.64 -39.17 33.22
N LYS A 326 -45.81 -39.45 33.81
CA LYS A 326 -47.05 -39.12 33.12
C LYS A 326 -47.22 -37.60 33.06
N TYR A 327 -46.73 -36.90 34.08
CA TYR A 327 -46.74 -35.44 34.06
C TYR A 327 -45.80 -34.94 32.96
N PHE A 328 -44.61 -35.51 32.87
CA PHE A 328 -43.68 -35.15 31.79
C PHE A 328 -44.34 -35.38 30.43
N ASP A 329 -45.07 -36.49 30.32
CA ASP A 329 -45.68 -36.88 29.04
C ASP A 329 -46.81 -35.98 28.60
N TYR A 330 -47.51 -35.40 29.57
CA TYR A 330 -48.63 -34.51 29.31
C TYR A 330 -48.23 -33.36 28.40
N TRP A 331 -47.01 -32.86 28.59
CA TRP A 331 -46.52 -31.73 27.83
C TRP A 331 -46.22 -32.09 26.38
N TYR A 332 -46.21 -33.39 26.06
CA TYR A 332 -45.97 -33.84 24.69
C TYR A 332 -47.24 -34.30 23.98
N SER A 333 -48.37 -34.25 24.70
CA SER A 333 -49.67 -34.45 24.07
C SER A 333 -49.99 -33.22 23.23
N VAL A 334 -50.90 -33.35 22.27
CA VAL A 334 -51.27 -32.19 21.46
C VAL A 334 -51.78 -31.04 22.35
N GLU A 335 -52.67 -31.35 23.28
CA GLU A 335 -53.25 -30.31 24.14
C GLU A 335 -52.19 -29.74 25.11
N GLY A 336 -51.34 -30.59 25.66
CA GLY A 336 -50.33 -30.17 26.61
C GLY A 336 -49.27 -29.30 25.95
N ARG A 337 -48.86 -29.71 24.76
CA ARG A 337 -47.86 -28.92 24.02
C ARG A 337 -48.45 -27.58 23.59
N ARG A 338 -49.71 -27.58 23.16
CA ARG A 338 -50.35 -26.32 22.81
C ARG A 338 -50.45 -25.41 24.02
N LEU A 339 -50.79 -25.98 25.18
CA LEU A 339 -50.88 -25.21 26.41
C LEU A 339 -49.54 -24.55 26.75
N TRP A 340 -48.47 -25.35 26.74
CA TRP A 340 -47.14 -24.81 27.06
C TRP A 340 -46.76 -23.68 26.10
N ASN A 341 -47.08 -23.86 24.82
CA ASN A 341 -46.63 -22.91 23.82
C ASN A 341 -47.50 -21.66 23.72
N PHE A 342 -48.83 -21.81 23.85
CA PHE A 342 -49.76 -20.73 23.48
C PHE A 342 -50.54 -20.09 24.64
N GLY A 343 -50.50 -20.71 25.81
CA GLY A 343 -51.29 -20.24 26.94
C GLY A 343 -52.70 -20.84 26.96
N ILE A 344 -53.69 -20.05 27.37
CA ILE A 344 -55.03 -20.56 27.62
C ILE A 344 -56.02 -20.18 26.51
N GLU A 345 -56.74 -21.16 26.00
CA GLU A 345 -57.78 -20.92 25.01
C GLU A 345 -58.86 -20.00 25.60
N GLY A 346 -59.25 -18.99 24.84
CA GLY A 346 -60.22 -18.02 25.31
C GLY A 346 -59.59 -16.84 26.01
N SER A 347 -58.28 -16.89 26.21
CA SER A 347 -57.54 -15.82 26.87
C SER A 347 -56.41 -15.33 25.97
N GLU A 348 -55.42 -16.19 25.74
CA GLU A 348 -54.26 -15.84 24.92
C GLU A 348 -54.49 -16.13 23.45
N TYR A 349 -55.35 -17.11 23.16
CA TYR A 349 -55.64 -17.47 21.78
C TYR A 349 -57.06 -18.01 21.63
N THR A 350 -57.53 -18.03 20.39
CA THR A 350 -58.75 -18.78 20.05
C THR A 350 -58.39 -19.71 18.89
N LEU A 351 -59.18 -20.77 18.73
CA LEU A 351 -58.99 -21.68 17.61
C LEU A 351 -59.76 -21.17 16.39
N VAL A 352 -59.05 -21.02 15.28
CA VAL A 352 -59.68 -20.63 14.03
C VAL A 352 -59.33 -21.71 13.02
N ASP A 353 -60.35 -22.44 12.58
CA ASP A 353 -60.16 -23.61 11.73
C ASP A 353 -59.20 -24.61 12.36
N GLY A 354 -59.29 -24.75 13.68
CA GLY A 354 -58.49 -25.72 14.40
C GLY A 354 -57.08 -25.23 14.69
N LYS A 355 -56.79 -23.98 14.36
CA LYS A 355 -55.45 -23.45 14.54
C LYS A 355 -55.44 -22.26 15.50
N PRO A 356 -54.49 -22.25 16.45
CA PRO A 356 -54.46 -21.15 17.42
C PRO A 356 -54.14 -19.82 16.76
N VAL A 357 -54.91 -18.80 17.11
CA VAL A 357 -54.65 -17.45 16.66
C VAL A 357 -54.66 -16.57 17.91
N PHE A 358 -53.60 -15.82 18.15
CA PHE A 358 -53.51 -15.05 19.38
C PHE A 358 -54.54 -13.92 19.42
N THR A 359 -54.92 -13.55 20.63
CA THR A 359 -55.87 -12.47 20.88
C THR A 359 -55.19 -11.10 21.00
N ASP A 360 -56.00 -10.06 21.13
CA ASP A 360 -55.47 -8.72 21.27
C ASP A 360 -54.65 -8.60 22.55
N LYS A 361 -54.99 -9.38 23.56
CA LYS A 361 -54.27 -9.38 24.83
C LYS A 361 -52.79 -9.65 24.60
N VAL A 362 -52.51 -10.55 23.67
CA VAL A 362 -51.14 -10.94 23.37
C VAL A 362 -50.54 -10.05 22.28
N LEU A 363 -51.30 -9.84 21.21
CA LEU A 363 -50.79 -9.13 20.03
C LEU A 363 -50.83 -7.61 20.13
N LYS A 364 -51.77 -7.08 20.92
CA LYS A 364 -51.97 -5.64 21.02
C LYS A 364 -52.09 -5.24 22.48
N ASN A 365 -51.12 -5.64 23.29
CA ASN A 365 -51.17 -5.37 24.72
C ASN A 365 -51.12 -3.87 25.03
N PRO A 366 -52.11 -3.37 25.78
CA PRO A 366 -52.23 -1.93 26.09
C PRO A 366 -51.10 -1.31 26.93
N ASP A 367 -50.30 -2.10 27.63
CA ASP A 367 -49.19 -1.53 28.41
C ASP A 367 -47.86 -1.70 27.71
N GLY A 368 -47.92 -2.05 26.43
CA GLY A 368 -46.72 -2.11 25.62
C GLY A 368 -45.88 -3.33 25.88
N LYS A 369 -46.42 -4.30 26.59
CA LYS A 369 -45.69 -5.55 26.78
C LYS A 369 -45.54 -6.22 25.42
N THR A 370 -44.40 -6.86 25.19
CA THR A 370 -44.17 -7.63 23.98
C THR A 370 -45.12 -8.82 24.00
N PRO A 371 -45.48 -9.38 22.82
CA PRO A 371 -46.32 -10.58 22.83
C PRO A 371 -45.73 -11.70 23.66
N LEU A 372 -44.41 -11.90 23.60
CA LEU A 372 -43.78 -12.97 24.36
C LEU A 372 -43.84 -12.66 25.85
N ALA A 373 -43.72 -11.39 26.20
CA ALA A 373 -43.81 -11.00 27.61
C ALA A 373 -45.19 -11.35 28.17
N VAL A 374 -46.23 -11.11 27.38
CA VAL A 374 -47.59 -11.44 27.80
C VAL A 374 -47.71 -12.96 28.00
N LEU A 375 -47.21 -13.73 27.05
CA LEU A 375 -47.28 -15.20 27.14
C LEU A 375 -46.53 -15.73 28.36
N ARG A 376 -45.35 -15.16 28.65
CA ARG A 376 -44.60 -15.63 29.81
C ARG A 376 -45.36 -15.31 31.10
N GLU A 377 -46.12 -14.22 31.10
CA GLU A 377 -46.83 -13.83 32.32
C GLU A 377 -47.90 -14.85 32.71
N VAL A 378 -48.39 -15.65 31.77
CA VAL A 378 -49.40 -16.65 32.11
C VAL A 378 -48.78 -18.04 32.30
N GLY A 379 -47.46 -18.14 32.16
CA GLY A 379 -46.76 -19.40 32.35
C GLY A 379 -46.44 -20.15 31.08
N ALA A 380 -46.75 -19.55 29.93
CA ALA A 380 -46.38 -20.16 28.67
C ALA A 380 -44.89 -19.97 28.45
N GLN A 381 -44.30 -20.87 27.67
CA GLN A 381 -42.88 -20.81 27.31
C GLN A 381 -41.94 -20.92 28.51
N TYR A 382 -42.45 -21.46 29.62
CA TYR A 382 -41.65 -21.58 30.83
C TYR A 382 -40.73 -22.80 30.70
N ARG A 383 -39.43 -22.56 30.60
CA ARG A 383 -38.45 -23.61 30.35
C ARG A 383 -38.51 -24.71 31.40
N LEU A 384 -38.87 -25.92 30.97
CA LEU A 384 -38.92 -27.08 31.84
C LEU A 384 -38.30 -28.22 31.07
N GLY A 385 -39.14 -29.12 30.56
CA GLY A 385 -38.67 -30.16 29.66
C GLY A 385 -39.68 -30.39 28.56
N ALA A 386 -40.18 -29.30 27.99
CA ALA A 386 -41.23 -29.34 26.97
C ALA A 386 -40.69 -29.18 25.57
N PHE A 387 -41.58 -29.22 24.58
CA PHE A 387 -41.21 -29.16 23.17
C PHE A 387 -41.82 -27.93 22.52
N GLN A 388 -41.00 -26.92 22.23
CA GLN A 388 -41.51 -25.71 21.59
C GLN A 388 -42.10 -26.00 20.20
N ASP A 389 -43.10 -25.20 19.83
CA ASP A 389 -43.78 -25.28 18.54
C ASP A 389 -43.58 -23.94 17.82
N ALA A 390 -42.88 -23.95 16.69
CA ALA A 390 -42.57 -22.70 15.96
C ALA A 390 -43.84 -21.96 15.51
N GLN A 391 -44.96 -22.67 15.43
CA GLN A 391 -46.22 -22.02 15.11
C GLN A 391 -46.59 -20.98 16.15
N TYR A 392 -46.15 -21.19 17.38
CA TYR A 392 -46.39 -20.20 18.44
C TYR A 392 -45.62 -18.92 18.10
N GLU A 393 -44.37 -19.07 17.66
CA GLU A 393 -43.52 -17.91 17.40
C GLU A 393 -43.99 -17.20 16.15
N LEU A 394 -44.29 -17.96 15.10
CA LEU A 394 -44.81 -17.37 13.86
C LEU A 394 -46.16 -16.70 14.10
N GLY A 395 -46.86 -17.13 15.15
CA GLY A 395 -48.15 -16.59 15.50
C GLY A 395 -48.13 -15.15 16.02
N TRP A 396 -46.98 -14.71 16.56
CA TRP A 396 -46.89 -13.32 17.01
C TRP A 396 -45.74 -12.55 16.34
N ALA A 397 -44.81 -13.25 15.69
CA ALA A 397 -43.71 -12.58 15.01
C ALA A 397 -44.22 -11.65 13.90
N SER A 398 -43.62 -10.47 13.82
CA SER A 398 -43.94 -9.50 12.78
C SER A 398 -43.48 -9.99 11.41
N GLU A 399 -43.98 -9.35 10.36
CA GLU A 399 -43.53 -9.68 9.02
C GLU A 399 -42.04 -9.39 8.91
N SER A 400 -41.57 -8.34 9.60
CA SER A 400 -40.14 -8.02 9.57
C SER A 400 -39.31 -9.09 10.28
N ALA A 401 -39.86 -9.64 11.36
CA ALA A 401 -39.19 -10.75 12.04
C ALA A 401 -39.08 -11.96 11.11
N LYS A 402 -40.18 -12.31 10.44
CA LYS A 402 -40.19 -13.48 9.57
C LYS A 402 -39.23 -13.32 8.40
N ALA A 403 -39.21 -12.12 7.82
CA ALA A 403 -38.24 -11.81 6.77
C ALA A 403 -36.82 -11.87 7.31
N GLY A 404 -36.66 -11.47 8.57
CA GLY A 404 -35.38 -11.51 9.25
C GLY A 404 -34.76 -12.88 9.37
N TYR A 405 -35.56 -13.87 9.78
CA TYR A 405 -35.09 -15.26 9.80
C TYR A 405 -34.48 -15.62 8.45
N LYS A 406 -35.22 -15.31 7.40
CA LYS A 406 -34.80 -15.69 6.05
C LYS A 406 -33.57 -14.91 5.59
N TYR A 407 -33.52 -13.63 5.98
CA TYR A 407 -32.38 -12.77 5.71
C TYR A 407 -31.10 -13.37 6.27
N TYR A 408 -31.15 -13.79 7.53
CA TYR A 408 -29.95 -14.35 8.14
C TYR A 408 -29.60 -15.70 7.49
N MET A 409 -30.60 -16.52 7.22
CA MET A 409 -30.32 -17.81 6.63
C MET A 409 -29.84 -17.72 5.19
N ASP A 410 -30.51 -16.88 4.39
CA ASP A 410 -30.16 -16.70 2.98
C ASP A 410 -28.72 -16.20 2.78
N ASN A 411 -28.26 -15.34 3.70
CA ASN A 411 -26.94 -14.74 3.58
C ASN A 411 -25.83 -15.54 4.27
N ASP A 412 -26.20 -16.71 4.80
CA ASP A 412 -25.27 -17.68 5.36
C ASP A 412 -24.36 -17.08 6.43
N VAL A 413 -24.90 -16.22 7.28
CA VAL A 413 -24.09 -15.54 8.28
C VAL A 413 -24.04 -16.30 9.60
N VAL A 414 -24.92 -17.28 9.79
CA VAL A 414 -25.03 -17.94 11.09
C VAL A 414 -24.17 -19.22 11.16
N LEU A 415 -23.36 -19.33 12.21
CA LEU A 415 -22.59 -20.55 12.46
C LEU A 415 -23.32 -21.38 13.50
N ASP A 416 -23.50 -22.66 13.22
CA ASP A 416 -24.19 -23.55 14.15
C ASP A 416 -23.47 -23.59 15.50
N GLU A 417 -24.25 -23.70 16.56
CA GLU A 417 -23.68 -23.85 17.89
C GLU A 417 -23.05 -25.21 18.11
N LEU A 418 -22.01 -25.24 18.93
CA LEU A 418 -21.37 -26.49 19.32
C LEU A 418 -22.38 -27.24 20.18
N PRO A 419 -22.72 -28.47 19.80
CA PRO A 419 -23.68 -29.15 20.68
C PRO A 419 -23.07 -29.38 22.05
N ILE A 420 -23.92 -29.48 23.08
CA ILE A 420 -23.42 -29.82 24.40
C ILE A 420 -22.91 -31.25 24.32
N LEU A 421 -21.63 -31.42 24.63
CA LEU A 421 -21.01 -32.75 24.59
C LEU A 421 -21.30 -33.54 25.86
N LYS A 422 -21.33 -34.86 25.73
CA LYS A 422 -21.62 -35.78 26.85
C LYS A 422 -20.44 -36.73 27.08
N TYR A 423 -20.18 -37.08 28.34
CA TYR A 423 -18.98 -37.80 28.70
C TYR A 423 -19.29 -39.01 29.58
N THR A 424 -18.30 -39.87 29.77
CA THR A 424 -18.42 -40.98 30.73
C THR A 424 -18.24 -40.38 32.13
N LYS A 425 -18.65 -41.13 33.16
CA LYS A 425 -18.88 -40.58 34.49
C LYS A 425 -17.72 -39.78 35.12
N GLU A 426 -16.54 -40.37 35.20
CA GLU A 426 -15.37 -39.64 35.70
C GLU A 426 -15.03 -38.41 34.86
N LYS A 427 -14.95 -38.55 33.55
CA LYS A 427 -14.68 -37.40 32.69
C LYS A 427 -15.74 -36.32 32.79
N SER A 428 -17.00 -36.73 32.93
CA SER A 428 -18.09 -35.78 33.04
C SER A 428 -17.99 -34.97 34.34
N LYS A 429 -17.65 -35.65 35.42
CA LYS A 429 -17.49 -34.98 36.70
C LYS A 429 -16.34 -33.98 36.64
N GLU A 430 -15.25 -34.37 35.99
CA GLU A 430 -14.08 -33.50 35.96
C GLU A 430 -14.31 -32.33 35.01
N PHE A 431 -14.91 -32.59 33.85
CA PHE A 431 -15.16 -31.50 32.91
C PHE A 431 -16.02 -30.42 33.54
N VAL A 432 -17.13 -30.81 34.14
CA VAL A 432 -18.03 -29.83 34.73
C VAL A 432 -17.34 -29.04 35.84
N SER A 433 -16.50 -29.73 36.60
CA SER A 433 -15.74 -29.05 37.66
C SER A 433 -14.84 -27.99 37.04
N ILE A 434 -14.07 -28.38 36.02
CA ILE A 434 -13.14 -27.44 35.39
C ILE A 434 -13.91 -26.32 34.71
N ASP A 435 -14.92 -26.69 33.93
CA ASP A 435 -15.72 -25.70 33.19
C ASP A 435 -16.32 -24.67 34.15
N THR A 436 -16.84 -25.13 35.28
CA THR A 436 -17.43 -24.22 36.25
C THR A 436 -16.42 -23.28 36.87
N ALA A 437 -15.26 -23.83 37.23
CA ALA A 437 -14.24 -22.99 37.84
C ALA A 437 -13.75 -21.94 36.85
N MET A 438 -13.55 -22.35 35.60
CA MET A 438 -13.07 -21.39 34.61
C MET A 438 -14.11 -20.31 34.36
N ARG A 439 -15.39 -20.69 34.29
CA ARG A 439 -16.45 -19.70 34.07
C ARG A 439 -16.35 -18.57 35.10
N ALA A 440 -16.14 -18.94 36.36
CA ALA A 440 -16.05 -17.92 37.41
C ALA A 440 -14.90 -16.94 37.16
N VAL A 441 -13.74 -17.46 36.75
CA VAL A 441 -12.57 -16.62 36.50
C VAL A 441 -12.84 -15.67 35.33
N VAL A 442 -13.36 -16.24 34.25
CA VAL A 442 -13.66 -15.46 33.08
C VAL A 442 -14.62 -14.32 33.40
N GLU A 443 -15.68 -14.63 34.14
CA GLU A 443 -16.69 -13.61 34.42
C GLU A 443 -16.18 -12.55 35.40
N GLU A 444 -15.29 -12.95 36.30
CA GLU A 444 -14.65 -11.98 37.18
C GLU A 444 -13.77 -11.01 36.39
N LYS A 445 -12.82 -11.56 35.62
CA LYS A 445 -11.85 -10.71 34.91
C LYS A 445 -12.51 -9.90 33.79
N ALA A 446 -13.48 -10.48 33.09
CA ALA A 446 -14.13 -9.74 32.00
C ALA A 446 -14.83 -8.46 32.53
N GLN A 447 -15.47 -8.58 33.68
CA GLN A 447 -16.08 -7.40 34.30
C GLN A 447 -15.01 -6.39 34.67
N GLN A 448 -13.97 -6.86 35.37
CA GLN A 448 -12.92 -5.97 35.82
C GLN A 448 -12.29 -5.23 34.64
N TRP A 449 -12.04 -5.96 33.58
CA TRP A 449 -11.40 -5.36 32.41
C TRP A 449 -12.31 -4.36 31.68
N ILE A 450 -13.58 -4.73 31.48
CA ILE A 450 -14.49 -3.83 30.77
C ILE A 450 -14.76 -2.58 31.59
N LEU A 451 -14.90 -2.75 32.91
CA LEU A 451 -15.26 -1.66 33.79
C LEU A 451 -14.07 -0.78 34.16
N GLY A 452 -12.87 -1.26 33.84
CA GLY A 452 -11.64 -0.50 34.04
C GLY A 452 -10.90 -0.70 35.36
N SER A 453 -11.28 -1.70 36.16
CA SER A 453 -10.60 -1.91 37.44
C SER A 453 -9.37 -2.80 37.33
N GLY A 454 -9.15 -3.39 36.15
CA GLY A 454 -7.96 -4.19 35.89
C GLY A 454 -7.50 -3.89 34.48
N ASP A 455 -6.24 -4.16 34.19
CA ASP A 455 -5.66 -3.83 32.88
C ASP A 455 -5.37 -5.09 32.08
N ILE A 456 -6.16 -5.32 31.03
CA ILE A 456 -6.10 -6.60 30.35
C ILE A 456 -4.73 -6.85 29.69
N ASP A 457 -4.06 -5.82 29.19
CA ASP A 457 -2.74 -6.06 28.60
C ASP A 457 -1.75 -6.59 29.64
N LYS A 458 -1.83 -6.03 30.84
CA LYS A 458 -0.94 -6.44 31.93
C LYS A 458 -1.30 -7.80 32.47
N GLU A 459 -2.60 -8.11 32.50
CA GLU A 459 -3.11 -9.26 33.25
C GLU A 459 -3.47 -10.49 32.43
N TRP A 460 -3.50 -10.36 31.10
CA TRP A 460 -3.96 -11.48 30.26
C TRP A 460 -3.18 -12.78 30.45
N ASP A 461 -1.85 -12.70 30.41
CA ASP A 461 -1.06 -13.94 30.51
C ASP A 461 -1.28 -14.66 31.83
N ALA A 462 -1.41 -13.92 32.92
CA ALA A 462 -1.65 -14.53 34.24
C ALA A 462 -3.02 -15.19 34.28
N TYR A 463 -3.99 -14.54 33.64
CA TYR A 463 -5.34 -15.09 33.49
C TYR A 463 -5.32 -16.43 32.74
N ILE A 464 -4.57 -16.51 31.63
CA ILE A 464 -4.47 -17.75 30.88
C ILE A 464 -3.82 -18.83 31.76
N LYS A 465 -2.78 -18.45 32.48
CA LYS A 465 -2.13 -19.40 33.38
C LYS A 465 -3.11 -19.89 34.45
N ARG A 466 -3.97 -19.00 34.93
CA ARG A 466 -4.95 -19.40 35.93
C ARG A 466 -5.96 -20.39 35.36
N LEU A 467 -6.41 -20.16 34.13
CA LEU A 467 -7.30 -21.13 33.49
C LEU A 467 -6.60 -22.48 33.33
N GLU A 468 -5.33 -22.44 32.94
CA GLU A 468 -4.57 -23.69 32.79
C GLU A 468 -4.42 -24.39 34.13
N ASN A 469 -4.18 -23.60 35.17
CA ASN A 469 -4.02 -24.16 36.51
C ASN A 469 -5.30 -24.88 36.95
N LEU A 470 -6.44 -24.36 36.53
CA LEU A 470 -7.73 -24.95 36.88
C LEU A 470 -8.05 -26.16 36.03
N GLY A 471 -7.28 -26.34 34.97
CA GLY A 471 -7.40 -27.52 34.11
C GLY A 471 -7.84 -27.30 32.67
N LEU A 472 -7.62 -26.10 32.12
CA LEU A 472 -8.04 -25.82 30.75
C LEU A 472 -7.58 -26.90 29.77
N SER A 473 -6.32 -27.31 29.83
CA SER A 473 -5.81 -28.34 28.91
C SER A 473 -6.52 -29.67 29.03
N LYS A 474 -6.80 -30.10 30.27
CA LYS A 474 -7.51 -31.36 30.48
C LYS A 474 -8.95 -31.26 29.97
N ALA A 475 -9.57 -30.12 30.22
CA ALA A 475 -10.93 -29.88 29.69
C ALA A 475 -10.91 -29.94 28.16
N GLU A 476 -9.90 -29.33 27.54
CA GLU A 476 -9.74 -29.37 26.08
C GLU A 476 -9.62 -30.82 25.60
N GLN A 477 -8.91 -31.65 26.35
CA GLN A 477 -8.73 -33.03 25.94
C GLN A 477 -10.05 -33.78 26.05
N ILE A 478 -10.79 -33.53 27.14
CA ILE A 478 -12.07 -34.18 27.36
C ILE A 478 -13.04 -33.78 26.25
N GLN A 479 -13.05 -32.50 25.90
CA GLN A 479 -13.96 -32.01 24.89
C GLN A 479 -13.67 -32.66 23.55
N ASN A 480 -12.39 -32.71 23.20
CA ASN A 480 -12.03 -33.23 21.88
C ASN A 480 -12.15 -34.76 21.78
N GLU A 481 -12.15 -35.46 22.90
CA GLU A 481 -12.44 -36.90 22.89
C GLU A 481 -13.92 -37.15 22.66
N ALA A 482 -14.74 -36.24 23.17
CA ALA A 482 -16.19 -36.38 23.09
C ALA A 482 -16.74 -35.86 21.78
N PHE A 483 -15.91 -35.15 21.03
CA PHE A 483 -16.34 -34.55 19.77
C PHE A 483 -16.32 -35.59 18.64
N LYS B 11 -21.98 25.76 -8.33
CA LYS B 11 -20.89 25.72 -7.37
C LYS B 11 -20.97 24.43 -6.52
N GLU B 12 -22.16 24.08 -6.02
CA GLU B 12 -22.31 22.82 -5.28
C GLU B 12 -22.04 21.61 -6.19
N THR B 13 -21.08 20.79 -5.79
CA THR B 13 -20.56 19.72 -6.61
C THR B 13 -20.46 18.43 -5.80
N THR B 14 -21.18 17.38 -6.19
CA THR B 14 -21.15 16.15 -5.41
C THR B 14 -19.88 15.37 -5.74
N ILE B 15 -19.37 14.69 -4.74
CA ILE B 15 -18.16 13.90 -4.92
C ILE B 15 -18.25 12.65 -4.05
N PHE B 16 -17.70 11.54 -4.53
CA PHE B 16 -17.39 10.41 -3.66
C PHE B 16 -15.89 10.46 -3.40
N ALA B 17 -15.50 10.68 -2.15
CA ALA B 17 -14.09 10.76 -1.82
C ALA B 17 -13.78 10.26 -0.43
N MET B 18 -12.89 9.28 -0.34
CA MET B 18 -12.38 8.78 0.93
C MET B 18 -10.88 8.58 0.83
N HIS B 19 -10.19 8.66 1.97
CA HIS B 19 -8.77 8.34 2.01
C HIS B 19 -8.35 7.96 3.43
N LEU B 20 -7.59 6.87 3.57
CA LEU B 20 -7.11 6.40 4.87
C LEU B 20 -8.28 6.29 5.87
N GLY B 21 -9.39 5.75 5.36
CA GLY B 21 -10.57 5.48 6.18
C GLY B 21 -11.41 6.70 6.54
N LYS B 22 -11.14 7.85 5.94
CA LYS B 22 -11.88 9.08 6.28
C LYS B 22 -12.54 9.68 5.05
N ALA B 23 -13.85 9.88 5.12
CA ALA B 23 -14.55 10.61 4.07
C ALA B 23 -14.06 12.05 4.05
N LEU B 24 -13.80 12.60 2.86
CA LEU B 24 -13.34 13.98 2.72
C LEU B 24 -14.31 14.93 3.40
N ASP B 25 -13.77 15.77 4.27
CA ASP B 25 -14.54 16.86 4.87
C ASP B 25 -14.17 18.17 4.19
N PRO B 26 -15.11 18.71 3.39
CA PRO B 26 -14.82 19.93 2.61
C PRO B 26 -14.62 21.16 3.49
N ASN B 27 -14.92 21.04 4.77
CA ASN B 27 -14.71 22.13 5.73
C ASN B 27 -13.28 22.20 6.26
N LEU B 28 -12.45 21.23 5.88
CA LEU B 28 -11.03 21.28 6.24
C LEU B 28 -10.38 22.51 5.59
N PRO B 29 -9.40 23.13 6.26
CA PRO B 29 -8.78 24.37 5.77
C PRO B 29 -8.35 24.31 4.30
N VAL B 30 -7.73 23.22 3.88
CA VAL B 30 -7.29 23.11 2.49
C VAL B 30 -8.46 23.24 1.50
N PHE B 31 -9.59 22.64 1.83
CA PHE B 31 -10.68 22.62 0.87
C PHE B 31 -11.55 23.86 0.94
N VAL B 32 -11.51 24.54 2.08
CA VAL B 32 -12.09 25.88 2.18
C VAL B 32 -11.32 26.83 1.24
N LYS B 33 -9.99 26.76 1.29
CA LYS B 33 -9.16 27.60 0.43
C LYS B 33 -9.41 27.24 -1.04
N ALA B 34 -9.49 25.94 -1.34
CA ALA B 34 -9.77 25.52 -2.71
C ALA B 34 -11.13 26.05 -3.17
N GLU B 35 -12.11 26.04 -2.28
CA GLU B 35 -13.43 26.57 -2.63
C GLU B 35 -13.37 28.05 -2.95
N LYS B 36 -12.63 28.81 -2.13
CA LYS B 36 -12.44 30.23 -2.35
C LYS B 36 -11.81 30.50 -3.71
N ASP B 37 -10.79 29.70 -4.04
CA ASP B 37 -10.03 29.89 -5.28
C ASP B 37 -10.76 29.44 -6.55
N THR B 38 -11.66 28.47 -6.43
CA THR B 38 -12.24 27.82 -7.60
C THR B 38 -13.74 28.03 -7.75
N ASN B 39 -14.37 28.47 -6.67
CA ASN B 39 -15.82 28.56 -6.58
C ASN B 39 -16.51 27.20 -6.72
N ILE B 40 -15.76 26.13 -6.46
CA ILE B 40 -16.33 24.79 -6.39
C ILE B 40 -16.57 24.39 -4.93
N LYS B 41 -17.82 24.08 -4.60
CA LYS B 41 -18.15 23.65 -3.23
C LYS B 41 -18.46 22.16 -3.22
N LEU B 42 -17.54 21.37 -2.65
CA LEU B 42 -17.71 19.93 -2.64
C LEU B 42 -18.74 19.51 -1.62
N VAL B 43 -19.56 18.53 -1.99
CA VAL B 43 -20.46 17.87 -1.05
C VAL B 43 -20.25 16.36 -1.18
N ASN B 44 -19.78 15.71 -0.12
CA ASN B 44 -19.45 14.29 -0.19
C ASN B 44 -20.70 13.40 -0.11
N VAL B 45 -20.76 12.36 -0.93
CA VAL B 45 -21.85 11.38 -0.82
C VAL B 45 -21.46 10.24 0.12
N ALA B 46 -20.18 10.17 0.48
CA ALA B 46 -19.75 9.27 1.56
C ALA B 46 -19.97 9.98 2.88
N SER B 47 -20.62 9.30 3.82
CA SER B 47 -20.93 9.92 5.11
C SER B 47 -19.78 9.78 6.10
N GLN B 48 -19.84 10.55 7.18
CA GLN B 48 -18.69 10.61 8.08
C GLN B 48 -18.48 9.31 8.85
N ASN B 49 -19.49 8.45 8.87
CA ASN B 49 -19.32 7.18 9.57
C ASN B 49 -18.88 6.04 8.67
N GLN B 50 -18.63 6.34 7.39
CA GLN B 50 -18.10 5.32 6.50
C GLN B 50 -16.57 5.29 6.54
N THR B 51 -15.99 4.09 6.63
CA THR B 51 -14.53 3.95 6.73
C THR B 51 -13.98 2.88 5.80
N ASP B 52 -14.83 1.99 5.27
CA ASP B 52 -14.40 0.97 4.33
C ASP B 52 -14.55 1.55 2.91
N GLN B 53 -13.46 2.02 2.32
CA GLN B 53 -13.55 2.72 1.03
C GLN B 53 -14.02 1.79 -0.11
N ILE B 54 -13.62 0.53 -0.09
CA ILE B 54 -14.01 -0.36 -1.17
C ILE B 54 -15.52 -0.63 -1.13
N GLN B 55 -16.02 -0.99 0.05
CA GLN B 55 -17.45 -1.27 0.22
C GLN B 55 -18.26 -0.01 -0.07
N ALA B 56 -17.76 1.14 0.38
CA ALA B 56 -18.45 2.41 0.13
C ALA B 56 -18.55 2.73 -1.36
N TYR B 57 -17.44 2.51 -2.07
CA TYR B 57 -17.43 2.75 -3.51
C TYR B 57 -18.44 1.83 -4.20
N ASN B 58 -18.40 0.55 -3.85
CA ASN B 58 -19.34 -0.38 -4.42
C ASN B 58 -20.79 0.02 -4.16
N LEU B 59 -21.10 0.46 -2.94
CA LEU B 59 -22.46 0.89 -2.60
C LEU B 59 -22.85 2.13 -3.41
N MET B 60 -21.93 3.08 -3.49
CA MET B 60 -22.15 4.29 -4.28
C MET B 60 -22.53 3.94 -5.74
N LEU B 61 -21.90 2.93 -6.31
CA LEU B 61 -22.16 2.56 -7.70
C LEU B 61 -23.57 2.03 -7.93
N THR B 62 -24.19 1.50 -6.88
CA THR B 62 -25.51 0.89 -7.04
C THR B 62 -26.60 1.94 -7.20
N GLU B 63 -26.25 3.22 -7.02
CA GLU B 63 -27.27 4.25 -7.02
C GLU B 63 -27.67 4.58 -8.46
N GLY B 64 -26.89 4.10 -9.42
CA GLY B 64 -27.18 4.35 -10.82
C GLY B 64 -26.68 5.74 -11.16
N LYS B 65 -27.37 6.76 -10.66
CA LYS B 65 -26.89 8.13 -10.82
C LYS B 65 -25.62 8.30 -9.97
N LEU B 66 -24.56 8.79 -10.60
CA LEU B 66 -23.27 8.95 -9.96
C LEU B 66 -23.04 10.38 -9.48
N PRO B 67 -22.21 10.57 -8.44
CA PRO B 67 -21.85 11.94 -8.05
C PRO B 67 -21.03 12.60 -9.17
N ASP B 68 -20.96 13.93 -9.17
CA ASP B 68 -20.26 14.67 -10.22
C ASP B 68 -18.81 14.20 -10.38
N ILE B 69 -18.14 14.05 -9.26
CA ILE B 69 -16.77 13.58 -9.22
C ILE B 69 -16.67 12.25 -8.50
N VAL B 70 -15.96 11.29 -9.09
CA VAL B 70 -15.74 9.99 -8.44
C VAL B 70 -14.25 9.80 -8.19
N SER B 71 -13.86 9.72 -6.92
CA SER B 71 -12.47 9.47 -6.52
C SER B 71 -12.38 8.06 -5.94
N TYR B 72 -11.31 7.35 -6.27
CA TYR B 72 -11.18 5.98 -5.76
C TYR B 72 -9.73 5.54 -5.73
N GLU B 73 -9.39 4.72 -4.74
CA GLU B 73 -7.99 4.30 -4.59
C GLU B 73 -7.60 3.21 -5.60
N LEU B 74 -8.59 2.48 -6.13
CA LEU B 74 -8.33 1.39 -7.06
C LEU B 74 -8.52 1.84 -8.52
N SER B 75 -7.42 2.20 -9.18
CA SER B 75 -7.53 2.84 -10.50
C SER B 75 -8.08 1.92 -11.58
N ALA B 76 -7.84 0.61 -11.46
CA ALA B 76 -8.35 -0.31 -12.48
C ALA B 76 -9.87 -0.32 -12.47
N ASP B 77 -10.46 -0.22 -11.28
CA ASP B 77 -11.93 -0.15 -11.17
C ASP B 77 -12.47 1.15 -11.76
N LEU B 78 -11.77 2.27 -11.55
CA LEU B 78 -12.15 3.54 -12.17
C LEU B 78 -12.07 3.44 -13.68
N GLU B 79 -11.02 2.79 -14.18
CA GLU B 79 -10.86 2.64 -15.62
C GLU B 79 -12.03 1.84 -16.17
N ASN B 80 -12.42 0.78 -15.46
CA ASN B 80 -13.56 -0.02 -15.88
C ASN B 80 -14.83 0.81 -15.91
N LEU B 81 -15.00 1.66 -14.90
CA LEU B 81 -16.16 2.54 -14.83
C LEU B 81 -16.18 3.46 -16.05
N GLY B 82 -15.01 3.90 -16.48
CA GLY B 82 -14.88 4.71 -17.67
C GLY B 82 -15.27 3.94 -18.92
N ILE B 83 -14.72 2.74 -19.07
CA ILE B 83 -15.03 1.89 -20.22
C ILE B 83 -16.53 1.60 -20.29
N GLU B 84 -17.15 1.44 -19.13
CA GLU B 84 -18.58 1.17 -19.03
C GLU B 84 -19.45 2.41 -19.23
N GLY B 85 -18.84 3.59 -19.28
CA GLY B 85 -19.59 4.80 -19.55
C GLY B 85 -19.97 5.58 -18.31
N GLY B 86 -19.53 5.10 -17.14
CA GLY B 86 -19.80 5.77 -15.89
C GLY B 86 -19.00 7.06 -15.72
N LEU B 87 -17.76 7.02 -16.20
CA LEU B 87 -16.91 8.21 -16.26
C LEU B 87 -16.74 8.64 -17.70
N ILE B 88 -16.63 9.95 -17.94
CA ILE B 88 -16.48 10.46 -19.30
C ILE B 88 -15.02 10.59 -19.67
N PRO B 89 -14.70 10.46 -20.98
CA PRO B 89 -13.33 10.72 -21.43
C PRO B 89 -12.92 12.16 -21.15
N LEU B 90 -11.68 12.37 -20.75
CA LEU B 90 -11.22 13.69 -20.34
C LEU B 90 -10.24 14.35 -21.32
N GLU B 91 -9.76 13.62 -22.32
CA GLU B 91 -8.61 14.11 -23.07
C GLU B 91 -8.93 15.40 -23.85
N ASP B 92 -10.14 15.51 -24.40
CA ASP B 92 -10.51 16.72 -25.11
C ASP B 92 -10.76 17.88 -24.14
N LEU B 93 -11.44 17.58 -23.04
CA LEU B 93 -11.66 18.57 -21.97
C LEU B 93 -10.33 19.16 -21.49
N ILE B 94 -9.32 18.31 -21.36
CA ILE B 94 -8.01 18.75 -20.93
C ILE B 94 -7.36 19.65 -21.96
N ASN B 95 -7.37 19.21 -23.22
CA ASN B 95 -6.79 20.00 -24.31
C ASN B 95 -7.41 21.38 -24.44
N GLN B 96 -8.71 21.46 -24.18
CA GLN B 96 -9.43 22.71 -24.38
C GLN B 96 -9.46 23.60 -23.14
N HIS B 97 -9.39 23.00 -21.95
CA HIS B 97 -9.67 23.76 -20.74
C HIS B 97 -8.68 23.59 -19.58
N ALA B 98 -7.69 22.73 -19.73
CA ALA B 98 -6.81 22.45 -18.61
C ALA B 98 -5.34 22.55 -18.97
N PRO B 99 -4.83 23.78 -19.09
CA PRO B 99 -3.47 24.06 -19.53
C PRO B 99 -2.42 23.51 -18.57
N ASN B 100 -2.70 23.51 -17.28
CA ASN B 100 -1.72 22.99 -16.33
C ASN B 100 -1.51 21.49 -16.51
N LEU B 101 -2.63 20.76 -16.64
CA LEU B 101 -2.57 19.33 -16.89
C LEU B 101 -1.96 19.03 -18.25
N LYS B 102 -2.32 19.83 -19.24
CA LYS B 102 -1.77 19.66 -20.57
C LYS B 102 -0.24 19.72 -20.52
N LYS B 103 0.29 20.75 -19.83
CA LYS B 103 1.74 20.93 -19.70
C LYS B 103 2.39 19.83 -18.84
N PHE B 104 1.72 19.43 -17.76
CA PHE B 104 2.22 18.35 -16.91
C PHE B 104 2.40 17.04 -17.70
N PHE B 105 1.42 16.71 -18.53
CA PHE B 105 1.51 15.48 -19.31
C PHE B 105 2.64 15.57 -20.34
N GLU B 106 2.87 16.76 -20.90
CA GLU B 106 3.94 16.91 -21.88
C GLU B 106 5.31 16.75 -21.22
N GLU B 107 5.46 17.30 -20.03
CA GLU B 107 6.73 17.22 -19.31
C GLU B 107 6.96 15.83 -18.72
N ASN B 108 5.89 15.06 -18.60
CA ASN B 108 5.96 13.74 -17.97
C ASN B 108 5.23 12.62 -18.72
N PRO B 109 5.77 12.18 -19.87
CA PRO B 109 5.15 11.11 -20.67
C PRO B 109 4.90 9.81 -19.90
N ARG B 110 5.78 9.47 -18.96
CA ARG B 110 5.60 8.26 -18.16
C ARG B 110 4.34 8.38 -17.30
N TYR B 111 4.10 9.58 -16.78
CA TYR B 111 2.90 9.79 -15.98
C TYR B 111 1.66 9.80 -16.87
N LYS B 112 1.79 10.33 -18.09
CA LYS B 112 0.65 10.33 -19.00
C LYS B 112 0.19 8.88 -19.24
N LYS B 113 1.14 7.95 -19.31
CA LYS B 113 0.82 6.55 -19.52
C LYS B 113 -0.13 6.01 -18.42
N ASP B 114 0.05 6.47 -17.18
CA ASP B 114 -0.82 6.05 -16.08
C ASP B 114 -2.26 6.49 -16.27
N ALA B 115 -2.44 7.57 -17.03
CA ALA B 115 -3.76 8.17 -17.16
C ALA B 115 -4.53 7.67 -18.38
N VAL B 116 -3.83 7.05 -19.32
CA VAL B 116 -4.46 6.65 -20.56
C VAL B 116 -4.89 5.18 -20.48
N ALA B 117 -6.18 4.95 -20.70
CA ALA B 117 -6.79 3.62 -20.62
C ALA B 117 -6.42 2.77 -21.82
N VAL B 118 -6.76 1.49 -21.71
CA VAL B 118 -6.48 0.52 -22.75
C VAL B 118 -7.11 0.94 -24.09
N ASP B 119 -8.26 1.60 -24.05
CA ASP B 119 -8.94 2.05 -25.27
C ASP B 119 -8.51 3.43 -25.77
N GLY B 120 -7.49 4.00 -25.14
CA GLY B 120 -6.94 5.28 -25.58
C GLY B 120 -7.54 6.54 -24.96
N HIS B 121 -8.62 6.38 -24.21
CA HIS B 121 -9.24 7.50 -23.51
C HIS B 121 -8.58 7.74 -22.16
N ILE B 122 -8.67 8.97 -21.67
CA ILE B 122 -8.31 9.26 -20.28
C ILE B 122 -9.59 9.34 -19.46
N TYR B 123 -9.75 8.44 -18.48
CA TYR B 123 -10.96 8.44 -17.66
C TYR B 123 -10.76 9.01 -16.26
N MET B 124 -9.50 9.21 -15.89
CA MET B 124 -9.17 9.66 -14.56
C MET B 124 -7.83 10.38 -14.55
N ILE B 125 -7.68 11.33 -13.64
CA ILE B 125 -6.38 11.90 -13.35
C ILE B 125 -5.87 11.18 -12.11
N PRO B 126 -4.73 10.47 -12.24
CA PRO B 126 -4.17 9.78 -11.05
C PRO B 126 -3.70 10.75 -9.97
N ASN B 127 -3.58 10.25 -8.74
CA ASN B 127 -2.86 10.98 -7.73
C ASN B 127 -1.40 10.55 -7.81
N TYR B 128 -0.55 11.40 -8.40
CA TYR B 128 0.84 11.04 -8.65
C TYR B 128 1.76 11.26 -7.46
N TYR B 129 2.61 10.29 -7.18
CA TYR B 129 3.76 10.53 -6.31
C TYR B 129 4.79 11.35 -7.10
N ASP B 130 5.78 11.93 -6.41
CA ASP B 130 6.85 12.63 -7.11
C ASP B 130 7.98 11.61 -7.33
N TYR B 131 7.66 10.61 -8.12
CA TYR B 131 8.46 9.40 -8.24
C TYR B 131 9.87 9.67 -8.70
N PHE B 132 10.03 10.62 -9.61
CA PHE B 132 11.36 10.84 -10.18
C PHE B 132 12.26 11.69 -9.28
N ASN B 133 11.73 12.08 -8.12
CA ASN B 133 12.54 12.69 -7.07
C ASN B 133 12.72 11.80 -5.84
N ILE B 134 11.68 11.07 -5.46
CA ILE B 134 11.78 10.08 -4.40
C ILE B 134 11.02 8.84 -4.80
N LYS B 135 11.73 7.72 -4.94
CA LYS B 135 11.09 6.51 -5.43
C LYS B 135 11.13 5.34 -4.46
N VAL B 136 11.73 5.52 -3.28
CA VAL B 136 11.65 4.48 -2.25
C VAL B 136 10.38 4.73 -1.43
N SER B 137 9.96 3.73 -0.66
CA SER B 137 8.76 3.88 0.18
C SER B 137 9.04 3.36 1.58
N GLN B 138 8.74 2.09 1.81
CA GLN B 138 8.94 1.50 3.13
C GLN B 138 10.35 0.95 3.32
N GLY B 139 10.79 0.95 4.58
CA GLY B 139 12.04 0.32 4.94
C GLY B 139 11.92 -0.35 6.28
N TYR B 140 12.94 -1.14 6.62
CA TYR B 140 12.95 -1.89 7.87
C TYR B 140 13.66 -1.09 8.97
N PHE B 141 13.02 -1.02 10.13
CA PHE B 141 13.55 -0.28 11.28
C PHE B 141 13.68 -1.17 12.51
N ILE B 142 14.68 -0.93 13.34
CA ILE B 142 14.83 -1.71 14.57
C ILE B 142 15.32 -0.80 15.70
N ARG B 143 14.96 -1.12 16.93
CA ARG B 143 15.38 -0.34 18.10
C ARG B 143 16.83 -0.60 18.41
N GLN B 144 17.69 0.24 17.86
CA GLN B 144 19.13 0.13 18.09
C GLN B 144 19.46 0.24 19.58
N ASP B 145 18.71 1.06 20.30
CA ASP B 145 18.98 1.22 21.72
C ASP B 145 18.66 -0.07 22.48
N TRP B 146 17.70 -0.84 21.99
CA TRP B 146 17.37 -2.12 22.61
C TRP B 146 18.43 -3.17 22.28
N LEU B 147 18.95 -3.13 21.06
CA LEU B 147 20.06 -4.00 20.70
C LEU B 147 21.21 -3.77 21.66
N GLU B 148 21.54 -2.49 21.87
CA GLU B 148 22.66 -2.13 22.73
C GLU B 148 22.43 -2.55 24.18
N LYS B 149 21.23 -2.31 24.68
CA LYS B 149 20.89 -2.70 26.04
C LYS B 149 21.03 -4.20 26.26
N LEU B 150 20.66 -5.00 25.26
CA LEU B 150 20.68 -6.46 25.40
C LEU B 150 21.97 -7.11 24.92
N GLY B 151 22.92 -6.29 24.47
CA GLY B 151 24.20 -6.77 24.00
C GLY B 151 24.13 -7.60 22.73
N LEU B 152 23.20 -7.21 21.85
CA LEU B 152 22.97 -7.91 20.60
C LEU B 152 23.48 -7.10 19.41
N LYS B 153 23.87 -7.78 18.34
CA LYS B 153 24.25 -7.08 17.13
C LYS B 153 23.02 -6.87 16.23
N GLU B 154 23.13 -5.96 15.27
CA GLU B 154 22.02 -5.77 14.32
C GLU B 154 21.82 -7.08 13.52
N PRO B 155 20.59 -7.65 13.57
CA PRO B 155 20.39 -8.90 12.82
C PRO B 155 20.44 -8.62 11.33
N ARG B 156 21.00 -9.55 10.56
CA ARG B 156 21.15 -9.32 9.15
C ARG B 156 20.41 -10.35 8.28
N THR B 157 19.96 -11.42 8.90
CA THR B 157 19.16 -12.43 8.21
C THR B 157 17.81 -12.59 8.88
N VAL B 158 16.88 -13.25 8.21
CA VAL B 158 15.55 -13.47 8.79
C VAL B 158 15.66 -14.32 10.05
N ASP B 159 16.53 -15.32 10.02
CA ASP B 159 16.75 -16.15 11.22
C ASP B 159 17.27 -15.32 12.38
N GLU B 160 18.19 -14.40 12.10
CA GLU B 160 18.73 -13.56 13.16
C GLU B 160 17.68 -12.59 13.68
N LEU B 161 16.81 -12.12 12.78
CA LEU B 161 15.72 -11.24 13.17
C LEU B 161 14.82 -11.98 14.15
N TYR B 162 14.48 -13.23 13.82
CA TYR B 162 13.66 -14.06 14.71
C TYR B 162 14.28 -14.16 16.10
N THR B 163 15.56 -14.49 16.15
CA THR B 163 16.27 -14.62 17.40
C THR B 163 16.26 -13.31 18.19
N THR B 164 16.39 -12.20 17.46
CA THR B 164 16.41 -10.87 18.06
C THR B 164 15.05 -10.50 18.62
N LEU B 165 13.99 -10.75 17.85
CA LEU B 165 12.63 -10.44 18.30
C LEU B 165 12.29 -11.24 19.55
N LYS B 166 12.74 -12.49 19.58
CA LYS B 166 12.53 -13.33 20.75
C LYS B 166 13.18 -12.71 21.98
N ALA B 167 14.38 -12.19 21.82
CA ALA B 167 15.06 -11.52 22.93
C ALA B 167 14.30 -10.26 23.36
N PHE B 168 13.78 -9.51 22.39
CA PHE B 168 12.97 -8.35 22.71
C PHE B 168 11.75 -8.74 23.54
N ARG B 169 11.16 -9.87 23.19
CA ARG B 169 9.94 -10.32 23.86
C ARG B 169 10.25 -10.86 25.25
N GLU B 170 11.38 -11.55 25.38
CA GLU B 170 11.63 -12.33 26.59
C GLU B 170 12.55 -11.65 27.60
N LYS B 171 13.35 -10.67 27.16
CA LYS B 171 14.39 -10.13 28.04
C LYS B 171 14.20 -8.68 28.47
N ASP B 172 12.95 -8.19 28.37
CA ASP B 172 12.57 -6.90 28.98
C ASP B 172 13.50 -5.72 28.61
N PRO B 173 13.67 -5.45 27.30
CA PRO B 173 14.57 -4.35 26.94
C PRO B 173 14.12 -2.97 27.42
N ASN B 174 12.84 -2.73 27.67
CA ASN B 174 12.44 -1.41 28.16
C ASN B 174 12.53 -1.34 29.69
N GLY B 175 12.96 -2.42 30.31
CA GLY B 175 13.37 -2.39 31.70
C GLY B 175 12.34 -2.22 32.82
N ASN B 176 11.08 -2.48 32.53
CA ASN B 176 10.05 -2.27 33.54
C ASN B 176 9.57 -3.53 34.27
N GLY B 177 10.24 -4.65 34.05
CA GLY B 177 9.90 -5.90 34.72
C GLY B 177 8.60 -6.55 34.26
N LYS B 178 8.03 -6.02 33.18
CA LYS B 178 6.83 -6.60 32.61
C LYS B 178 7.13 -7.13 31.22
N LYS B 179 6.47 -8.22 30.87
CA LYS B 179 6.56 -8.77 29.52
C LYS B 179 5.56 -8.06 28.63
N ASP B 180 5.88 -6.81 28.30
CA ASP B 180 4.92 -5.97 27.56
C ASP B 180 5.41 -5.62 26.16
N GLU B 181 6.62 -6.05 25.83
CA GLU B 181 7.25 -5.69 24.57
C GLU B 181 6.50 -6.28 23.38
N VAL B 182 6.37 -5.47 22.33
CA VAL B 182 5.80 -5.87 21.05
C VAL B 182 6.93 -5.80 20.05
N PRO B 183 7.61 -6.94 19.81
CA PRO B 183 8.88 -6.88 19.08
C PRO B 183 8.75 -6.31 17.69
N PHE B 184 7.79 -6.81 16.91
CA PHE B 184 7.60 -6.35 15.54
C PHE B 184 6.14 -5.94 15.34
N PHE B 185 5.95 -4.76 14.77
CA PHE B 185 4.61 -4.24 14.51
C PHE B 185 4.56 -3.59 13.13
N VAL B 186 3.34 -3.31 12.66
CA VAL B 186 3.16 -2.66 11.37
C VAL B 186 2.16 -1.51 11.52
N ARG B 187 1.94 -0.78 10.44
CA ARG B 187 0.97 0.32 10.47
C ARG B 187 0.15 0.27 9.19
N ALA B 188 -1.15 0.05 9.33
CA ALA B 188 -1.99 -0.24 8.18
C ALA B 188 -3.43 0.09 8.47
N ASN B 189 -4.22 0.30 7.42
CA ASN B 189 -5.65 0.44 7.62
C ASN B 189 -6.49 -0.55 6.83
N ASN B 190 -5.87 -1.56 6.23
CA ASN B 190 -6.64 -2.69 5.68
C ASN B 190 -5.78 -3.95 5.66
N VAL B 191 -6.41 -5.09 5.41
CA VAL B 191 -5.69 -6.36 5.53
C VAL B 191 -4.55 -6.45 4.51
N ARG B 192 -4.78 -5.95 3.30
CA ARG B 192 -3.72 -5.98 2.29
C ARG B 192 -2.48 -5.25 2.78
N LYS B 193 -2.66 -4.09 3.39
CA LYS B 193 -1.53 -3.32 3.87
C LYS B 193 -0.82 -4.00 5.04
N VAL B 194 -1.58 -4.71 5.88
CA VAL B 194 -0.98 -5.50 6.94
C VAL B 194 -0.08 -6.58 6.34
N LEU B 195 -0.64 -7.35 5.42
CA LEU B 195 0.14 -8.41 4.77
C LEU B 195 1.36 -7.86 4.04
N THR B 196 1.19 -6.70 3.40
CA THR B 196 2.27 -6.04 2.68
C THR B 196 3.50 -5.82 3.57
N SER B 197 3.27 -5.44 4.82
CA SER B 197 4.36 -5.09 5.73
C SER B 197 4.85 -6.28 6.55
N LEU B 198 4.25 -7.44 6.32
CA LEU B 198 4.66 -8.66 7.02
C LEU B 198 5.33 -9.69 6.08
N VAL B 199 4.83 -9.84 4.87
CA VAL B 199 5.32 -10.95 4.05
C VAL B 199 6.58 -10.58 3.24
N ASP B 200 6.88 -9.29 3.11
CA ASP B 200 8.08 -8.89 2.38
C ASP B 200 9.34 -9.35 3.11
N LEU B 201 9.25 -9.45 4.43
CA LEU B 201 10.31 -10.02 5.26
C LEU B 201 10.82 -11.33 4.69
N PHE B 202 9.88 -12.14 4.20
CA PHE B 202 10.15 -13.50 3.75
C PHE B 202 10.24 -13.58 2.23
N LYS B 203 10.43 -12.43 1.61
CA LYS B 203 10.61 -12.32 0.16
C LYS B 203 9.41 -12.85 -0.62
N ALA B 204 8.24 -12.71 -0.04
CA ALA B 204 6.97 -13.03 -0.70
C ALA B 204 6.25 -11.74 -1.08
N SER B 205 5.18 -11.88 -1.87
CA SER B 205 4.38 -10.72 -2.27
C SER B 205 2.89 -11.03 -2.11
N PRO B 206 2.11 -10.04 -1.63
CA PRO B 206 0.67 -10.22 -1.51
C PRO B 206 -0.05 -9.85 -2.81
N ILE B 207 0.70 -9.41 -3.82
CA ILE B 207 0.09 -8.96 -5.09
C ILE B 207 0.78 -9.59 -6.31
N TRP B 208 0.53 -9.06 -7.51
CA TRP B 208 1.24 -9.55 -8.69
C TRP B 208 2.64 -8.95 -8.80
N TYR B 209 3.60 -9.74 -9.29
CA TYR B 209 4.97 -9.28 -9.48
C TYR B 209 5.63 -9.97 -10.68
N GLU B 210 6.74 -9.42 -11.15
CA GLU B 210 7.49 -10.06 -12.25
C GLU B 210 8.86 -10.55 -11.79
N GLU B 211 9.24 -11.77 -12.20
CA GLU B 211 10.56 -12.29 -11.90
C GLU B 211 11.07 -13.21 -13.01
N ASN B 212 12.26 -12.92 -13.53
CA ASN B 212 12.85 -13.70 -14.63
C ASN B 212 11.90 -13.76 -15.83
N GLY B 213 11.25 -12.64 -16.14
CA GLY B 213 10.36 -12.60 -17.27
C GLY B 213 8.96 -13.14 -17.06
N MET B 214 8.67 -13.69 -15.88
CA MET B 214 7.34 -14.27 -15.68
C MET B 214 6.57 -13.42 -14.67
N VAL B 215 5.29 -13.22 -14.94
CA VAL B 215 4.42 -12.44 -14.05
C VAL B 215 3.59 -13.42 -13.23
N LYS B 216 3.73 -13.34 -11.92
CA LYS B 216 3.08 -14.31 -11.06
C LYS B 216 2.22 -13.67 -9.99
N TYR B 217 1.27 -14.43 -9.47
CA TYR B 217 0.43 -13.97 -8.39
C TYR B 217 1.09 -14.38 -7.08
N GLY B 218 1.56 -13.39 -6.35
CA GLY B 218 2.27 -13.64 -5.09
C GLY B 218 1.61 -14.62 -4.13
N PRO B 219 0.32 -14.44 -3.82
CA PRO B 219 -0.34 -15.30 -2.82
C PRO B 219 -0.46 -16.77 -3.22
N ALA B 220 -0.21 -17.10 -4.48
CA ALA B 220 -0.27 -18.50 -4.94
C ALA B 220 1.10 -19.19 -4.91
N GLN B 221 2.12 -18.48 -4.46
CA GLN B 221 3.49 -19.02 -4.49
C GLN B 221 3.90 -19.71 -3.19
N LYS B 222 4.81 -20.68 -3.29
CA LYS B 222 5.29 -21.35 -2.10
C LYS B 222 5.99 -20.37 -1.15
N GLU B 223 6.52 -19.26 -1.68
CA GLU B 223 7.20 -18.29 -0.82
C GLU B 223 6.18 -17.62 0.11
N PHE B 224 4.97 -17.44 -0.42
CA PHE B 224 3.88 -16.88 0.35
C PHE B 224 3.44 -17.89 1.41
N LYS B 225 3.37 -19.18 1.04
CA LYS B 225 3.03 -20.20 2.02
C LYS B 225 4.03 -20.18 3.18
N HIS B 226 5.32 -20.11 2.86
CA HIS B 226 6.33 -20.08 3.91
C HIS B 226 6.21 -18.81 4.77
N ALA B 227 5.94 -17.67 4.11
CA ALA B 227 5.80 -16.42 4.85
C ALA B 227 4.69 -16.53 5.89
N ILE B 228 3.55 -17.03 5.46
CA ILE B 228 2.39 -17.13 6.35
C ILE B 228 2.66 -18.11 7.48
N LYS B 229 3.29 -19.23 7.14
CA LYS B 229 3.59 -20.25 8.14
C LYS B 229 4.54 -19.70 9.22
N GLU B 230 5.57 -18.96 8.80
CA GLU B 230 6.47 -18.31 9.73
C GLU B 230 5.73 -17.29 10.59
N LEU B 231 4.89 -16.47 9.95
CA LEU B 231 4.16 -15.45 10.67
C LEU B 231 3.21 -16.07 11.69
N SER B 232 2.63 -17.22 11.35
CA SER B 232 1.76 -17.93 12.30
C SER B 232 2.56 -18.31 13.55
N LYS B 233 3.78 -18.77 13.33
CA LYS B 233 4.66 -19.16 14.42
C LYS B 233 5.09 -17.96 15.25
N TRP B 234 5.48 -16.88 14.57
CA TRP B 234 5.92 -15.69 15.29
C TRP B 234 4.74 -15.08 16.06
N TYR B 235 3.54 -15.16 15.47
CA TYR B 235 2.33 -14.69 16.15
C TYR B 235 2.10 -15.46 17.45
N LYS B 236 2.14 -16.79 17.35
CA LYS B 236 1.97 -17.63 18.54
C LYS B 236 3.00 -17.30 19.61
N GLU B 237 4.23 -17.01 19.21
CA GLU B 237 5.30 -16.76 20.16
C GLU B 237 5.38 -15.32 20.64
N GLY B 238 4.42 -14.50 20.21
CA GLY B 238 4.35 -13.12 20.67
C GLY B 238 5.40 -12.21 20.08
N LEU B 239 5.95 -12.58 18.93
CA LEU B 239 7.02 -11.80 18.30
C LEU B 239 6.48 -10.76 17.34
N ILE B 240 5.30 -11.00 16.80
CA ILE B 240 4.63 -9.94 16.07
C ILE B 240 3.37 -9.55 16.85
N ASP B 241 3.03 -8.27 16.78
CA ASP B 241 1.86 -7.68 17.44
C ASP B 241 0.62 -8.56 17.34
N GLU B 242 0.04 -8.93 18.48
CA GLU B 242 -1.18 -9.75 18.49
C GLU B 242 -2.31 -9.04 17.74
N GLU B 243 -2.23 -7.71 17.72
CA GLU B 243 -3.24 -6.89 17.08
C GLU B 243 -2.86 -6.40 15.67
N ILE B 244 -1.95 -7.09 14.98
CA ILE B 244 -1.56 -6.66 13.62
C ILE B 244 -2.75 -6.26 12.72
N PHE B 245 -3.83 -7.05 12.75
CA PHE B 245 -4.93 -6.80 11.80
C PHE B 245 -5.97 -5.79 12.30
N THR B 246 -5.90 -5.42 13.58
CA THR B 246 -6.93 -4.56 14.17
C THR B 246 -6.43 -3.25 14.75
N ARG B 247 -5.14 -3.13 15.04
CA ARG B 247 -4.66 -1.95 15.77
C ARG B 247 -4.85 -0.66 14.98
N GLY B 248 -4.76 -0.73 13.65
CA GLY B 248 -5.07 0.43 12.84
C GLY B 248 -3.94 1.45 12.73
N LEU B 249 -4.25 2.62 12.19
CA LEU B 249 -3.21 3.57 11.80
C LEU B 249 -2.51 4.25 12.97
N GLU B 250 -3.08 4.11 14.18
CA GLU B 250 -2.43 4.67 15.36
C GLU B 250 -1.39 3.74 15.96
N SER B 251 -1.20 2.57 15.35
CA SER B 251 -0.32 1.53 15.91
C SER B 251 1.06 2.03 16.24
N ARG B 252 1.72 2.64 15.25
CA ARG B 252 3.10 3.08 15.39
C ARG B 252 3.23 4.14 16.49
N ASP B 253 2.38 5.16 16.43
CA ASP B 253 2.37 6.21 17.47
C ASP B 253 2.26 5.60 18.87
N TYR B 254 1.32 4.70 19.04
CA TYR B 254 1.06 4.12 20.35
C TYR B 254 2.21 3.26 20.82
N LEU B 255 2.65 2.33 19.97
CA LEU B 255 3.67 1.37 20.37
C LEU B 255 5.03 2.02 20.55
N LEU B 256 5.34 3.05 19.78
CA LEU B 256 6.63 3.71 19.97
C LEU B 256 6.61 4.67 21.15
N SER B 257 5.55 5.49 21.28
CA SER B 257 5.53 6.50 22.33
C SER B 257 5.43 5.85 23.72
N ASN B 258 4.89 4.64 23.79
CA ASN B 258 4.81 3.92 25.06
C ASN B 258 5.97 2.94 25.27
N ASN B 259 6.98 3.03 24.40
CA ASN B 259 8.21 2.23 24.51
C ASN B 259 7.91 0.74 24.52
N LEU B 260 6.99 0.32 23.66
CA LEU B 260 6.61 -1.07 23.54
C LEU B 260 7.16 -1.72 22.27
N GLY B 261 7.28 -0.93 21.21
CA GLY B 261 7.60 -1.48 19.90
C GLY B 261 9.09 -1.59 19.62
N GLY B 262 9.51 -2.73 19.07
CA GLY B 262 10.93 -2.97 18.82
C GLY B 262 11.42 -2.89 17.38
N ALA B 263 10.51 -3.02 16.42
CA ALA B 263 10.90 -3.12 15.03
C ALA B 263 9.68 -2.97 14.15
N THR B 264 9.89 -2.46 12.94
CA THR B 264 8.77 -2.35 12.01
C THR B 264 9.25 -2.31 10.56
N ASP B 265 8.27 -2.21 9.67
CA ASP B 265 8.47 -2.10 8.23
C ASP B 265 7.46 -1.02 7.82
N ASP B 266 7.93 0.18 7.49
CA ASP B 266 7.03 1.32 7.33
C ASP B 266 7.74 2.41 6.52
N TRP B 267 6.98 3.43 6.09
CA TRP B 267 7.52 4.49 5.25
C TRP B 267 8.72 5.19 5.89
N ILE B 268 9.76 5.46 5.10
CA ILE B 268 11.03 5.87 5.68
C ILE B 268 10.95 7.25 6.35
N ALA B 269 10.36 8.25 5.71
CA ALA B 269 10.39 9.59 6.31
C ALA B 269 9.59 9.69 7.60
N SER B 270 8.33 9.26 7.59
CA SER B 270 7.54 9.39 8.83
C SER B 270 8.09 8.51 9.94
N THR B 271 8.61 7.32 9.60
CA THR B 271 9.12 6.43 10.66
C THR B 271 10.42 6.99 11.26
N SER B 272 11.20 7.73 10.46
CA SER B 272 12.43 8.36 10.93
C SER B 272 12.17 9.56 11.84
N SER B 273 10.94 10.04 11.87
CA SER B 273 10.63 11.24 12.66
C SER B 273 10.60 10.98 14.18
N TYR B 274 10.50 9.72 14.58
CA TYR B 274 10.31 9.43 16.00
C TYR B 274 11.52 9.66 16.88
N ASN B 275 12.70 9.55 16.31
CA ASN B 275 13.92 9.75 17.11
C ASN B 275 13.95 11.13 17.76
N ARG B 276 13.67 12.18 16.99
CA ARG B 276 13.66 13.52 17.56
C ARG B 276 12.48 13.69 18.50
N ASN B 277 11.33 13.21 18.05
CA ASN B 277 10.08 13.34 18.80
C ASN B 277 10.10 12.71 20.19
N LEU B 278 10.76 11.56 20.32
CA LEU B 278 10.72 10.80 21.57
C LEU B 278 12.01 10.88 22.37
N ALA B 279 12.94 11.73 21.93
CA ALA B 279 14.26 11.84 22.54
C ALA B 279 14.23 12.13 24.04
N ASP B 280 13.28 12.98 24.46
CA ASP B 280 13.16 13.33 25.87
C ASP B 280 12.30 12.31 26.62
N LYS B 281 11.22 11.87 25.98
CA LYS B 281 10.28 10.98 26.64
C LYS B 281 10.91 9.62 26.90
N ILE B 282 11.71 9.16 25.95
CA ILE B 282 12.39 7.87 26.07
C ILE B 282 13.89 8.07 25.81
N PRO B 283 14.65 8.42 26.86
CA PRO B 283 16.08 8.67 26.72
C PRO B 283 16.81 7.54 26.00
N GLY B 284 17.55 7.87 24.95
CA GLY B 284 18.31 6.88 24.19
C GLY B 284 17.56 6.26 23.02
N PHE B 285 16.27 6.59 22.88
CA PHE B 285 15.43 6.06 21.81
C PHE B 285 16.11 6.17 20.47
N ASN B 286 16.26 5.04 19.79
CA ASN B 286 16.89 5.04 18.47
C ASN B 286 16.26 3.98 17.59
N LEU B 287 15.23 4.39 16.85
CA LEU B 287 14.60 3.52 15.87
C LEU B 287 15.30 3.78 14.55
N LYS B 288 16.08 2.79 14.13
CA LYS B 288 17.09 2.96 13.08
C LYS B 288 16.79 2.15 11.84
N LEU B 289 16.96 2.76 10.66
CA LEU B 289 16.78 2.07 9.39
C LEU B 289 17.87 1.02 9.18
N VAL B 290 17.47 -0.18 8.77
CA VAL B 290 18.44 -1.20 8.39
C VAL B 290 18.08 -1.72 6.99
N LEU B 291 19.05 -2.27 6.30
CA LEU B 291 18.77 -2.87 4.99
C LEU B 291 17.88 -4.09 5.17
N PRO B 292 17.06 -4.42 4.15
CA PRO B 292 16.19 -5.61 4.26
C PRO B 292 16.97 -6.83 4.69
N TYR B 293 16.40 -7.60 5.61
CA TYR B 293 17.10 -8.77 6.13
C TYR B 293 17.25 -9.80 5.01
N GLU B 294 18.37 -10.49 5.01
CA GLU B 294 18.64 -11.46 3.96
C GLU B 294 17.96 -12.79 4.26
N LEU B 295 17.40 -13.42 3.24
CA LEU B 295 16.85 -14.78 3.32
C LEU B 295 17.54 -15.63 2.29
N ASN B 296 18.38 -16.56 2.76
CA ASN B 296 19.15 -17.40 1.85
C ASN B 296 19.82 -16.60 0.74
N GLY B 297 20.45 -15.49 1.11
CA GLY B 297 21.21 -14.69 0.17
C GLY B 297 20.41 -13.62 -0.56
N ASN B 298 19.09 -13.67 -0.43
CA ASN B 298 18.22 -12.69 -1.08
C ASN B 298 18.15 -11.42 -0.22
N ALA B 299 18.69 -10.31 -0.72
CA ALA B 299 18.77 -9.07 0.06
C ALA B 299 17.74 -8.01 -0.35
N LYS B 300 16.83 -8.37 -1.25
CA LYS B 300 15.96 -7.39 -1.90
C LYS B 300 14.65 -7.17 -1.15
N THR B 301 14.09 -5.98 -1.32
CA THR B 301 12.73 -5.72 -0.88
C THR B 301 11.87 -5.32 -2.08
N ARG B 302 10.60 -5.67 -2.03
CA ARG B 302 9.66 -5.24 -3.08
C ARG B 302 8.92 -3.98 -2.68
N HIS B 303 9.30 -3.37 -1.56
CA HIS B 303 8.73 -2.07 -1.20
C HIS B 303 9.35 -0.99 -2.09
N ALA B 304 8.54 -0.44 -2.98
CA ALA B 304 8.98 0.68 -3.79
C ALA B 304 7.81 1.63 -3.96
N ARG B 305 8.11 2.93 -4.10
CA ARG B 305 7.02 3.84 -4.39
C ARG B 305 6.53 3.55 -5.80
N THR B 306 5.21 3.64 -6.01
CA THR B 306 4.64 3.58 -7.36
C THR B 306 4.63 4.98 -7.98
N THR B 307 4.32 5.08 -9.27
CA THR B 307 4.23 6.41 -9.88
C THR B 307 2.98 7.15 -9.40
N TYR B 308 1.95 6.41 -9.02
CA TYR B 308 0.71 7.04 -8.59
C TYR B 308 -0.06 6.11 -7.65
N LEU B 309 -1.09 6.67 -7.03
CA LEU B 309 -2.02 5.90 -6.23
C LEU B 309 -3.42 6.43 -6.46
N GLY B 310 -4.31 5.60 -6.99
CA GLY B 310 -5.69 5.99 -7.21
C GLY B 310 -5.85 7.16 -8.17
N GLY B 311 -7.02 7.79 -8.16
CA GLY B 311 -7.25 8.93 -9.03
C GLY B 311 -8.69 9.39 -8.94
N TRP B 312 -9.08 10.37 -9.75
CA TRP B 312 -10.49 10.75 -9.81
CA TRP B 312 -10.49 10.74 -9.80
C TRP B 312 -10.90 11.11 -11.22
N GLY B 313 -12.22 11.02 -11.47
CA GLY B 313 -12.78 11.30 -12.76
C GLY B 313 -14.12 12.02 -12.65
N ILE B 314 -14.68 12.36 -13.80
CA ILE B 314 -15.95 13.08 -13.87
C ILE B 314 -17.02 12.12 -14.40
N SER B 315 -18.12 11.99 -13.68
CA SER B 315 -19.14 11.03 -14.08
C SER B 315 -20.02 11.54 -15.21
N LYS B 316 -20.71 10.59 -15.82
CA LYS B 316 -21.68 10.84 -16.88
C LYS B 316 -22.85 11.70 -16.42
N ASP B 317 -23.02 11.83 -15.11
CA ASP B 317 -24.14 12.57 -14.55
C ASP B 317 -23.78 14.02 -14.22
N ALA B 318 -22.50 14.37 -14.29
CA ALA B 318 -22.10 15.76 -14.05
C ALA B 318 -22.68 16.68 -15.13
N LYS B 319 -23.36 17.74 -14.69
CA LYS B 319 -24.00 18.68 -15.61
C LYS B 319 -23.03 19.66 -16.23
N ASP B 320 -21.94 19.95 -15.53
CA ASP B 320 -20.99 20.95 -16.01
C ASP B 320 -19.57 20.39 -16.00
N PRO B 321 -19.26 19.48 -16.92
CA PRO B 321 -17.92 18.86 -16.94
C PRO B 321 -16.81 19.86 -17.21
N VAL B 322 -17.10 20.92 -17.97
CA VAL B 322 -16.08 21.91 -18.26
C VAL B 322 -15.61 22.57 -16.97
N SER B 323 -16.56 22.94 -16.11
CA SER B 323 -16.21 23.52 -14.83
C SER B 323 -15.36 22.56 -13.99
N LEU B 324 -15.68 21.28 -14.07
CA LEU B 324 -14.97 20.29 -13.23
C LEU B 324 -13.58 20.00 -13.76
N ILE B 325 -13.38 20.01 -15.09
CA ILE B 325 -12.03 19.81 -15.56
C ILE B 325 -11.18 21.03 -15.19
N LYS B 326 -11.79 22.21 -15.11
CA LYS B 326 -11.03 23.38 -14.63
C LYS B 326 -10.68 23.23 -13.15
N TYR B 327 -11.55 22.57 -12.41
CA TYR B 327 -11.28 22.27 -11.00
C TYR B 327 -10.10 21.30 -10.90
N PHE B 328 -10.13 20.23 -11.70
CA PHE B 328 -9.02 19.29 -11.76
C PHE B 328 -7.74 20.04 -12.09
N ASP B 329 -7.83 20.99 -13.02
CA ASP B 329 -6.64 21.72 -13.45
C ASP B 329 -6.10 22.65 -12.37
N TYR B 330 -6.97 23.16 -11.50
CA TYR B 330 -6.53 24.04 -10.40
C TYR B 330 -5.47 23.37 -9.55
N TRP B 331 -5.62 22.08 -9.34
CA TRP B 331 -4.70 21.36 -8.47
C TRP B 331 -3.32 21.20 -9.11
N TYR B 332 -3.23 21.50 -10.40
CA TYR B 332 -1.95 21.44 -11.11
C TYR B 332 -1.35 22.83 -11.35
N SER B 333 -2.05 23.87 -10.89
CA SER B 333 -1.49 25.23 -10.88
C SER B 333 -0.43 25.33 -9.80
N VAL B 334 0.42 26.35 -9.87
CA VAL B 334 1.43 26.55 -8.84
C VAL B 334 0.76 26.64 -7.47
N GLU B 335 -0.27 27.47 -7.36
CA GLU B 335 -0.94 27.66 -6.07
C GLU B 335 -1.73 26.44 -5.61
N GLY B 336 -2.42 25.79 -6.53
CA GLY B 336 -3.24 24.63 -6.19
C GLY B 336 -2.38 23.44 -5.78
N ARG B 337 -1.30 23.22 -6.51
CA ARG B 337 -0.42 22.11 -6.16
C ARG B 337 0.27 22.37 -4.83
N ARG B 338 0.68 23.62 -4.60
CA ARG B 338 1.30 23.95 -3.32
C ARG B 338 0.31 23.75 -2.18
N LEU B 339 -0.94 24.15 -2.40
CA LEU B 339 -1.99 23.99 -1.40
C LEU B 339 -2.18 22.53 -1.03
N TRP B 340 -2.33 21.69 -2.04
CA TRP B 340 -2.55 20.26 -1.81
C TRP B 340 -1.40 19.65 -1.02
N ASN B 341 -0.18 20.06 -1.34
CA ASN B 341 1.01 19.48 -0.72
C ASN B 341 1.38 20.03 0.66
N PHE B 342 1.23 21.35 0.84
CA PHE B 342 1.81 22.05 1.99
C PHE B 342 0.80 22.58 3.01
N GLY B 343 -0.48 22.59 2.67
CA GLY B 343 -1.46 23.18 3.58
C GLY B 343 -1.66 24.68 3.36
N ILE B 344 -1.84 25.42 4.46
CA ILE B 344 -2.23 26.83 4.39
C ILE B 344 -1.08 27.78 4.71
N GLU B 345 -0.86 28.76 3.85
CA GLU B 345 0.16 29.79 4.09
C GLU B 345 -0.16 30.58 5.35
N GLY B 346 0.83 30.74 6.22
CA GLY B 346 0.63 31.40 7.50
C GLY B 346 0.21 30.46 8.61
N SER B 347 -0.07 29.20 8.26
CA SER B 347 -0.47 28.23 9.28
C SER B 347 0.50 27.05 9.26
N GLU B 348 0.53 26.31 8.15
CA GLU B 348 1.42 25.17 8.01
C GLU B 348 2.78 25.53 7.46
N TYR B 349 2.85 26.60 6.68
CA TYR B 349 4.11 27.03 6.10
C TYR B 349 4.14 28.55 5.91
N THR B 350 5.33 29.08 5.69
CA THR B 350 5.48 30.45 5.17
C THR B 350 6.32 30.40 3.90
N LEU B 351 6.18 31.42 3.06
CA LEU B 351 7.00 31.52 1.86
C LEU B 351 8.30 32.23 2.21
N VAL B 352 9.41 31.57 1.92
CA VAL B 352 10.74 32.12 2.19
C VAL B 352 11.52 32.04 0.87
N ASP B 353 11.91 33.18 0.31
CA ASP B 353 12.49 33.24 -1.04
C ASP B 353 11.55 32.59 -2.06
N GLY B 354 10.24 32.74 -1.85
CA GLY B 354 9.26 32.24 -2.80
C GLY B 354 8.97 30.75 -2.68
N LYS B 355 9.56 30.11 -1.67
CA LYS B 355 9.44 28.65 -1.44
C LYS B 355 8.86 28.31 -0.07
N PRO B 356 7.97 27.32 -0.02
CA PRO B 356 7.36 26.96 1.27
C PRO B 356 8.34 26.37 2.29
N VAL B 357 8.26 26.87 3.51
CA VAL B 357 9.01 26.34 4.64
C VAL B 357 8.03 26.07 5.76
N PHE B 358 8.02 24.84 6.28
CA PHE B 358 7.02 24.52 7.29
C PHE B 358 7.26 25.26 8.59
N THR B 359 6.17 25.49 9.32
CA THR B 359 6.18 26.12 10.63
C THR B 359 6.38 25.08 11.73
N ASP B 360 6.54 25.54 12.97
CA ASP B 360 6.66 24.61 14.09
C ASP B 360 5.38 23.83 14.34
N LYS B 361 4.25 24.36 13.91
CA LYS B 361 2.99 23.63 14.01
C LYS B 361 3.16 22.25 13.35
N VAL B 362 3.88 22.25 12.24
CA VAL B 362 4.13 21.04 11.47
C VAL B 362 5.40 20.30 11.92
N LEU B 363 6.50 21.03 12.10
CA LEU B 363 7.80 20.41 12.37
C LEU B 363 8.01 19.99 13.83
N LYS B 364 7.34 20.68 14.74
CA LYS B 364 7.49 20.44 16.17
C LYS B 364 6.16 20.48 16.87
N ASN B 365 5.25 19.62 16.44
CA ASN B 365 3.92 19.57 17.00
C ASN B 365 3.99 19.25 18.51
N PRO B 366 3.39 20.11 19.35
CA PRO B 366 3.44 19.95 20.81
C PRO B 366 2.72 18.70 21.30
N ASP B 367 1.92 18.08 20.43
CA ASP B 367 1.20 16.87 20.82
C ASP B 367 1.92 15.63 20.33
N GLY B 368 3.13 15.81 19.82
CA GLY B 368 3.95 14.69 19.37
C GLY B 368 3.52 14.05 18.06
N LYS B 369 2.59 14.69 17.35
CA LYS B 369 2.17 14.20 16.04
C LYS B 369 3.31 14.29 15.00
N THR B 370 3.37 13.34 14.08
CA THR B 370 4.31 13.44 12.97
C THR B 370 3.96 14.62 12.10
N PRO B 371 4.95 15.19 11.39
CA PRO B 371 4.65 16.30 10.50
C PRO B 371 3.56 15.95 9.47
N LEU B 372 3.59 14.74 8.94
CA LEU B 372 2.60 14.37 7.94
C LEU B 372 1.21 14.25 8.58
N ALA B 373 1.15 13.77 9.82
CA ALA B 373 -0.14 13.67 10.51
C ALA B 373 -0.73 15.06 10.66
N VAL B 374 0.12 16.04 11.00
CA VAL B 374 -0.37 17.41 11.14
C VAL B 374 -0.92 17.91 9.81
N LEU B 375 -0.17 17.66 8.74
CA LEU B 375 -0.59 18.07 7.40
C LEU B 375 -1.90 17.41 7.00
N ARG B 376 -2.07 16.12 7.29
CA ARG B 376 -3.32 15.43 6.91
C ARG B 376 -4.50 16.02 7.65
N GLU B 377 -4.28 16.44 8.88
CA GLU B 377 -5.37 16.99 9.69
C GLU B 377 -5.94 18.28 9.10
N VAL B 378 -5.17 19.01 8.30
CA VAL B 378 -5.72 20.22 7.69
C VAL B 378 -6.22 19.98 6.26
N GLY B 379 -6.10 18.74 5.80
CA GLY B 379 -6.56 18.40 4.47
C GLY B 379 -5.47 18.35 3.42
N ALA B 380 -4.21 18.52 3.82
CA ALA B 380 -3.12 18.36 2.86
C ALA B 380 -2.82 16.87 2.62
N GLN B 381 -2.23 16.56 1.47
CA GLN B 381 -1.85 15.19 1.10
C GLN B 381 -3.07 14.26 1.01
N TYR B 382 -4.25 14.83 0.81
CA TYR B 382 -5.45 14.02 0.71
C TYR B 382 -5.57 13.45 -0.70
N ARG B 383 -5.38 12.13 -0.82
CA ARG B 383 -5.35 11.46 -2.13
C ARG B 383 -6.61 11.74 -2.94
N LEU B 384 -6.42 12.41 -4.08
CA LEU B 384 -7.51 12.71 -5.02
C LEU B 384 -6.95 12.38 -6.41
N GLY B 385 -6.62 13.40 -7.19
CA GLY B 385 -5.93 13.22 -8.45
C GLY B 385 -4.88 14.31 -8.64
N ALA B 386 -4.11 14.57 -7.58
CA ALA B 386 -3.12 15.65 -7.57
C ALA B 386 -1.72 15.14 -7.80
N PHE B 387 -0.75 16.05 -7.85
CA PHE B 387 0.65 15.72 -8.11
C PHE B 387 1.48 16.08 -6.88
N GLN B 388 1.94 15.06 -6.16
CA GLN B 388 2.78 15.28 -5.00
C GLN B 388 4.06 16.00 -5.42
N ASP B 389 4.57 16.82 -4.51
CA ASP B 389 5.80 17.61 -4.68
C ASP B 389 6.80 17.12 -3.62
N ALA B 390 7.89 16.49 -4.05
CA ALA B 390 8.85 15.94 -3.10
C ALA B 390 9.43 17.00 -2.19
N GLN B 391 9.36 18.27 -2.61
CA GLN B 391 9.81 19.34 -1.74
C GLN B 391 8.99 19.38 -0.44
N TYR B 392 7.73 18.95 -0.48
CA TYR B 392 6.91 18.87 0.73
C TYR B 392 7.53 17.82 1.68
N GLU B 393 7.95 16.69 1.12
CA GLU B 393 8.46 15.61 1.94
C GLU B 393 9.84 15.97 2.48
N LEU B 394 10.68 16.51 1.62
CA LEU B 394 12.01 16.94 2.02
C LEU B 394 11.95 18.09 3.02
N GLY B 395 10.84 18.82 3.01
CA GLY B 395 10.64 19.95 3.90
C GLY B 395 10.46 19.56 5.37
N TRP B 396 10.02 18.33 5.64
CA TRP B 396 9.91 17.90 7.03
C TRP B 396 10.72 16.66 7.37
N ALA B 397 11.19 15.94 6.35
CA ALA B 397 11.99 14.73 6.59
C ALA B 397 13.27 15.06 7.39
N SER B 398 13.61 14.19 8.33
CA SER B 398 14.85 14.36 9.11
C SER B 398 16.07 14.13 8.24
N GLU B 399 17.24 14.52 8.73
CA GLU B 399 18.46 14.23 8.00
C GLU B 399 18.63 12.71 7.93
N SER B 400 18.21 12.02 8.98
CA SER B 400 18.32 10.56 9.03
C SER B 400 17.42 9.92 7.96
N ALA B 401 16.25 10.53 7.72
CA ALA B 401 15.36 10.07 6.66
C ALA B 401 16.01 10.21 5.29
N LYS B 402 16.61 11.36 5.04
CA LYS B 402 17.23 11.65 3.76
C LYS B 402 18.42 10.72 3.52
N ALA B 403 19.21 10.50 4.56
CA ALA B 403 20.31 9.54 4.48
C ALA B 403 19.75 8.15 4.21
N GLY B 404 18.59 7.88 4.78
CA GLY B 404 17.90 6.61 4.61
C GLY B 404 17.50 6.31 3.17
N TYR B 405 16.90 7.29 2.51
CA TYR B 405 16.60 7.16 1.09
C TYR B 405 17.85 6.72 0.34
N LYS B 406 18.95 7.41 0.60
CA LYS B 406 20.17 7.17 -0.15
C LYS B 406 20.77 5.81 0.22
N TYR B 407 20.64 5.41 1.48
CA TYR B 407 21.09 4.10 1.95
C TYR B 407 20.43 2.97 1.14
N TYR B 408 19.12 3.05 0.98
CA TYR B 408 18.42 2.01 0.23
C TYR B 408 18.80 2.06 -1.26
N MET B 409 18.91 3.24 -1.84
CA MET B 409 19.23 3.29 -3.26
C MET B 409 20.69 2.86 -3.50
N ASP B 410 21.61 3.34 -2.65
CA ASP B 410 23.05 2.99 -2.78
C ASP B 410 23.29 1.49 -2.79
N ASN B 411 22.53 0.79 -1.97
CA ASN B 411 22.73 -0.64 -1.81
C ASN B 411 21.89 -1.48 -2.77
N ASP B 412 21.13 -0.81 -3.64
CA ASP B 412 20.37 -1.44 -4.71
C ASP B 412 19.43 -2.54 -4.17
N VAL B 413 18.79 -2.31 -3.04
CA VAL B 413 17.96 -3.35 -2.43
C VAL B 413 16.50 -3.29 -2.88
N VAL B 414 16.14 -2.20 -3.54
CA VAL B 414 14.74 -1.98 -3.90
C VAL B 414 14.39 -2.48 -5.30
N LEU B 415 13.33 -3.27 -5.41
CA LEU B 415 12.77 -3.67 -6.70
C LEU B 415 11.53 -2.85 -7.04
N ASP B 416 11.46 -2.27 -8.24
CA ASP B 416 10.26 -1.51 -8.61
C ASP B 416 9.02 -2.37 -8.66
N GLU B 417 7.88 -1.77 -8.31
CA GLU B 417 6.62 -2.47 -8.38
C GLU B 417 6.18 -2.65 -9.82
N LEU B 418 5.51 -3.77 -10.06
CA LEU B 418 4.93 -4.07 -11.37
C LEU B 418 3.75 -3.16 -11.70
N PRO B 419 3.85 -2.38 -12.78
CA PRO B 419 2.72 -1.54 -13.21
C PRO B 419 1.58 -2.38 -13.76
N ILE B 420 0.38 -1.81 -13.83
CA ILE B 420 -0.75 -2.45 -14.51
C ILE B 420 -0.40 -2.72 -15.97
N LEU B 421 -0.55 -3.96 -16.41
CA LEU B 421 -0.34 -4.26 -17.82
C LEU B 421 -1.67 -4.06 -18.57
N LYS B 422 -1.63 -3.42 -19.73
CA LYS B 422 -2.88 -3.22 -20.45
C LYS B 422 -2.79 -3.75 -21.88
N TYR B 423 -3.79 -4.53 -22.28
CA TYR B 423 -3.78 -5.22 -23.58
C TYR B 423 -5.07 -4.98 -24.33
N THR B 424 -6.15 -5.60 -23.86
CA THR B 424 -7.47 -5.39 -24.44
C THR B 424 -8.45 -5.02 -23.33
N LYS B 425 -9.52 -4.35 -23.71
CA LYS B 425 -10.61 -4.04 -22.79
C LYS B 425 -11.20 -5.31 -22.16
N GLU B 426 -11.49 -6.31 -22.97
CA GLU B 426 -11.99 -7.59 -22.46
C GLU B 426 -11.04 -8.24 -21.45
N LYS B 427 -9.77 -8.39 -21.83
CA LYS B 427 -8.80 -8.97 -20.92
C LYS B 427 -8.70 -8.13 -19.65
N SER B 428 -8.78 -6.80 -19.80
CA SER B 428 -8.74 -5.90 -18.64
C SER B 428 -9.98 -6.12 -17.78
N LYS B 429 -11.14 -6.25 -18.41
CA LYS B 429 -12.38 -6.50 -17.67
C LYS B 429 -12.37 -7.85 -16.95
N GLU B 430 -11.83 -8.86 -17.60
CA GLU B 430 -11.86 -10.18 -16.99
C GLU B 430 -10.84 -10.29 -15.86
N PHE B 431 -9.66 -9.72 -16.08
CA PHE B 431 -8.61 -9.77 -15.06
C PHE B 431 -9.06 -9.12 -13.74
N VAL B 432 -9.62 -7.92 -13.82
CA VAL B 432 -10.03 -7.19 -12.64
C VAL B 432 -11.07 -7.98 -11.83
N SER B 433 -11.99 -8.65 -12.53
CA SER B 433 -12.99 -9.48 -11.87
C SER B 433 -12.32 -10.61 -11.08
N ILE B 434 -11.40 -11.32 -11.73
CA ILE B 434 -10.67 -12.43 -11.10
C ILE B 434 -9.80 -11.93 -9.93
N ASP B 435 -9.02 -10.89 -10.20
CA ASP B 435 -8.11 -10.31 -9.22
C ASP B 435 -8.85 -9.90 -7.94
N THR B 436 -10.00 -9.27 -8.12
CA THR B 436 -10.82 -8.83 -7.00
C THR B 436 -11.35 -10.01 -6.19
N ALA B 437 -11.82 -11.03 -6.89
CA ALA B 437 -12.36 -12.20 -6.23
C ALA B 437 -11.27 -12.93 -5.42
N MET B 438 -10.09 -13.05 -6.01
CA MET B 438 -8.98 -13.73 -5.35
C MET B 438 -8.53 -12.99 -4.10
N ARG B 439 -8.49 -11.66 -4.18
CA ARG B 439 -8.09 -10.84 -3.03
C ARG B 439 -8.88 -11.21 -1.77
N ALA B 440 -10.19 -11.35 -1.92
CA ALA B 440 -11.05 -11.70 -0.79
C ALA B 440 -10.63 -13.04 -0.18
N VAL B 441 -10.36 -14.02 -1.03
CA VAL B 441 -9.97 -15.35 -0.58
C VAL B 441 -8.63 -15.28 0.18
N VAL B 442 -7.66 -14.60 -0.44
CA VAL B 442 -6.33 -14.48 0.18
C VAL B 442 -6.41 -13.82 1.55
N GLU B 443 -7.19 -12.75 1.67
CA GLU B 443 -7.24 -12.02 2.94
C GLU B 443 -7.98 -12.82 4.00
N GLU B 444 -8.97 -13.63 3.59
CA GLU B 444 -9.64 -14.51 4.52
C GLU B 444 -8.70 -15.59 5.09
N LYS B 445 -8.06 -16.34 4.19
CA LYS B 445 -7.20 -17.43 4.62
C LYS B 445 -5.94 -16.96 5.34
N ALA B 446 -5.34 -15.87 4.87
CA ALA B 446 -4.12 -15.37 5.50
C ALA B 446 -4.37 -15.02 6.95
N GLN B 447 -5.50 -14.38 7.23
CA GLN B 447 -5.84 -14.08 8.61
C GLN B 447 -6.03 -15.37 9.42
N GLN B 448 -6.83 -16.29 8.89
CA GLN B 448 -7.09 -17.54 9.62
C GLN B 448 -5.80 -18.26 9.95
N TRP B 449 -4.91 -18.33 8.96
CA TRP B 449 -3.66 -19.06 9.13
C TRP B 449 -2.72 -18.37 10.12
N ILE B 450 -2.55 -17.05 10.01
CA ILE B 450 -1.65 -16.37 10.93
C ILE B 450 -2.20 -16.37 12.36
N LEU B 451 -3.51 -16.21 12.48
CA LEU B 451 -4.14 -16.10 13.80
C LEU B 451 -4.34 -17.46 14.44
N GLY B 452 -4.16 -18.51 13.65
CA GLY B 452 -4.20 -19.86 14.18
C GLY B 452 -5.54 -20.58 14.16
N SER B 453 -6.54 -20.01 13.47
CA SER B 453 -7.85 -20.67 13.38
C SER B 453 -7.94 -21.66 12.22
N GLY B 454 -6.92 -21.69 11.37
CA GLY B 454 -6.85 -22.64 10.28
C GLY B 454 -5.42 -23.10 10.16
N ASP B 455 -5.20 -24.26 9.54
CA ASP B 455 -3.88 -24.88 9.44
C ASP B 455 -3.41 -24.84 8.00
N ILE B 456 -2.42 -24.01 7.71
CA ILE B 456 -2.04 -23.77 6.32
C ILE B 456 -1.49 -25.02 5.63
N ASP B 457 -0.80 -25.89 6.36
CA ASP B 457 -0.29 -27.12 5.74
C ASP B 457 -1.44 -28.01 5.26
N LYS B 458 -2.50 -28.08 6.06
CA LYS B 458 -3.67 -28.88 5.71
C LYS B 458 -4.48 -28.24 4.59
N GLU B 459 -4.53 -26.91 4.58
CA GLU B 459 -5.49 -26.19 3.76
C GLU B 459 -4.95 -25.56 2.48
N TRP B 460 -3.63 -25.55 2.30
CA TRP B 460 -3.01 -24.86 1.18
C TRP B 460 -3.52 -25.34 -0.18
N ASP B 461 -3.54 -26.65 -0.39
CA ASP B 461 -3.94 -27.16 -1.70
C ASP B 461 -5.37 -26.76 -2.07
N ALA B 462 -6.27 -26.82 -1.09
CA ALA B 462 -7.68 -26.48 -1.33
C ALA B 462 -7.80 -24.99 -1.63
N TYR B 463 -6.96 -24.21 -0.96
CA TYR B 463 -6.88 -22.78 -1.20
C TYR B 463 -6.43 -22.48 -2.63
N ILE B 464 -5.38 -23.16 -3.08
CA ILE B 464 -4.90 -22.96 -4.44
C ILE B 464 -6.00 -23.35 -5.44
N LYS B 465 -6.67 -24.47 -5.15
CA LYS B 465 -7.77 -24.91 -5.97
C LYS B 465 -8.90 -23.87 -6.03
N ARG B 466 -9.17 -23.23 -4.90
CA ARG B 466 -10.20 -22.20 -4.88
C ARG B 466 -9.81 -21.00 -5.75
N LEU B 467 -8.54 -20.61 -5.70
CA LEU B 467 -8.07 -19.51 -6.56
C LEU B 467 -8.19 -19.93 -8.03
N GLU B 468 -7.82 -21.18 -8.31
CA GLU B 468 -7.93 -21.67 -9.68
C GLU B 468 -9.38 -21.66 -10.15
N ASN B 469 -10.30 -22.05 -9.28
CA ASN B 469 -11.72 -22.05 -9.63
C ASN B 469 -12.25 -20.66 -9.92
N LEU B 470 -11.63 -19.65 -9.30
CA LEU B 470 -12.01 -18.26 -9.55
C LEU B 470 -11.38 -17.68 -10.81
N GLY B 471 -10.43 -18.41 -11.39
CA GLY B 471 -9.83 -18.03 -12.64
C GLY B 471 -8.36 -17.63 -12.57
N LEU B 472 -7.65 -18.11 -11.55
CA LEU B 472 -6.22 -17.77 -11.40
C LEU B 472 -5.42 -18.00 -12.69
N SER B 473 -5.61 -19.15 -13.32
CA SER B 473 -4.87 -19.48 -14.53
C SER B 473 -5.18 -18.51 -15.66
N LYS B 474 -6.44 -18.13 -15.77
CA LYS B 474 -6.82 -17.19 -16.82
C LYS B 474 -6.15 -15.85 -16.56
N ALA B 475 -6.17 -15.41 -15.30
CA ALA B 475 -5.50 -14.16 -14.94
C ALA B 475 -4.00 -14.25 -15.23
N GLU B 476 -3.39 -15.38 -14.87
CA GLU B 476 -1.96 -15.57 -15.13
C GLU B 476 -1.65 -15.47 -16.62
N GLN B 477 -2.51 -16.07 -17.44
CA GLN B 477 -2.27 -16.09 -18.88
C GLN B 477 -2.42 -14.68 -19.47
N ILE B 478 -3.43 -13.95 -19.00
CA ILE B 478 -3.64 -12.58 -19.45
C ILE B 478 -2.48 -11.69 -19.10
N GLN B 479 -2.04 -11.80 -17.85
CA GLN B 479 -1.01 -10.94 -17.32
C GLN B 479 0.31 -11.14 -18.07
N ASN B 480 0.64 -12.40 -18.36
CA ASN B 480 1.90 -12.66 -19.05
C ASN B 480 1.82 -12.26 -20.53
N GLU B 481 0.60 -12.13 -21.06
CA GLU B 481 0.37 -11.63 -22.42
C GLU B 481 -1.12 -11.43 -22.70
N PRO C 10 19.50 2.95 -56.81
CA PRO C 10 20.20 3.76 -55.81
C PRO C 10 20.26 5.22 -56.25
N LYS C 11 19.59 6.11 -55.53
CA LYS C 11 19.62 7.53 -55.87
C LYS C 11 20.77 8.23 -55.17
N GLU C 12 21.68 8.77 -55.97
CA GLU C 12 22.83 9.51 -55.48
C GLU C 12 22.40 10.77 -54.73
N THR C 13 22.82 10.86 -53.47
CA THR C 13 22.34 11.88 -52.55
C THR C 13 23.55 12.51 -51.88
N THR C 14 23.75 13.80 -52.10
CA THR C 14 24.92 14.46 -51.53
C THR C 14 24.70 14.80 -50.07
N ILE C 15 25.78 14.75 -49.30
CA ILE C 15 25.70 15.06 -47.89
C ILE C 15 27.00 15.72 -47.47
N PHE C 16 26.91 16.65 -46.53
CA PHE C 16 28.08 17.09 -45.78
C PHE C 16 27.99 16.41 -44.42
N ALA C 17 28.94 15.56 -44.10
CA ALA C 17 28.91 14.87 -42.81
C ALA C 17 30.29 14.56 -42.30
N MET C 18 30.58 15.02 -41.09
CA MET C 18 31.79 14.67 -40.39
C MET C 18 31.46 14.35 -38.94
N HIS C 19 32.31 13.54 -38.31
CA HIS C 19 32.18 13.27 -36.88
C HIS C 19 33.53 12.82 -36.30
N LEU C 20 33.90 13.40 -35.16
CA LEU C 20 35.15 13.05 -34.51
C LEU C 20 36.33 13.11 -35.49
N GLY C 21 36.32 14.16 -36.31
CA GLY C 21 37.41 14.45 -37.23
C GLY C 21 37.45 13.62 -38.50
N LYS C 22 36.40 12.83 -38.75
CA LYS C 22 36.37 11.96 -39.91
C LYS C 22 35.18 12.22 -40.79
N ALA C 23 35.43 12.50 -42.08
CA ALA C 23 34.35 12.60 -43.05
C ALA C 23 33.70 11.23 -43.22
N LEU C 24 32.37 11.23 -43.22
CA LEU C 24 31.60 9.99 -43.38
C LEU C 24 32.00 9.24 -44.65
N ASP C 25 32.34 7.97 -44.50
CA ASP C 25 32.58 7.09 -45.63
C ASP C 25 31.34 6.21 -45.85
N PRO C 26 30.58 6.46 -46.91
CA PRO C 26 29.33 5.71 -47.14
C PRO C 26 29.57 4.23 -47.45
N ASN C 27 30.82 3.85 -47.68
CA ASN C 27 31.15 2.45 -47.96
C ASN C 27 31.35 1.62 -46.68
N LEU C 28 31.27 2.28 -45.52
CA LEU C 28 31.30 1.55 -44.25
C LEU C 28 30.10 0.62 -44.18
N PRO C 29 30.25 -0.54 -43.52
CA PRO C 29 29.19 -1.56 -43.45
C PRO C 29 27.82 -1.03 -43.07
N VAL C 30 27.73 -0.17 -42.05
CA VAL C 30 26.45 0.38 -41.63
C VAL C 30 25.77 1.14 -42.77
N PHE C 31 26.53 1.88 -43.54
CA PHE C 31 25.91 2.73 -44.56
C PHE C 31 25.68 1.97 -45.86
N VAL C 32 26.41 0.89 -46.06
CA VAL C 32 26.11 -0.01 -47.16
C VAL C 32 24.72 -0.65 -46.93
N LYS C 33 24.50 -1.13 -45.71
CA LYS C 33 23.23 -1.73 -45.33
C LYS C 33 22.11 -0.71 -45.44
N ALA C 34 22.36 0.51 -44.99
CA ALA C 34 21.36 1.56 -45.07
C ALA C 34 20.99 1.83 -46.53
N GLU C 35 22.00 1.84 -47.39
CA GLU C 35 21.76 2.05 -48.82
C GLU C 35 20.88 0.95 -49.38
N LYS C 36 21.17 -0.29 -49.00
CA LYS C 36 20.38 -1.45 -49.40
C LYS C 36 18.91 -1.33 -48.97
N ASP C 37 18.69 -0.91 -47.74
CA ASP C 37 17.35 -0.82 -47.17
C ASP C 37 16.53 0.37 -47.68
N THR C 38 17.21 1.45 -48.06
CA THR C 38 16.52 2.70 -48.36
C THR C 38 16.63 3.13 -49.83
N ASN C 39 17.57 2.52 -50.55
CA ASN C 39 17.92 2.93 -51.91
C ASN C 39 18.47 4.37 -51.97
N ILE C 40 18.97 4.86 -50.84
CA ILE C 40 19.66 6.15 -50.80
C ILE C 40 21.17 5.90 -50.82
N LYS C 41 21.85 6.44 -51.83
CA LYS C 41 23.30 6.29 -51.90
C LYS C 41 23.98 7.62 -51.56
N LEU C 42 24.59 7.69 -50.38
CA LEU C 42 25.23 8.93 -49.93
C LEU C 42 26.57 9.17 -50.63
N VAL C 43 26.80 10.43 -50.98
CA VAL C 43 28.07 10.91 -51.50
C VAL C 43 28.47 12.14 -50.71
N ASN C 44 29.60 12.07 -50.01
CA ASN C 44 30.03 13.17 -49.15
C ASN C 44 30.68 14.30 -49.93
N VAL C 45 30.35 15.54 -49.60
CA VAL C 45 31.01 16.69 -50.22
C VAL C 45 32.23 17.10 -49.39
N ALA C 46 32.34 16.53 -48.19
CA ALA C 46 33.56 16.68 -47.40
C ALA C 46 34.56 15.65 -47.88
N SER C 47 35.80 16.07 -48.13
CA SER C 47 36.82 15.17 -48.67
C SER C 47 37.50 14.38 -47.57
N GLN C 48 38.20 13.30 -47.93
CA GLN C 48 38.76 12.42 -46.93
C GLN C 48 39.91 13.06 -46.15
N ASN C 49 40.46 14.17 -46.66
CA ASN C 49 41.54 14.83 -45.92
C ASN C 49 41.06 15.97 -45.02
N GLN C 50 39.75 16.17 -44.95
CA GLN C 50 39.22 17.20 -44.06
C GLN C 50 38.96 16.62 -42.68
N THR C 51 39.42 17.33 -41.64
CA THR C 51 39.28 16.82 -40.27
C THR C 51 38.78 17.90 -39.31
N ASP C 52 38.82 19.16 -39.72
CA ASP C 52 38.29 20.26 -38.90
C ASP C 52 36.83 20.50 -39.32
N GLN C 53 35.89 19.99 -38.53
CA GLN C 53 34.48 20.04 -38.96
C GLN C 53 33.93 21.47 -39.04
N ILE C 54 34.33 22.35 -38.14
CA ILE C 54 33.82 23.73 -38.17
C ILE C 54 34.33 24.45 -39.41
N GLN C 55 35.63 24.36 -39.67
CA GLN C 55 36.19 24.99 -40.87
C GLN C 55 35.60 24.40 -42.14
N ALA C 56 35.40 23.09 -42.14
CA ALA C 56 34.83 22.41 -43.31
C ALA C 56 33.40 22.87 -43.58
N TYR C 57 32.61 23.00 -42.52
CA TYR C 57 31.24 23.47 -42.65
C TYR C 57 31.20 24.90 -43.20
N ASN C 58 32.00 25.78 -42.61
CA ASN C 58 32.05 27.16 -43.08
C ASN C 58 32.41 27.25 -44.56
N LEU C 59 33.37 26.44 -45.00
CA LEU C 59 33.77 26.42 -46.40
C LEU C 59 32.64 25.92 -47.29
N MET C 60 32.01 24.83 -46.83
CA MET C 60 30.90 24.21 -47.53
C MET C 60 29.81 25.22 -47.87
N LEU C 61 29.56 26.15 -46.97
CA LEU C 61 28.52 27.13 -47.21
C LEU C 61 28.88 28.00 -48.41
N THR C 62 30.17 28.19 -48.65
CA THR C 62 30.67 29.00 -49.78
C THR C 62 30.92 28.25 -51.08
N GLU C 63 30.82 26.92 -51.07
CA GLU C 63 31.29 26.14 -52.22
C GLU C 63 30.32 26.08 -53.40
N GLY C 64 29.11 26.56 -53.19
CA GLY C 64 28.09 26.54 -54.22
C GLY C 64 26.77 26.04 -53.63
N LYS C 65 26.00 25.30 -54.42
CA LYS C 65 24.73 24.77 -53.93
C LYS C 65 24.98 23.87 -52.74
N LEU C 66 24.05 23.86 -51.79
CA LEU C 66 24.22 23.05 -50.60
C LEU C 66 23.97 21.60 -50.95
N PRO C 67 24.63 20.67 -50.24
CA PRO C 67 24.39 19.25 -50.47
C PRO C 67 22.94 18.92 -50.08
N ASP C 68 22.41 17.80 -50.56
CA ASP C 68 21.01 17.43 -50.27
C ASP C 68 20.73 17.40 -48.78
N ILE C 69 21.64 16.78 -48.04
CA ILE C 69 21.57 16.68 -46.58
C ILE C 69 22.74 17.40 -45.96
N VAL C 70 22.47 18.22 -44.94
CA VAL C 70 23.51 18.93 -44.22
C VAL C 70 23.53 18.45 -42.77
N SER C 71 24.64 17.82 -42.37
CA SER C 71 24.83 17.38 -40.98
C SER C 71 25.87 18.26 -40.31
N TYR C 72 25.65 18.63 -39.05
CA TYR C 72 26.62 19.49 -38.37
C TYR C 72 26.54 19.32 -36.87
N GLU C 73 27.68 19.43 -36.18
CA GLU C 73 27.67 19.23 -34.75
C GLU C 73 27.12 20.44 -33.97
N LEU C 74 27.19 21.63 -34.57
CA LEU C 74 26.72 22.85 -33.90
C LEU C 74 25.30 23.19 -34.33
N SER C 75 24.33 22.78 -33.52
CA SER C 75 22.94 22.85 -33.93
C SER C 75 22.44 24.29 -34.08
N ALA C 76 23.00 25.21 -33.31
CA ALA C 76 22.57 26.60 -33.42
C ALA C 76 22.87 27.12 -34.82
N ASP C 77 23.99 26.71 -35.39
CA ASP C 77 24.36 27.10 -36.75
C ASP C 77 23.41 26.49 -37.78
N LEU C 78 23.01 25.25 -37.57
CA LEU C 78 22.02 24.63 -38.47
C LEU C 78 20.71 25.38 -38.47
N GLU C 79 20.22 25.74 -37.28
CA GLU C 79 18.96 26.48 -37.22
C GLU C 79 19.07 27.83 -37.90
N ASN C 80 20.22 28.49 -37.75
CA ASN C 80 20.43 29.74 -38.45
C ASN C 80 20.36 29.55 -39.96
N LEU C 81 20.94 28.46 -40.45
CA LEU C 81 20.89 28.15 -41.88
C LEU C 81 19.43 27.95 -42.29
N GLY C 82 18.65 27.34 -41.39
CA GLY C 82 17.23 27.18 -41.65
C GLY C 82 16.50 28.51 -41.70
N ILE C 83 16.75 29.36 -40.71
CA ILE C 83 16.08 30.67 -40.66
C ILE C 83 16.42 31.47 -41.92
N GLU C 84 17.65 31.31 -42.40
CA GLU C 84 18.09 32.00 -43.61
C GLU C 84 17.54 31.37 -44.89
N GLY C 85 16.94 30.19 -44.77
CA GLY C 85 16.34 29.52 -45.92
C GLY C 85 17.21 28.46 -46.59
N GLY C 86 18.41 28.24 -46.03
CA GLY C 86 19.32 27.23 -46.54
C GLY C 86 18.82 25.82 -46.27
N LEU C 87 18.21 25.63 -45.11
CA LEU C 87 17.54 24.36 -44.79
C LEU C 87 16.03 24.57 -44.83
N ILE C 88 15.29 23.55 -45.24
CA ILE C 88 13.84 23.70 -45.34
C ILE C 88 13.15 23.24 -44.05
N PRO C 89 11.98 23.83 -43.75
CA PRO C 89 11.19 23.36 -42.61
C PRO C 89 10.81 21.90 -42.82
N LEU C 90 10.82 21.10 -41.75
CA LEU C 90 10.58 19.67 -41.89
C LEU C 90 9.23 19.19 -41.32
N GLU C 91 8.52 20.05 -40.61
CA GLU C 91 7.39 19.57 -39.79
C GLU C 91 6.26 18.99 -40.64
N ASP C 92 5.99 19.58 -41.80
CA ASP C 92 4.96 19.05 -42.69
C ASP C 92 5.42 17.76 -43.36
N LEU C 93 6.68 17.74 -43.78
CA LEU C 93 7.27 16.52 -44.32
C LEU C 93 7.17 15.39 -43.32
N ILE C 94 7.43 15.69 -42.05
CA ILE C 94 7.36 14.67 -41.02
C ILE C 94 5.91 14.20 -40.83
N ASN C 95 5.00 15.16 -40.74
CA ASN C 95 3.58 14.84 -40.54
C ASN C 95 2.99 13.99 -41.66
N GLN C 96 3.43 14.23 -42.89
CA GLN C 96 2.89 13.47 -44.01
C GLN C 96 3.65 12.21 -44.36
N HIS C 97 4.96 12.17 -44.06
CA HIS C 97 5.79 11.10 -44.60
C HIS C 97 6.76 10.43 -43.61
N ALA C 98 6.78 10.84 -42.35
CA ALA C 98 7.73 10.25 -41.40
C ALA C 98 7.03 9.75 -40.16
N PRO C 99 6.32 8.61 -40.27
CA PRO C 99 5.52 8.11 -39.16
C PRO C 99 6.35 7.74 -37.91
N ASN C 100 7.58 7.25 -38.09
CA ASN C 100 8.42 6.87 -36.95
C ASN C 100 8.84 8.09 -36.14
N LEU C 101 9.27 9.14 -36.83
CA LEU C 101 9.61 10.42 -36.18
C LEU C 101 8.37 11.08 -35.57
N LYS C 102 7.25 11.01 -36.28
CA LYS C 102 6.01 11.56 -35.76
C LYS C 102 5.69 10.95 -34.39
N LYS C 103 5.82 9.62 -34.32
CA LYS C 103 5.57 8.86 -33.09
C LYS C 103 6.61 9.17 -32.01
N PHE C 104 7.87 9.24 -32.41
CA PHE C 104 8.97 9.58 -31.51
C PHE C 104 8.74 10.92 -30.82
N PHE C 105 8.33 11.91 -31.59
CA PHE C 105 8.08 13.24 -31.06
C PHE C 105 6.88 13.24 -30.11
N GLU C 106 5.87 12.44 -30.43
CA GLU C 106 4.68 12.33 -29.59
C GLU C 106 5.03 11.71 -28.24
N GLU C 107 5.85 10.67 -28.29
CA GLU C 107 6.28 9.96 -27.09
C GLU C 107 7.34 10.71 -26.28
N ASN C 108 8.01 11.66 -26.93
CA ASN C 108 9.11 12.39 -26.31
C ASN C 108 9.03 13.90 -26.54
N PRO C 109 8.06 14.58 -25.89
CA PRO C 109 7.89 16.02 -26.06
C PRO C 109 9.16 16.85 -25.75
N ARG C 110 9.95 16.40 -24.77
CA ARG C 110 11.19 17.08 -24.43
C ARG C 110 12.17 17.03 -25.60
N TYR C 111 12.20 15.91 -26.31
CA TYR C 111 13.08 15.79 -27.47
C TYR C 111 12.54 16.63 -28.63
N LYS C 112 11.22 16.69 -28.77
CA LYS C 112 10.65 17.52 -29.82
C LYS C 112 11.01 18.99 -29.62
N LYS C 113 11.08 19.45 -28.37
CA LYS C 113 11.46 20.84 -28.13
C LYS C 113 12.87 21.11 -28.67
N ASP C 114 13.76 20.12 -28.61
CA ASP C 114 15.12 20.27 -29.11
C ASP C 114 15.13 20.52 -30.60
N ALA C 115 14.11 20.03 -31.28
CA ALA C 115 14.06 20.07 -32.74
C ALA C 115 13.33 21.31 -33.27
N VAL C 116 12.64 22.03 -32.38
CA VAL C 116 11.84 23.16 -32.82
C VAL C 116 12.58 24.48 -32.64
N ALA C 117 12.72 25.20 -33.74
CA ALA C 117 13.40 26.48 -33.74
C ALA C 117 12.55 27.59 -33.14
N VAL C 118 13.17 28.76 -32.93
CA VAL C 118 12.46 29.90 -32.38
C VAL C 118 11.22 30.30 -33.15
N ASP C 119 11.26 30.13 -34.48
CA ASP C 119 10.14 30.52 -35.33
C ASP C 119 9.08 29.43 -35.47
N GLY C 120 9.22 28.33 -34.73
CA GLY C 120 8.22 27.27 -34.72
C GLY C 120 8.43 26.19 -35.77
N HIS C 121 9.40 26.41 -36.67
CA HIS C 121 9.75 25.42 -37.68
C HIS C 121 10.75 24.41 -37.15
N ILE C 122 10.75 23.21 -37.71
CA ILE C 122 11.78 22.22 -37.46
C ILE C 122 12.76 22.26 -38.63
N TYR C 123 14.02 22.60 -38.38
CA TYR C 123 15.00 22.67 -39.47
C TYR C 123 15.95 21.48 -39.46
N MET C 124 15.93 20.70 -38.39
CA MET C 124 16.88 19.63 -38.28
C MET C 124 16.33 18.52 -37.39
N ILE C 125 16.78 17.29 -37.62
CA ILE C 125 16.55 16.23 -36.64
C ILE C 125 17.82 16.08 -35.83
N PRO C 126 17.73 16.31 -34.51
CA PRO C 126 18.94 16.16 -33.66
C PRO C 126 19.46 14.74 -33.57
N ASN C 127 20.73 14.57 -33.23
CA ASN C 127 21.23 13.26 -32.86
C ASN C 127 21.02 13.12 -31.36
N TYR C 128 20.01 12.36 -30.98
CA TYR C 128 19.64 12.27 -29.57
C TYR C 128 20.45 11.22 -28.82
N TYR C 129 20.92 11.58 -27.63
CA TYR C 129 21.38 10.57 -26.67
C TYR C 129 20.15 9.87 -26.09
N ASP C 130 20.34 8.74 -25.43
CA ASP C 130 19.21 8.10 -24.74
C ASP C 130 19.18 8.64 -23.32
N TYR C 131 18.91 9.93 -23.24
CA TYR C 131 19.14 10.71 -22.02
C TYR C 131 18.35 10.19 -20.83
N PHE C 132 17.12 9.74 -21.08
CA PHE C 132 16.27 9.34 -19.97
C PHE C 132 16.53 7.92 -19.48
N ASN C 133 17.50 7.27 -20.10
CA ASN C 133 18.02 6.00 -19.59
C ASN C 133 19.43 6.13 -19.04
N ILE C 134 20.28 6.91 -19.71
CA ILE C 134 21.61 7.22 -19.18
C ILE C 134 21.89 8.70 -19.39
N LYS C 135 22.07 9.45 -18.30
CA LYS C 135 22.24 10.89 -18.41
C LYS C 135 23.58 11.40 -17.89
N VAL C 136 24.42 10.51 -17.34
CA VAL C 136 25.75 10.94 -16.95
C VAL C 136 26.67 10.83 -18.15
N SER C 137 27.83 11.48 -18.08
CA SER C 137 28.78 11.40 -19.20
C SER C 137 30.19 11.11 -18.70
N GLN C 138 30.96 12.16 -18.44
CA GLN C 138 32.34 11.96 -17.99
C GLN C 138 32.40 11.80 -16.47
N GLY C 139 33.42 11.07 -16.03
CA GLY C 139 33.72 10.91 -14.63
C GLY C 139 35.23 10.92 -14.40
N TYR C 140 35.61 11.01 -13.14
CA TYR C 140 37.02 11.06 -12.77
C TYR C 140 37.55 9.67 -12.44
N PHE C 141 38.71 9.35 -13.02
CA PHE C 141 39.35 8.05 -12.82
C PHE C 141 40.77 8.21 -12.31
N ILE C 142 41.21 7.27 -11.46
CA ILE C 142 42.57 7.32 -10.97
C ILE C 142 43.11 5.89 -10.89
N ARG C 143 44.42 5.74 -11.05
CA ARG C 143 45.07 4.45 -10.98
C ARG C 143 45.19 3.95 -9.55
N GLN C 144 44.18 3.20 -9.13
CA GLN C 144 44.13 2.64 -7.79
C GLN C 144 45.36 1.77 -7.50
N ASP C 145 45.86 1.05 -8.51
CA ASP C 145 47.04 0.19 -8.29
C ASP C 145 48.28 1.03 -8.04
N TRP C 146 48.35 2.22 -8.61
CA TRP C 146 49.47 3.10 -8.34
C TRP C 146 49.35 3.71 -6.93
N LEU C 147 48.12 4.02 -6.49
CA LEU C 147 47.92 4.51 -5.13
C LEU C 147 48.44 3.50 -4.11
N GLU C 148 48.01 2.25 -4.30
CA GLU C 148 48.38 1.16 -3.40
C GLU C 148 49.88 0.93 -3.41
N LYS C 149 50.48 0.95 -4.60
CA LYS C 149 51.91 0.79 -4.76
C LYS C 149 52.71 1.85 -4.00
N LEU C 150 52.19 3.07 -3.97
CA LEU C 150 52.88 4.20 -3.35
C LEU C 150 52.41 4.43 -1.91
N GLY C 151 51.50 3.57 -1.45
CA GLY C 151 50.98 3.69 -0.10
C GLY C 151 50.15 4.94 0.14
N LEU C 152 49.42 5.35 -0.89
CA LEU C 152 48.60 6.55 -0.81
C LEU C 152 47.11 6.22 -0.77
N LYS C 153 46.33 7.06 -0.11
CA LYS C 153 44.89 6.89 -0.13
C LYS C 153 44.33 7.62 -1.33
N GLU C 154 43.10 7.30 -1.69
CA GLU C 154 42.41 8.00 -2.77
C GLU C 154 42.24 9.46 -2.39
N PRO C 155 42.73 10.39 -3.24
CA PRO C 155 42.57 11.81 -2.93
C PRO C 155 41.10 12.20 -3.04
N ARG C 156 40.65 13.07 -2.14
CA ARG C 156 39.24 13.43 -2.14
C ARG C 156 39.02 14.90 -2.38
N THR C 157 40.10 15.68 -2.32
CA THR C 157 40.02 17.10 -2.62
C THR C 157 40.98 17.43 -3.74
N VAL C 158 40.83 18.62 -4.31
CA VAL C 158 41.72 19.07 -5.37
C VAL C 158 43.17 19.19 -4.87
N ASP C 159 43.35 19.68 -3.64
CA ASP C 159 44.69 19.74 -3.06
C ASP C 159 45.31 18.38 -2.94
N GLU C 160 44.51 17.40 -2.54
CA GLU C 160 45.01 16.05 -2.40
C GLU C 160 45.30 15.43 -3.76
N LEU C 161 44.49 15.77 -4.76
CA LEU C 161 44.77 15.30 -6.11
C LEU C 161 46.15 15.82 -6.55
N TYR C 162 46.40 17.11 -6.31
CA TYR C 162 47.69 17.72 -6.64
C TYR C 162 48.84 16.96 -6.01
N THR C 163 48.72 16.70 -4.71
CA THR C 163 49.78 16.00 -4.00
C THR C 163 49.95 14.60 -4.58
N THR C 164 48.84 13.98 -4.94
CA THR C 164 48.87 12.62 -5.47
C THR C 164 49.53 12.59 -6.85
N LEU C 165 49.16 13.53 -7.72
CA LEU C 165 49.75 13.59 -9.05
C LEU C 165 51.25 13.85 -8.99
N LYS C 166 51.67 14.70 -8.04
CA LYS C 166 53.09 14.95 -7.84
C LYS C 166 53.81 13.64 -7.49
N ALA C 167 53.19 12.83 -6.65
CA ALA C 167 53.77 11.53 -6.30
C ALA C 167 53.87 10.62 -7.53
N PHE C 168 52.84 10.62 -8.35
CA PHE C 168 52.86 9.85 -9.61
C PHE C 168 54.03 10.29 -10.50
N ARG C 169 54.28 11.59 -10.55
CA ARG C 169 55.32 12.14 -11.43
C ARG C 169 56.72 11.82 -10.90
N GLU C 170 56.87 11.86 -9.57
CA GLU C 170 58.20 11.82 -8.96
C GLU C 170 58.65 10.47 -8.41
N LYS C 171 57.72 9.57 -8.14
CA LYS C 171 58.06 8.33 -7.41
C LYS C 171 57.97 7.06 -8.24
N ASP C 172 57.99 7.20 -9.56
CA ASP C 172 58.14 6.08 -10.48
C ASP C 172 57.19 4.90 -10.21
N PRO C 173 55.86 5.15 -10.19
CA PRO C 173 54.92 4.06 -9.89
C PRO C 173 54.93 2.93 -10.93
N ASN C 174 55.35 3.18 -12.18
CA ASN C 174 55.41 2.07 -13.15
C ASN C 174 56.74 1.34 -13.08
N GLY C 175 57.63 1.81 -12.20
CA GLY C 175 58.80 1.06 -11.79
C GLY C 175 59.96 0.85 -12.75
N ASN C 176 60.04 1.65 -13.81
CA ASN C 176 61.07 1.43 -14.83
C ASN C 176 62.28 2.35 -14.68
N GLY C 177 62.33 3.08 -13.57
CA GLY C 177 63.46 3.94 -13.28
C GLY C 177 63.56 5.19 -14.13
N LYS C 178 62.49 5.45 -14.89
CA LYS C 178 62.43 6.62 -15.73
C LYS C 178 61.34 7.56 -15.25
N LYS C 179 61.58 8.86 -15.37
CA LYS C 179 60.57 9.86 -15.05
C LYS C 179 59.69 10.04 -16.29
N ASP C 180 58.87 9.04 -16.58
CA ASP C 180 58.08 9.02 -17.80
C ASP C 180 56.58 9.10 -17.51
N GLU C 181 56.21 9.13 -16.23
CA GLU C 181 54.81 9.12 -15.86
C GLU C 181 54.05 10.37 -16.32
N VAL C 182 52.83 10.17 -16.80
CA VAL C 182 51.94 11.26 -17.16
C VAL C 182 50.74 11.19 -16.19
N PRO C 183 50.82 11.96 -15.10
CA PRO C 183 49.87 11.77 -14.00
C PRO C 183 48.41 12.00 -14.39
N PHE C 184 48.14 13.12 -15.06
CA PHE C 184 46.77 13.43 -15.47
C PHE C 184 46.76 13.72 -16.97
N PHE C 185 45.83 13.09 -17.68
CA PHE C 185 45.71 13.27 -19.12
C PHE C 185 44.24 13.38 -19.48
N VAL C 186 43.94 13.80 -20.71
CA VAL C 186 42.57 13.88 -21.20
C VAL C 186 42.47 13.26 -22.58
N ARG C 187 41.26 13.25 -23.13
CA ARG C 187 41.05 12.72 -24.47
C ARG C 187 40.12 13.65 -25.24
N ALA C 188 40.62 14.24 -26.33
CA ALA C 188 39.89 15.31 -27.01
C ALA C 188 40.34 15.46 -28.45
N ASN C 189 39.49 16.03 -29.30
CA ASN C 189 39.96 16.36 -30.64
C ASN C 189 39.81 17.84 -30.99
N ASN C 190 39.52 18.67 -29.99
CA ASN C 190 39.65 20.12 -30.17
C ASN C 190 39.93 20.81 -28.85
N VAL C 191 40.25 22.09 -28.92
CA VAL C 191 40.69 22.81 -27.74
C VAL C 191 39.58 22.89 -26.69
N ARG C 192 38.35 23.10 -27.15
CA ARG C 192 37.24 23.19 -26.21
C ARG C 192 37.13 21.90 -25.39
N LYS C 193 37.24 20.76 -26.06
CA LYS C 193 37.14 19.49 -25.35
C LYS C 193 38.31 19.27 -24.40
N VAL C 194 39.49 19.75 -24.76
CA VAL C 194 40.63 19.69 -23.82
C VAL C 194 40.33 20.51 -22.55
N LEU C 195 39.94 21.76 -22.74
CA LEU C 195 39.61 22.63 -21.60
C LEU C 195 38.48 22.02 -20.77
N THR C 196 37.50 21.43 -21.44
CA THR C 196 36.34 20.82 -20.78
C THR C 196 36.78 19.79 -19.74
N SER C 197 37.79 18.99 -20.10
CA SER C 197 38.20 17.89 -19.22
C SER C 197 39.30 18.32 -18.25
N LEU C 198 39.69 19.59 -18.31
CA LEU C 198 40.68 20.14 -17.40
C LEU C 198 40.10 21.11 -16.37
N VAL C 199 39.16 21.97 -16.77
CA VAL C 199 38.76 23.03 -15.84
C VAL C 199 37.65 22.60 -14.89
N ASP C 200 36.98 21.50 -15.19
CA ASP C 200 35.90 21.05 -14.30
C ASP C 200 36.46 20.64 -12.94
N LEU C 201 37.72 20.17 -12.92
CA LEU C 201 38.42 19.89 -11.67
C LEU C 201 38.27 21.03 -10.66
N PHE C 202 38.35 22.24 -11.18
CA PHE C 202 38.41 23.44 -10.35
C PHE C 202 37.05 24.14 -10.30
N LYS C 203 36.01 23.40 -10.70
CA LYS C 203 34.63 23.87 -10.66
C LYS C 203 34.41 25.10 -11.54
N ALA C 204 35.17 25.15 -12.63
CA ALA C 204 35.03 26.18 -13.64
C ALA C 204 34.36 25.57 -14.87
N SER C 205 33.97 26.43 -15.80
CA SER C 205 33.34 26.02 -17.05
C SER C 205 33.95 26.75 -18.21
N PRO C 206 34.15 26.06 -19.34
CA PRO C 206 34.65 26.71 -20.56
C PRO C 206 33.52 27.26 -21.44
N ILE C 207 32.28 27.07 -21.02
CA ILE C 207 31.14 27.48 -21.81
C ILE C 207 30.13 28.28 -20.98
N TRP C 208 28.93 28.47 -21.52
CA TRP C 208 27.88 29.15 -20.78
C TRP C 208 27.26 28.20 -19.78
N TYR C 209 26.87 28.73 -18.62
CA TYR C 209 26.21 27.92 -17.62
C TYR C 209 25.22 28.78 -16.85
N GLU C 210 24.31 28.12 -16.15
CA GLU C 210 23.34 28.83 -15.35
C GLU C 210 23.58 28.59 -13.87
N GLU C 211 23.47 29.65 -13.10
CA GLU C 211 23.60 29.54 -11.65
C GLU C 211 22.54 30.49 -11.09
N ASN C 212 21.66 29.92 -10.28
CA ASN C 212 20.48 30.61 -9.78
C ASN C 212 19.59 31.07 -10.93
N GLY C 213 19.46 32.37 -11.15
CA GLY C 213 18.59 32.78 -12.22
C GLY C 213 19.26 33.26 -13.49
N MET C 214 20.58 33.41 -13.44
CA MET C 214 21.26 34.03 -14.57
C MET C 214 22.23 33.14 -15.33
N VAL C 215 22.37 33.44 -16.63
CA VAL C 215 23.25 32.70 -17.52
C VAL C 215 24.59 33.44 -17.60
N LYS C 216 25.68 32.73 -17.30
CA LYS C 216 26.99 33.36 -17.24
C LYS C 216 27.95 32.68 -18.19
N TYR C 217 28.96 33.43 -18.61
CA TYR C 217 29.96 32.89 -19.49
C TYR C 217 31.14 32.41 -18.66
N GLY C 218 31.31 31.09 -18.61
CA GLY C 218 32.35 30.47 -17.81
C GLY C 218 33.75 31.08 -17.94
N PRO C 219 34.23 31.24 -19.18
CA PRO C 219 35.61 31.74 -19.32
C PRO C 219 35.86 33.16 -18.77
N ALA C 220 34.80 33.90 -18.43
CA ALA C 220 34.99 35.24 -17.85
C ALA C 220 34.94 35.27 -16.31
N GLN C 221 34.80 34.11 -15.68
CA GLN C 221 34.67 34.03 -14.22
C GLN C 221 36.01 33.84 -13.54
N LYS C 222 36.12 34.32 -12.30
CA LYS C 222 37.36 34.14 -11.55
C LYS C 222 37.65 32.67 -11.30
N GLU C 223 36.61 31.83 -11.31
CA GLU C 223 36.84 30.39 -11.14
C GLU C 223 37.63 29.86 -12.33
N PHE C 224 37.36 30.43 -13.50
CA PHE C 224 38.10 30.05 -14.71
C PHE C 224 39.53 30.54 -14.63
N LYS C 225 39.71 31.77 -14.14
CA LYS C 225 41.05 32.29 -13.92
C LYS C 225 41.85 31.38 -12.99
N HIS C 226 41.25 30.97 -11.88
CA HIS C 226 41.93 30.09 -10.95
C HIS C 226 42.26 28.74 -11.59
N ALA C 227 41.30 28.21 -12.35
CA ALA C 227 41.51 26.91 -12.99
C ALA C 227 42.72 26.98 -13.91
N ILE C 228 42.78 28.01 -14.74
CA ILE C 228 43.87 28.14 -15.70
C ILE C 228 45.19 28.37 -14.99
N LYS C 229 45.16 29.23 -13.98
CA LYS C 229 46.36 29.49 -13.21
C LYS C 229 46.90 28.22 -12.56
N GLU C 230 46.02 27.40 -11.98
CA GLU C 230 46.43 26.13 -11.40
C GLU C 230 46.97 25.19 -12.46
N LEU C 231 46.25 25.08 -13.57
CA LEU C 231 46.65 24.19 -14.65
C LEU C 231 48.01 24.60 -15.21
N SER C 232 48.27 25.90 -15.26
CA SER C 232 49.56 26.41 -15.71
C SER C 232 50.67 25.89 -14.81
N LYS C 233 50.40 25.91 -13.51
CA LYS C 233 51.35 25.43 -12.50
C LYS C 233 51.54 23.93 -12.63
N TRP C 234 50.44 23.19 -12.76
CA TRP C 234 50.53 21.74 -12.86
C TRP C 234 51.25 21.32 -14.15
N TYR C 235 51.00 22.07 -15.23
CA TYR C 235 51.67 21.85 -16.51
C TYR C 235 53.19 22.01 -16.36
N LYS C 236 53.60 23.11 -15.76
CA LYS C 236 55.00 23.40 -15.51
C LYS C 236 55.66 22.28 -14.72
N GLU C 237 54.93 21.70 -13.77
CA GLU C 237 55.47 20.67 -12.88
C GLU C 237 55.33 19.25 -13.43
N GLY C 238 54.86 19.13 -14.67
CA GLY C 238 54.74 17.82 -15.31
C GLY C 238 53.63 16.95 -14.77
N LEU C 239 52.62 17.57 -14.15
CA LEU C 239 51.53 16.80 -13.57
C LEU C 239 50.39 16.58 -14.56
N ILE C 240 50.24 17.47 -15.53
CA ILE C 240 49.32 17.19 -16.63
C ILE C 240 50.13 17.01 -17.91
N ASP C 241 49.63 16.13 -18.76
CA ASP C 241 50.24 15.78 -20.04
C ASP C 241 50.77 17.00 -20.80
N GLU C 242 52.07 17.01 -21.11
CA GLU C 242 52.64 18.11 -21.87
C GLU C 242 51.94 18.25 -23.24
N GLU C 243 51.37 17.16 -23.72
CA GLU C 243 50.70 17.15 -25.02
C GLU C 243 49.17 17.26 -24.91
N ILE C 244 48.66 17.83 -23.82
CA ILE C 244 47.20 17.96 -23.65
C ILE C 244 46.51 18.48 -24.90
N PHE C 245 47.07 19.51 -25.55
CA PHE C 245 46.38 20.12 -26.66
C PHE C 245 46.64 19.45 -28.02
N THR C 246 47.61 18.54 -28.08
CA THR C 246 47.97 17.97 -29.38
C THR C 246 47.85 16.46 -29.49
N ARG C 247 47.79 15.74 -28.36
CA ARG C 247 47.87 14.28 -28.44
C ARG C 247 46.69 13.65 -29.17
N GLY C 248 45.51 14.25 -29.06
CA GLY C 248 44.37 13.80 -29.84
C GLY C 248 43.63 12.59 -29.29
N LEU C 249 42.75 12.00 -30.09
CA LEU C 249 41.82 11.00 -29.57
C LEU C 249 42.48 9.66 -29.20
N GLU C 250 43.72 9.44 -29.61
CA GLU C 250 44.43 8.22 -29.22
C GLU C 250 45.12 8.33 -27.86
N SER C 251 44.99 9.49 -27.23
CA SER C 251 45.71 9.77 -25.99
C SER C 251 45.54 8.70 -24.92
N ARG C 252 44.28 8.39 -24.60
CA ARG C 252 43.95 7.45 -23.54
C ARG C 252 44.46 6.05 -23.88
N ASP C 253 44.19 5.58 -25.10
CA ASP C 253 44.68 4.27 -25.54
C ASP C 253 46.18 4.14 -25.34
N TYR C 254 46.92 5.14 -25.80
CA TYR C 254 48.37 5.11 -25.73
C TYR C 254 48.89 5.19 -24.29
N LEU C 255 48.40 6.16 -23.53
CA LEU C 255 48.97 6.43 -22.22
C LEU C 255 48.64 5.31 -21.25
N LEU C 256 47.47 4.70 -21.42
CA LEU C 256 47.10 3.60 -20.54
C LEU C 256 47.78 2.30 -20.94
N SER C 257 47.80 1.98 -22.23
CA SER C 257 48.36 0.70 -22.65
C SER C 257 49.88 0.63 -22.42
N ASN C 258 50.54 1.78 -22.41
CA ASN C 258 51.99 1.83 -22.14
C ASN C 258 52.33 2.11 -20.68
N ASN C 259 51.32 2.07 -19.81
CA ASN C 259 51.48 2.25 -18.38
C ASN C 259 52.11 3.59 -18.02
N LEU C 260 51.66 4.64 -18.70
CA LEU C 260 52.16 5.98 -18.44
C LEU C 260 51.14 6.85 -17.68
N GLY C 261 49.86 6.64 -17.93
CA GLY C 261 48.81 7.52 -17.42
C GLY C 261 48.29 7.15 -16.02
N GLY C 262 48.14 8.16 -15.17
CA GLY C 262 47.72 7.94 -13.79
C GLY C 262 46.29 8.33 -13.43
N ALA C 263 45.67 9.19 -14.24
CA ALA C 263 44.36 9.75 -13.91
C ALA C 263 43.78 10.49 -15.10
N THR C 264 42.46 10.53 -15.17
CA THR C 264 41.82 11.27 -16.24
C THR C 264 40.41 11.70 -15.87
N ASP C 265 39.76 12.38 -16.80
CA ASP C 265 38.39 12.83 -16.71
C ASP C 265 37.79 12.50 -18.08
N ASP C 266 36.95 11.47 -18.15
CA ASP C 266 36.52 10.96 -19.46
C ASP C 266 35.24 10.15 -19.33
N TRP C 267 34.64 9.81 -20.46
CA TRP C 267 33.37 9.10 -20.48
C TRP C 267 33.43 7.79 -19.69
N ILE C 268 32.41 7.54 -18.89
CA ILE C 268 32.50 6.47 -17.89
C ILE C 268 32.62 5.07 -18.51
N ALA C 269 31.78 4.74 -19.48
CA ALA C 269 31.80 3.37 -20.02
C ALA C 269 33.09 3.04 -20.78
N SER C 270 33.50 3.88 -21.72
CA SER C 270 34.71 3.53 -22.47
C SER C 270 35.96 3.60 -21.58
N THR C 271 36.00 4.52 -20.62
CA THR C 271 37.18 4.60 -19.76
C THR C 271 37.24 3.38 -18.83
N SER C 272 36.08 2.85 -18.46
CA SER C 272 35.99 1.65 -17.60
C SER C 272 36.41 0.35 -18.31
N SER C 273 36.49 0.42 -19.64
CA SER C 273 36.76 -0.78 -20.45
C SER C 273 38.20 -1.24 -20.33
N TYR C 274 39.08 -0.36 -19.86
CA TYR C 274 40.52 -0.66 -19.84
C TYR C 274 40.94 -1.70 -18.81
N ASN C 275 40.22 -1.81 -17.69
CA ASN C 275 40.60 -2.77 -16.67
C ASN C 275 40.62 -4.18 -17.21
N ARG C 276 39.56 -4.56 -17.89
CA ARG C 276 39.52 -5.86 -18.56
C ARG C 276 40.55 -5.91 -19.69
N ASN C 277 40.59 -4.90 -20.52
CA ASN C 277 41.45 -4.87 -21.70
C ASN C 277 42.93 -5.05 -21.38
N LEU C 278 43.38 -4.47 -20.27
CA LEU C 278 44.81 -4.44 -19.96
C LEU C 278 45.22 -5.38 -18.81
N ALA C 279 44.29 -6.22 -18.37
CA ALA C 279 44.51 -7.09 -17.20
C ALA C 279 45.75 -7.96 -17.31
N ASP C 280 46.03 -8.45 -18.51
CA ASP C 280 47.20 -9.29 -18.76
C ASP C 280 48.45 -8.47 -19.09
N LYS C 281 48.27 -7.42 -19.88
CA LYS C 281 49.39 -6.62 -20.35
C LYS C 281 50.06 -5.88 -19.19
N ILE C 282 49.25 -5.39 -18.26
CA ILE C 282 49.72 -4.68 -17.08
C ILE C 282 49.10 -5.29 -15.83
N PRO C 283 49.77 -6.31 -15.27
CA PRO C 283 49.24 -6.99 -14.08
C PRO C 283 48.90 -6.02 -12.98
N GLY C 284 47.68 -6.10 -12.46
CA GLY C 284 47.25 -5.24 -11.37
C GLY C 284 46.59 -3.95 -11.81
N PHE C 285 46.58 -3.69 -13.11
CA PHE C 285 45.98 -2.46 -13.65
C PHE C 285 44.58 -2.22 -13.11
N ASN C 286 44.39 -1.06 -12.49
CA ASN C 286 43.07 -0.73 -11.93
C ASN C 286 42.80 0.76 -12.03
N LEU C 287 42.18 1.16 -13.14
CA LEU C 287 41.76 2.55 -13.34
C LEU C 287 40.33 2.68 -12.84
N LYS C 288 40.16 3.37 -11.72
CA LYS C 288 38.95 3.30 -10.92
C LYS C 288 38.19 4.61 -10.91
N LEU C 289 36.87 4.54 -11.05
CA LEU C 289 36.01 5.71 -10.97
C LEU C 289 35.94 6.24 -9.55
N VAL C 290 36.11 7.55 -9.40
CA VAL C 290 35.95 8.23 -8.12
C VAL C 290 34.98 9.39 -8.27
N LEU C 291 34.35 9.81 -7.17
CA LEU C 291 33.49 10.99 -7.22
C LEU C 291 34.34 12.22 -7.52
N PRO C 292 33.74 13.27 -8.13
CA PRO C 292 34.52 14.49 -8.40
C PRO C 292 35.25 14.97 -7.16
N TYR C 293 36.50 15.39 -7.31
CA TYR C 293 37.25 15.84 -6.15
C TYR C 293 36.58 17.09 -5.59
N GLU C 294 36.54 17.20 -4.27
CA GLU C 294 35.90 18.36 -3.65
C GLU C 294 36.85 19.55 -3.62
N LEU C 295 36.28 20.72 -3.86
CA LEU C 295 37.05 21.95 -3.73
C LEU C 295 36.32 22.82 -2.70
N ASN C 296 36.90 22.94 -1.51
CA ASN C 296 36.27 23.67 -0.42
C ASN C 296 34.80 23.30 -0.23
N GLY C 297 34.55 21.98 -0.25
CA GLY C 297 33.20 21.48 -0.01
C GLY C 297 32.30 21.32 -1.23
N ASN C 298 32.74 21.84 -2.36
CA ASN C 298 31.98 21.72 -3.61
C ASN C 298 32.23 20.35 -4.24
N ALA C 299 31.20 19.51 -4.27
CA ALA C 299 31.34 18.13 -4.73
C ALA C 299 30.81 17.93 -6.15
N LYS C 300 30.41 19.02 -6.81
CA LYS C 300 29.67 18.90 -8.07
C LYS C 300 30.57 18.84 -9.29
N THR C 301 30.09 18.16 -10.33
CA THR C 301 30.72 18.23 -11.66
C THR C 301 29.68 18.77 -12.64
N ARG C 302 30.14 19.51 -13.63
CA ARG C 302 29.24 19.99 -14.68
C ARG C 302 29.24 19.06 -15.91
N HIS C 303 29.92 17.93 -15.80
CA HIS C 303 29.86 16.90 -16.83
C HIS C 303 28.53 16.18 -16.77
N ALA C 304 27.70 16.40 -17.79
CA ALA C 304 26.44 15.68 -17.89
C ALA C 304 26.17 15.45 -19.35
N ARG C 305 25.48 14.36 -19.65
CA ARG C 305 25.04 14.10 -21.00
C ARG C 305 23.99 15.12 -21.37
N THR C 306 24.02 15.61 -22.61
CA THR C 306 22.94 16.44 -23.11
C THR C 306 21.85 15.55 -23.70
N THR C 307 20.70 16.14 -24.03
CA THR C 307 19.64 15.36 -24.66
C THR C 307 20.03 15.03 -26.10
N TYR C 308 20.84 15.88 -26.69
CA TYR C 308 21.26 15.64 -28.08
C TYR C 308 22.60 16.28 -28.37
N LEU C 309 23.16 15.93 -29.51
CA LEU C 309 24.38 16.56 -30.00
C LEU C 309 24.26 16.69 -31.50
N GLY C 310 24.28 17.93 -31.99
CA GLY C 310 24.23 18.15 -33.42
C GLY C 310 22.94 17.69 -34.07
N GLY C 311 22.95 17.55 -35.39
CA GLY C 311 21.77 17.07 -36.11
C GLY C 311 21.97 17.16 -37.61
N TRP C 312 20.92 16.83 -38.37
CA TRP C 312 20.98 17.03 -39.82
CA TRP C 312 20.99 17.06 -39.82
C TRP C 312 19.66 17.53 -40.38
N GLY C 313 19.73 18.21 -41.52
CA GLY C 313 18.54 18.75 -42.15
C GLY C 313 18.65 18.59 -43.66
N ILE C 314 17.59 19.01 -44.33
CA ILE C 314 17.48 18.91 -45.77
C ILE C 314 17.60 20.30 -46.40
N SER C 315 18.50 20.46 -47.36
CA SER C 315 18.73 21.79 -47.93
C SER C 315 17.66 22.17 -48.97
N LYS C 316 17.57 23.47 -49.24
CA LYS C 316 16.70 24.00 -50.28
C LYS C 316 17.11 23.48 -51.65
N ASP C 317 18.32 22.96 -51.77
CA ASP C 317 18.81 22.51 -53.06
C ASP C 317 18.48 21.06 -53.34
N ALA C 318 17.99 20.34 -52.33
CA ALA C 318 17.62 18.96 -52.51
C ALA C 318 16.42 18.87 -53.45
N LYS C 319 16.52 18.02 -54.47
CA LYS C 319 15.46 17.90 -55.46
C LYS C 319 14.26 17.07 -54.97
N ASP C 320 14.52 16.12 -54.07
CA ASP C 320 13.45 15.21 -53.62
C ASP C 320 13.40 15.15 -52.10
N PRO C 321 12.89 16.22 -51.47
CA PRO C 321 12.83 16.24 -50.00
C PRO C 321 11.92 15.17 -49.40
N VAL C 322 10.89 14.75 -50.12
CA VAL C 322 10.03 13.70 -49.58
C VAL C 322 10.83 12.41 -49.41
N SER C 323 11.62 12.06 -50.41
CA SER C 323 12.47 10.87 -50.30
C SER C 323 13.45 10.99 -49.13
N LEU C 324 13.94 12.20 -48.89
CA LEU C 324 14.94 12.38 -47.83
C LEU C 324 14.33 12.35 -46.43
N ILE C 325 13.10 12.86 -46.26
CA ILE C 325 12.49 12.74 -44.93
C ILE C 325 12.19 11.25 -44.65
N LYS C 326 11.92 10.48 -45.69
CA LYS C 326 11.71 9.04 -45.51
C LYS C 326 13.01 8.37 -45.11
N TYR C 327 14.12 8.89 -45.62
CA TYR C 327 15.44 8.42 -45.23
C TYR C 327 15.71 8.75 -43.76
N PHE C 328 15.43 10.00 -43.36
CA PHE C 328 15.55 10.38 -41.95
C PHE C 328 14.70 9.45 -41.10
N ASP C 329 13.52 9.12 -41.59
CA ASP C 329 12.61 8.30 -40.81
C ASP C 329 13.08 6.86 -40.67
N TYR C 330 13.81 6.36 -41.65
CA TYR C 330 14.34 5.00 -41.59
C TYR C 330 15.17 4.77 -40.34
N TRP C 331 15.91 5.80 -39.94
CA TRP C 331 16.80 5.66 -38.80
C TRP C 331 16.01 5.57 -37.49
N TYR C 332 14.71 5.84 -37.53
CA TYR C 332 13.85 5.76 -36.36
C TYR C 332 12.96 4.51 -36.39
N SER C 333 13.11 3.70 -37.44
CA SER C 333 12.47 2.38 -37.47
C SER C 333 13.20 1.45 -36.50
N VAL C 334 12.57 0.33 -36.14
CA VAL C 334 13.22 -0.62 -35.26
C VAL C 334 14.56 -1.07 -35.86
N GLU C 335 14.55 -1.46 -37.13
CA GLU C 335 15.75 -1.95 -37.78
C GLU C 335 16.79 -0.85 -37.99
N GLY C 336 16.34 0.32 -38.40
CA GLY C 336 17.27 1.41 -38.68
C GLY C 336 17.97 1.92 -37.43
N ARG C 337 17.21 2.06 -36.35
CA ARG C 337 17.80 2.51 -35.09
C ARG C 337 18.76 1.46 -34.55
N ARG C 338 18.39 0.18 -34.68
CA ARG C 338 19.27 -0.88 -34.26
C ARG C 338 20.56 -0.87 -35.08
N LEU C 339 20.42 -0.64 -36.38
CA LEU C 339 21.58 -0.57 -37.27
C LEU C 339 22.53 0.53 -36.83
N TRP C 340 21.99 1.73 -36.64
CA TRP C 340 22.81 2.87 -36.25
C TRP C 340 23.54 2.58 -34.94
N ASN C 341 22.84 1.96 -34.01
CA ASN C 341 23.42 1.75 -32.68
C ASN C 341 24.39 0.58 -32.53
N PHE C 342 24.07 -0.53 -33.19
CA PHE C 342 24.74 -1.80 -32.90
C PHE C 342 25.64 -2.33 -34.02
N GLY C 343 25.54 -1.76 -35.22
CA GLY C 343 26.30 -2.27 -36.35
C GLY C 343 25.54 -3.35 -37.11
N ILE C 344 26.26 -4.36 -37.57
CA ILE C 344 25.71 -5.36 -38.49
C ILE C 344 25.45 -6.70 -37.81
N GLU C 345 24.24 -7.22 -37.96
CA GLU C 345 23.90 -8.53 -37.42
C GLU C 345 24.79 -9.61 -38.06
N GLY C 346 25.34 -10.49 -37.23
CA GLY C 346 26.27 -11.51 -37.70
C GLY C 346 27.71 -11.08 -37.71
N SER C 347 27.96 -9.81 -37.42
CA SER C 347 29.31 -9.26 -37.39
C SER C 347 29.62 -8.63 -36.03
N GLU C 348 28.91 -7.55 -35.72
CA GLU C 348 29.11 -6.84 -34.45
C GLU C 348 28.22 -7.40 -33.33
N TYR C 349 27.09 -7.96 -33.71
CA TYR C 349 26.16 -8.51 -32.73
C TYR C 349 25.40 -9.69 -33.32
N THR C 350 24.80 -10.48 -32.45
CA THR C 350 23.81 -11.45 -32.88
C THR C 350 22.57 -11.24 -32.03
N LEU C 351 21.43 -11.68 -32.53
CA LEU C 351 20.21 -11.59 -31.76
C LEU C 351 20.12 -12.81 -30.86
N VAL C 352 19.98 -12.59 -29.56
CA VAL C 352 19.82 -13.68 -28.61
C VAL C 352 18.50 -13.46 -27.90
N ASP C 353 17.56 -14.36 -28.14
CA ASP C 353 16.21 -14.23 -27.65
C ASP C 353 15.59 -12.89 -28.05
N GLY C 354 15.93 -12.44 -29.25
CA GLY C 354 15.39 -11.21 -29.81
C GLY C 354 16.11 -9.94 -29.40
N LYS C 355 17.19 -10.07 -28.65
CA LYS C 355 17.94 -8.91 -28.16
C LYS C 355 19.37 -8.93 -28.69
N PRO C 356 19.86 -7.78 -29.17
CA PRO C 356 21.22 -7.79 -29.71
C PRO C 356 22.26 -8.07 -28.62
N VAL C 357 23.20 -8.93 -28.93
CA VAL C 357 24.32 -9.23 -28.03
C VAL C 357 25.61 -9.12 -28.82
N PHE C 358 26.54 -8.29 -28.35
CA PHE C 358 27.75 -8.06 -29.13
C PHE C 358 28.60 -9.30 -29.20
N THR C 359 29.36 -9.39 -30.29
CA THR C 359 30.25 -10.52 -30.54
C THR C 359 31.64 -10.27 -29.97
N ASP C 360 32.50 -11.27 -30.09
CA ASP C 360 33.87 -11.16 -29.61
C ASP C 360 34.63 -10.07 -30.37
N LYS C 361 34.24 -9.83 -31.62
CA LYS C 361 34.86 -8.79 -32.44
C LYS C 361 34.81 -7.42 -31.73
N VAL C 362 33.68 -7.18 -31.08
CA VAL C 362 33.42 -5.95 -30.37
C VAL C 362 33.88 -6.00 -28.90
N LEU C 363 33.51 -7.07 -28.19
CA LEU C 363 33.74 -7.16 -26.74
C LEU C 363 35.16 -7.59 -26.37
N LYS C 364 35.83 -8.30 -27.27
CA LYS C 364 37.17 -8.82 -27.01
C LYS C 364 38.09 -8.57 -28.20
N ASN C 365 38.20 -7.32 -28.62
CA ASN C 365 39.01 -6.99 -29.78
C ASN C 365 40.48 -7.38 -29.56
N PRO C 366 41.02 -8.20 -30.47
CA PRO C 366 42.38 -8.73 -30.39
C PRO C 366 43.46 -7.66 -30.48
N ASP C 367 43.09 -6.47 -30.94
CA ASP C 367 44.07 -5.39 -31.06
C ASP C 367 43.93 -4.40 -29.88
N GLY C 368 43.14 -4.79 -28.88
CA GLY C 368 42.99 -3.99 -27.68
C GLY C 368 42.12 -2.77 -27.82
N LYS C 369 41.43 -2.67 -28.95
CA LYS C 369 40.50 -1.57 -29.20
C LYS C 369 39.32 -1.61 -28.22
N THR C 370 38.84 -0.44 -27.81
CA THR C 370 37.63 -0.40 -26.99
C THR C 370 36.46 -0.90 -27.83
N PRO C 371 35.42 -1.45 -27.18
CA PRO C 371 34.22 -1.89 -27.91
C PRO C 371 33.62 -0.77 -28.76
N LEU C 372 33.62 0.45 -28.23
CA LEU C 372 33.04 1.57 -28.95
C LEU C 372 33.89 1.92 -30.17
N ALA C 373 35.21 1.79 -30.03
CA ALA C 373 36.10 2.05 -31.14
C ALA C 373 35.81 1.08 -32.28
N VAL C 374 35.57 -0.18 -31.93
CA VAL C 374 35.24 -1.19 -32.93
C VAL C 374 33.92 -0.82 -33.63
N LEU C 375 32.92 -0.44 -32.84
CA LEU C 375 31.63 -0.05 -33.40
C LEU C 375 31.76 1.17 -34.32
N ARG C 376 32.58 2.16 -33.94
CA ARG C 376 32.74 3.34 -34.80
C ARG C 376 33.40 2.96 -36.12
N GLU C 377 34.27 1.96 -36.09
CA GLU C 377 34.97 1.53 -37.30
C GLU C 377 34.04 0.94 -38.38
N VAL C 378 32.88 0.43 -37.99
CA VAL C 378 31.96 -0.10 -38.99
C VAL C 378 30.88 0.92 -39.32
N GLY C 379 30.96 2.08 -38.69
CA GLY C 379 30.00 3.14 -38.96
C GLY C 379 28.86 3.26 -37.98
N ALA C 380 28.87 2.46 -36.91
CA ALA C 380 27.86 2.60 -35.88
C ALA C 380 28.19 3.82 -35.02
N GLN C 381 27.16 4.38 -34.37
CA GLN C 381 27.31 5.55 -33.51
C GLN C 381 27.84 6.80 -34.23
N TYR C 382 27.68 6.84 -35.55
CA TYR C 382 28.17 7.98 -36.32
C TYR C 382 27.16 9.11 -36.23
N ARG C 383 27.53 10.17 -35.51
CA ARG C 383 26.62 11.27 -35.23
C ARG C 383 26.01 11.87 -36.50
N LEU C 384 24.69 11.75 -36.61
CA LEU C 384 23.93 12.31 -37.71
C LEU C 384 22.71 12.98 -37.12
N GLY C 385 21.55 12.33 -37.25
CA GLY C 385 20.33 12.77 -36.60
C GLY C 385 19.53 11.58 -36.13
N ALA C 386 20.22 10.63 -35.50
CA ALA C 386 19.59 9.38 -35.06
C ALA C 386 19.30 9.42 -33.57
N PHE C 387 18.72 8.35 -33.05
CA PHE C 387 18.33 8.26 -31.64
C PHE C 387 19.11 7.13 -31.00
N GLN C 388 20.07 7.48 -30.14
CA GLN C 388 20.87 6.49 -29.47
C GLN C 388 19.97 5.60 -28.60
N ASP C 389 20.39 4.34 -28.46
CA ASP C 389 19.69 3.33 -27.65
C ASP C 389 20.64 2.89 -26.55
N ALA C 390 20.29 3.19 -25.30
CA ALA C 390 21.16 2.88 -24.17
C ALA C 390 21.44 1.38 -24.06
N GLN C 391 20.58 0.54 -24.65
CA GLN C 391 20.88 -0.89 -24.67
C GLN C 391 22.18 -1.19 -25.40
N TYR C 392 22.56 -0.35 -26.38
CA TYR C 392 23.82 -0.54 -27.08
C TYR C 392 24.97 -0.31 -26.08
N GLU C 393 24.83 0.71 -25.24
CA GLU C 393 25.90 1.08 -24.33
C GLU C 393 26.00 0.04 -23.21
N LEU C 394 24.85 -0.31 -22.67
CA LEU C 394 24.80 -1.32 -21.60
C LEU C 394 25.31 -2.67 -22.11
N GLY C 395 25.23 -2.86 -23.43
CA GLY C 395 25.68 -4.09 -24.05
C GLY C 395 27.18 -4.33 -24.05
N TRP C 396 27.98 -3.28 -23.93
CA TRP C 396 29.42 -3.47 -23.84
C TRP C 396 30.02 -2.87 -22.57
N ALA C 397 29.25 -2.03 -21.88
CA ALA C 397 29.71 -1.40 -20.64
C ALA C 397 30.01 -2.49 -19.62
N SER C 398 31.13 -2.33 -18.90
CA SER C 398 31.52 -3.27 -17.85
C SER C 398 30.57 -3.16 -16.65
N GLU C 399 30.61 -4.12 -15.75
CA GLU C 399 29.79 -4.00 -14.56
C GLU C 399 30.20 -2.77 -13.74
N SER C 400 31.50 -2.48 -13.73
CA SER C 400 32.01 -1.34 -12.97
C SER C 400 31.48 -0.04 -13.57
N ALA C 401 31.37 -0.01 -14.90
CA ALA C 401 30.78 1.15 -15.59
C ALA C 401 29.31 1.32 -15.20
N LYS C 402 28.55 0.23 -15.21
CA LYS C 402 27.14 0.30 -14.88
C LYS C 402 26.95 0.74 -13.44
N ALA C 403 27.78 0.22 -12.53
CA ALA C 403 27.76 0.65 -11.14
C ALA C 403 28.16 2.11 -11.07
N GLY C 404 29.06 2.49 -11.97
CA GLY C 404 29.54 3.87 -12.04
C GLY C 404 28.47 4.91 -12.33
N TYR C 405 27.62 4.63 -13.32
CA TYR C 405 26.47 5.50 -13.61
C TYR C 405 25.68 5.77 -12.34
N LYS C 406 25.39 4.70 -11.62
CA LYS C 406 24.57 4.77 -10.43
C LYS C 406 25.28 5.49 -9.30
N TYR C 407 26.58 5.26 -9.18
CA TYR C 407 27.43 5.93 -8.20
C TYR C 407 27.30 7.44 -8.33
N TYR C 408 27.44 7.92 -9.55
CA TYR C 408 27.36 9.36 -9.77
C TYR C 408 25.96 9.87 -9.50
N MET C 409 24.94 9.14 -9.94
CA MET C 409 23.58 9.60 -9.73
C MET C 409 23.16 9.53 -8.27
N ASP C 410 23.50 8.42 -7.60
CA ASP C 410 23.17 8.22 -6.18
C ASP C 410 23.72 9.33 -5.31
N ASN C 411 24.90 9.82 -5.66
CA ASN C 411 25.57 10.83 -4.84
C ASN C 411 25.29 12.26 -5.27
N ASP C 412 24.43 12.40 -6.29
CA ASP C 412 23.91 13.68 -6.75
C ASP C 412 25.01 14.68 -7.09
N VAL C 413 26.07 14.21 -7.73
CA VAL C 413 27.21 15.10 -7.99
C VAL C 413 27.11 15.78 -9.34
N VAL C 414 26.18 15.33 -10.18
CA VAL C 414 26.10 15.84 -11.55
C VAL C 414 25.13 17.01 -11.68
N LEU C 415 25.60 18.10 -12.29
CA LEU C 415 24.74 19.22 -12.63
C LEU C 415 24.36 19.13 -14.10
N ASP C 416 23.06 19.25 -14.38
CA ASP C 416 22.53 19.23 -15.73
C ASP C 416 23.17 20.32 -16.58
N GLU C 417 23.39 20.02 -17.86
CA GLU C 417 23.91 21.01 -18.80
C GLU C 417 22.89 22.08 -19.13
N LEU C 418 23.36 23.29 -19.36
CA LEU C 418 22.49 24.37 -19.79
C LEU C 418 21.97 24.02 -21.17
N PRO C 419 20.65 23.90 -21.30
CA PRO C 419 20.04 23.54 -22.58
C PRO C 419 20.26 24.60 -23.63
N ILE C 420 20.10 24.22 -24.90
CA ILE C 420 20.24 25.14 -26.00
C ILE C 420 19.30 26.32 -25.86
N LEU C 421 19.89 27.52 -25.83
CA LEU C 421 19.07 28.69 -25.88
C LEU C 421 18.83 29.01 -27.34
N LYS C 422 17.63 29.46 -27.65
CA LYS C 422 17.28 29.78 -29.02
C LYS C 422 16.81 31.24 -29.08
N TYR C 423 17.21 31.93 -30.14
CA TYR C 423 17.05 33.37 -30.23
C TYR C 423 16.33 33.71 -31.51
N THR C 424 15.59 34.81 -31.51
CA THR C 424 14.92 35.28 -32.71
C THR C 424 15.96 35.57 -33.79
N LYS C 425 15.52 35.59 -35.05
CA LYS C 425 16.36 35.88 -36.22
C LYS C 425 17.46 36.87 -35.84
N GLU C 426 16.97 37.94 -35.24
CA GLU C 426 17.69 39.03 -34.60
C GLU C 426 19.05 38.64 -34.02
N LYS C 427 18.95 38.34 -32.74
CA LYS C 427 20.01 37.95 -31.82
C LYS C 427 20.76 36.67 -32.17
N SER C 428 20.07 35.68 -32.75
CA SER C 428 20.72 34.40 -33.01
C SER C 428 21.91 34.53 -33.96
N LYS C 429 21.76 35.31 -35.03
CA LYS C 429 22.91 35.54 -35.90
C LYS C 429 23.93 36.37 -35.12
N GLU C 430 23.45 37.30 -34.30
CA GLU C 430 24.37 38.16 -33.55
C GLU C 430 25.02 37.39 -32.39
N PHE C 431 24.22 36.62 -31.66
CA PHE C 431 24.78 35.85 -30.55
C PHE C 431 25.80 34.83 -31.03
N VAL C 432 25.42 34.06 -32.05
CA VAL C 432 26.29 33.01 -32.56
C VAL C 432 27.57 33.66 -33.05
N SER C 433 27.43 34.86 -33.61
CA SER C 433 28.59 35.63 -34.03
C SER C 433 29.49 35.97 -32.85
N ILE C 434 28.89 36.53 -31.80
CA ILE C 434 29.66 36.94 -30.62
C ILE C 434 30.26 35.71 -29.93
N ASP C 435 29.43 34.70 -29.74
CA ASP C 435 29.85 33.46 -29.08
C ASP C 435 31.04 32.83 -29.81
N THR C 436 30.98 32.79 -31.14
CA THR C 436 32.04 32.22 -31.95
C THR C 436 33.32 33.06 -31.83
N ALA C 437 33.17 34.38 -31.85
CA ALA C 437 34.31 35.28 -31.73
C ALA C 437 34.99 35.16 -30.36
N MET C 438 34.18 35.09 -29.31
CA MET C 438 34.73 34.95 -27.96
C MET C 438 35.43 33.60 -27.82
N ARG C 439 34.84 32.56 -28.40
CA ARG C 439 35.42 31.22 -28.34
C ARG C 439 36.86 31.25 -28.82
N ALA C 440 37.11 31.94 -29.92
CA ALA C 440 38.46 32.04 -30.48
C ALA C 440 39.43 32.67 -29.48
N VAL C 441 39.01 33.74 -28.83
CA VAL C 441 39.86 34.43 -27.86
C VAL C 441 40.17 33.55 -26.64
N VAL C 442 39.14 32.94 -26.08
CA VAL C 442 39.33 32.06 -24.94
C VAL C 442 40.29 30.91 -25.24
N GLU C 443 40.12 30.27 -26.39
CA GLU C 443 40.95 29.13 -26.72
C GLU C 443 42.40 29.56 -27.01
N GLU C 444 42.57 30.77 -27.54
CA GLU C 444 43.91 31.31 -27.75
C GLU C 444 44.62 31.56 -26.42
N LYS C 445 44.00 32.36 -25.56
CA LYS C 445 44.63 32.74 -24.31
C LYS C 445 44.77 31.57 -23.34
N ALA C 446 43.77 30.70 -23.27
CA ALA C 446 43.85 29.58 -22.33
C ALA C 446 45.02 28.68 -22.64
N GLN C 447 45.27 28.42 -23.94
CA GLN C 447 46.44 27.63 -24.31
C GLN C 447 47.72 28.34 -23.89
N GLN C 448 47.83 29.62 -24.23
CA GLN C 448 49.06 30.35 -23.93
C GLN C 448 49.32 30.33 -22.42
N TRP C 449 48.26 30.56 -21.64
CA TRP C 449 48.41 30.63 -20.19
C TRP C 449 48.81 29.28 -19.58
N ILE C 450 48.15 28.21 -20.01
CA ILE C 450 48.47 26.89 -19.47
C ILE C 450 49.89 26.47 -19.88
N LEU C 451 50.24 26.76 -21.13
CA LEU C 451 51.52 26.34 -21.69
C LEU C 451 52.68 27.23 -21.25
N GLY C 452 52.35 28.38 -20.67
CA GLY C 452 53.37 29.24 -20.11
C GLY C 452 53.91 30.23 -21.11
N SER C 453 53.28 30.30 -22.27
CA SER C 453 53.75 31.24 -23.27
C SER C 453 53.12 32.60 -23.00
N GLY C 454 52.21 32.63 -22.03
CA GLY C 454 51.56 33.86 -21.57
C GLY C 454 51.38 33.82 -20.05
N ASP C 455 51.20 34.98 -19.41
CA ASP C 455 51.08 35.07 -17.94
C ASP C 455 49.69 35.56 -17.53
N ILE C 456 48.86 34.67 -16.97
CA ILE C 456 47.45 35.02 -16.76
C ILE C 456 47.23 36.17 -15.75
N ASP C 457 48.06 36.26 -14.72
CA ASP C 457 47.89 37.32 -13.73
C ASP C 457 48.06 38.68 -14.40
N LYS C 458 49.04 38.77 -15.29
CA LYS C 458 49.29 40.01 -16.04
C LYS C 458 48.29 40.27 -17.17
N GLU C 459 47.78 39.21 -17.80
CA GLU C 459 47.05 39.36 -19.05
C GLU C 459 45.54 39.26 -18.88
N TRP C 460 45.09 38.83 -17.70
CA TRP C 460 43.66 38.58 -17.44
C TRP C 460 42.81 39.82 -17.72
N ASP C 461 43.23 40.95 -17.17
CA ASP C 461 42.43 42.16 -17.30
C ASP C 461 42.25 42.57 -18.78
N ALA C 462 43.31 42.49 -19.57
CA ALA C 462 43.24 42.84 -20.99
C ALA C 462 42.36 41.87 -21.76
N TYR C 463 42.41 40.60 -21.36
CA TYR C 463 41.57 39.55 -21.93
C TYR C 463 40.08 39.82 -21.70
N ILE C 464 39.74 40.16 -20.46
CA ILE C 464 38.34 40.45 -20.12
C ILE C 464 37.87 41.66 -20.91
N LYS C 465 38.75 42.65 -21.02
CA LYS C 465 38.42 43.84 -21.81
C LYS C 465 38.19 43.46 -23.27
N ARG C 466 38.97 42.52 -23.79
CA ARG C 466 38.80 42.07 -25.17
C ARG C 466 37.47 41.33 -25.39
N LEU C 467 37.08 40.48 -24.44
CA LEU C 467 35.80 39.80 -24.56
C LEU C 467 34.65 40.80 -24.56
N GLU C 468 34.76 41.81 -23.71
CA GLU C 468 33.74 42.83 -23.62
C GLU C 468 33.65 43.60 -24.93
N ASN C 469 34.81 43.89 -25.52
CA ASN C 469 34.88 44.59 -26.80
C ASN C 469 34.26 43.77 -27.92
N LEU C 470 34.31 42.45 -27.79
CA LEU C 470 33.69 41.59 -28.79
C LEU C 470 32.18 41.45 -28.57
N GLY C 471 31.70 41.94 -27.43
CA GLY C 471 30.27 41.95 -27.15
C GLY C 471 29.77 41.06 -26.03
N LEU C 472 30.65 40.74 -25.08
CA LEU C 472 30.29 39.87 -23.96
C LEU C 472 29.01 40.31 -23.24
N SER C 473 28.91 41.60 -22.91
CA SER C 473 27.75 42.12 -22.21
C SER C 473 26.47 41.95 -23.02
N LYS C 474 26.58 42.18 -24.33
CA LYS C 474 25.46 42.04 -25.25
C LYS C 474 25.05 40.56 -25.33
N ALA C 475 26.02 39.67 -25.41
CA ALA C 475 25.75 38.24 -25.42
C ALA C 475 25.10 37.79 -24.11
N GLU C 476 25.61 38.30 -22.99
CA GLU C 476 25.03 38.00 -21.68
C GLU C 476 23.57 38.41 -21.60
N GLN C 477 23.26 39.57 -22.18
CA GLN C 477 21.89 40.05 -22.18
C GLN C 477 21.01 39.20 -23.09
N ILE C 478 21.53 38.83 -24.25
CA ILE C 478 20.79 37.98 -25.19
C ILE C 478 20.49 36.63 -24.53
N GLN C 479 21.49 36.09 -23.82
CA GLN C 479 21.34 34.78 -23.17
C GLN C 479 20.27 34.82 -22.10
N ASN C 480 20.28 35.87 -21.30
CA ASN C 480 19.35 35.98 -20.20
C ASN C 480 17.93 36.33 -20.64
N GLU C 481 17.82 36.83 -21.87
CA GLU C 481 16.52 37.09 -22.49
C GLU C 481 15.95 35.82 -23.12
N ALA C 482 16.84 34.95 -23.59
CA ALA C 482 16.42 33.68 -24.20
C ALA C 482 16.21 32.60 -23.15
C1 NGA D . -33.93 -17.99 27.00
C2 NGA D . -35.29 -18.19 26.31
C3 NGA D . -35.43 -17.30 25.10
C4 NGA D . -35.15 -15.86 25.50
C5 NGA D . -33.81 -15.77 26.24
C6 NGA D . -33.50 -14.35 26.69
C7 NGA D . -36.45 -20.31 26.48
C8 NGA D . -36.43 -21.76 26.06
N2 NGA D . -35.48 -19.59 25.94
O1 NGA D . -33.88 -18.78 28.16
O3 NGA D . -36.77 -17.43 24.65
O4 NGA D . -36.19 -15.33 26.32
O5 NGA D . -33.79 -16.64 27.37
O6 NGA D . -32.22 -14.37 27.30
O7 NGA D . -37.31 -19.83 27.24
C1 GCD D . -36.84 -17.30 23.23
C2 GCD D . -38.03 -18.11 22.72
C3 GCD D . -38.15 -17.96 21.22
C4 GCD D . -38.06 -16.49 20.84
C5 GCD D . -37.54 -15.58 21.67
C6 GCD D . -37.49 -14.15 21.34
O2 GCD D . -37.85 -19.49 23.06
O3 GCD D . -39.44 -18.46 20.80
O5 GCD D . -37.00 -15.92 22.96
O6A GCD D . -37.78 -13.78 20.18
O6B GCD D . -37.16 -13.35 22.24
C1 NGA E . -0.87 5.88 1.55
C2 NGA E . -0.20 7.25 1.55
C3 NGA E . 1.17 7.19 2.20
C4 NGA E . 1.08 6.53 3.57
C5 NGA E . 0.35 5.20 3.50
C6 NGA E . 0.08 4.64 4.88
C7 NGA E . -0.76 8.78 -0.31
C8 NGA E . -1.54 9.54 0.68
N2 NGA E . -0.08 7.75 0.18
O1 NGA E . -2.20 6.03 1.14
O3 NGA E . 1.59 8.54 2.33
O4 NGA E . 0.38 7.37 4.47
O5 NGA E . -0.89 5.32 2.85
O6 NGA E . -0.58 3.41 4.69
O7 NGA E . -0.75 9.12 -1.51
C1 GCD E . 3.00 8.65 2.20
C2 GCD E . 3.29 10.03 1.62
C3 GCD E . 4.78 10.20 1.41
C4 GCD E . 5.48 9.85 2.71
C5 GCD E . 4.88 9.11 3.65
C6 GCD E . 5.54 8.74 4.90
O2 GCD E . 2.59 10.22 0.37
O3 GCD E . 5.03 11.58 1.10
O5 GCD E . 3.54 8.60 3.51
O6A GCD E . 4.83 8.23 5.80
O6B GCD E . 6.77 8.94 5.06
C1 NGA F . 31.21 12.74 -28.70
C2 NGA F . 30.58 11.35 -28.77
C3 NGA F . 30.83 10.58 -27.48
C4 NGA F . 32.33 10.58 -27.16
C5 NGA F . 32.88 11.99 -27.24
C6 NGA F . 34.40 11.99 -27.03
C7 NGA F . 28.58 10.91 -30.09
C8 NGA F . 27.12 11.17 -30.25
N2 NGA F . 29.15 11.45 -29.01
O1 NGA F . 30.97 13.38 -29.93
O3 NGA F . 30.34 9.29 -27.68
O4 NGA F . 33.01 9.73 -28.07
O5 NGA F . 32.59 12.59 -28.50
O6 NGA F . 34.89 13.29 -27.24
O7 NGA F . 29.20 10.22 -30.91
C1 GCD F . 29.88 8.72 -26.45
C2 GCD F . 28.76 7.73 -26.75
C3 GCD F . 28.25 7.09 -25.46
C4 GCD F . 29.43 6.62 -24.65
C5 GCD F . 30.67 7.06 -24.87
C6 GCD F . 31.80 6.56 -24.10
O2 GCD F . 27.65 8.38 -27.38
O3 GCD F . 27.38 6.00 -25.82
O5 GCD F . 30.99 8.06 -25.86
O6A GCD F . 31.61 5.83 -23.10
O6B GCD F . 32.93 6.89 -24.50
CA CA G . -30.67 13.08 23.56
O1 MES H . -7.19 -0.92 10.46
C2 MES H . -7.64 -1.83 11.45
C3 MES H . -8.76 -2.69 10.90
N4 MES H . -9.82 -1.83 10.39
C5 MES H . -9.41 -0.74 9.49
C6 MES H . -8.24 0.00 10.12
C7 MES H . -11.00 -2.55 9.94
C8 MES H . -11.73 -3.18 11.13
S MES H . -13.31 -3.56 10.70
O1S MES H . -14.03 -2.28 10.58
O2S MES H . -13.36 -4.27 9.41
O3S MES H . -13.90 -4.39 11.77
C1 EDO I . -17.29 -18.00 30.42
O1 EDO I . -18.03 -18.96 29.84
C2 EDO I . -18.10 -16.76 30.25
CA CA J . 9.12 -4.74 29.51
O1 MES K . 18.20 -19.74 6.30
C2 MES K . 18.90 -19.68 7.54
C3 MES K . 19.57 -21.02 7.83
N4 MES K . 18.52 -22.02 7.74
C5 MES K . 17.70 -22.12 6.55
C6 MES K . 17.15 -20.72 6.29
C7 MES K . 18.67 -23.20 8.60
C8 MES K . 18.22 -22.75 9.99
S MES K . 18.90 -23.78 11.11
O1S MES K . 17.91 -24.12 12.16
O2S MES K . 19.24 -25.01 10.38
O3S MES K . 20.10 -23.18 11.73
C1 EDO L . -8.26 14.98 7.53
O1 EDO L . -7.99 14.32 8.67
C2 EDO L . -8.31 14.12 6.28
O2 EDO L . -9.15 13.05 6.32
C1 EDO M . -0.21 2.06 -0.31
O1 EDO M . -1.10 3.06 -0.44
C2 EDO M . 0.85 2.63 0.52
O2 EDO M . 1.23 1.64 1.41
C1 EDO N . -4.04 -10.32 -1.78
O1 EDO N . -3.92 -9.52 -2.86
C2 EDO N . -3.66 -9.61 -0.48
O2 EDO N . -4.31 -8.44 -0.16
CA CA O . 58.57 5.56 -14.57
O1 MES P . 43.87 25.88 2.06
C2 MES P . 44.21 24.51 2.21
C3 MES P . 42.94 23.67 2.05
N4 MES P . 42.26 24.05 0.81
C5 MES P . 42.05 25.46 0.49
C6 MES P . 43.37 26.16 0.74
C7 MES P . 41.23 23.13 0.34
C8 MES P . 41.13 23.35 -1.17
S MES P . 40.45 21.97 -1.82
O1S MES P . 40.01 22.24 -3.20
O2S MES P . 39.33 21.58 -0.91
O3S MES P . 41.48 20.95 -1.97
#